data_3UKE
# 
_entry.id   3UKE 
# 
_audit_conform.dict_name       mmcif_pdbx.dic 
_audit_conform.dict_version    5.379 
_audit_conform.dict_location   http://mmcif.pdb.org/dictionaries/ascii/mmcif_pdbx.dic 
# 
loop_
_database_2.database_id 
_database_2.database_code 
_database_2.pdbx_database_accession 
_database_2.pdbx_DOI 
PDB   3UKE         pdb_00003uke 10.2210/pdb3uke/pdb 
NDB   NA1519       ?            ?                   
RCSB  RCSB068864   ?            ?                   
WWPDB D_1000068864 ?            ?                   
# 
loop_
_pdbx_database_related.db_name 
_pdbx_database_related.db_id 
_pdbx_database_related.details 
_pdbx_database_related.content_type 
PDB 3UKB . unspecified 
PDB 3UKC . unspecified 
# 
_pdbx_database_status.status_code                     REL 
_pdbx_database_status.entry_id                        3UKE 
_pdbx_database_status.recvd_initial_deposition_date   2011-11-09 
_pdbx_database_status.deposit_site                    RCSB 
_pdbx_database_status.process_site                    RCSB 
_pdbx_database_status.status_code_sf                  REL 
_pdbx_database_status.status_code_mr                  ? 
_pdbx_database_status.SG_entry                        ? 
_pdbx_database_status.status_code_cs                  ? 
_pdbx_database_status.methods_development_category    ? 
_pdbx_database_status.pdb_format_compatible           Y 
_pdbx_database_status.status_code_nmr_data            ? 
# 
loop_
_audit_author.name 
_audit_author.pdbx_ordinal 
'Pallan, P.S.' 1 
'Egli, M.'     2 
# 
_citation.id                        primary 
_citation.title                     
;Structure and nuclease resistance of 2',4'-constrained 2'-O-methoxyethyl (cMOE) and 2'-O-ethyl (cEt) modified DNAs.
;
_citation.journal_abbrev            'Chem.Commun.(Camb.)' 
_citation.journal_volume            48 
_citation.page_first                8195 
_citation.page_last                 8197 
_citation.year                      2012 
_citation.journal_id_ASTM           ? 
_citation.country                   UK 
_citation.journal_id_ISSN           1359-7345 
_citation.journal_id_CSD            ? 
_citation.book_publisher            ? 
_citation.pdbx_database_id_PubMed   22614180 
_citation.pdbx_database_id_DOI      10.1039/c2cc32286b 
# 
loop_
_citation_author.citation_id 
_citation_author.name 
_citation_author.ordinal 
_citation_author.identifier_ORCID 
primary 'Pallan, P.S.'   1 ? 
primary 'Allerson, C.R.' 2 ? 
primary 'Berdeja, A.'    3 ? 
primary 'Seth, P.P.'     4 ? 
primary 'Swayze, E.E.'   5 ? 
primary 'Prakash, T.P.'  6 ? 
primary 'Egli, M.'       7 ? 
# 
_cell.entry_id           3UKE 
_cell.length_a           24.492 
_cell.length_b           44.660 
_cell.length_c           46.596 
_cell.angle_alpha        90.00 
_cell.angle_beta         90.00 
_cell.angle_gamma        90.00 
_cell.Z_PDB              8 
_cell.pdbx_unique_axis   ? 
_cell.length_a_esd       ? 
_cell.length_b_esd       ? 
_cell.length_c_esd       ? 
_cell.angle_alpha_esd    ? 
_cell.angle_beta_esd     ? 
_cell.angle_gamma_esd    ? 
# 
_symmetry.entry_id                         3UKE 
_symmetry.space_group_name_H-M             'P 21 21 21' 
_symmetry.pdbx_full_space_group_name_H-M   ? 
_symmetry.cell_setting                     ? 
_symmetry.Int_Tables_number                19 
_symmetry.space_group_name_Hall            ? 
# 
loop_
_entity.id 
_entity.type 
_entity.src_method 
_entity.pdbx_description 
_entity.formula_weight 
_entity.pdbx_number_of_molecules 
_entity.pdbx_ec 
_entity.pdbx_mutation 
_entity.pdbx_fragment 
_entity.details 
1 polymer syn 
;DNA (5'-D(*GP*CP*GP*TP*AP*(CSM)P*AP*CP*GP*C)-3')
;
3103.042 2  ? ? ? ? 
2 water   nat water                                              18.015   53 ? ? ? ? 
# 
_entity_poly.entity_id                      1 
_entity_poly.type                           polydeoxyribonucleotide 
_entity_poly.nstd_linkage                   no 
_entity_poly.nstd_monomer                   yes 
_entity_poly.pdbx_seq_one_letter_code       '(DG)(DC)(DG)(DT)(DA)(CSM)(DA)(DC)(DG)(DC)' 
_entity_poly.pdbx_seq_one_letter_code_can   GCGTAXACGC 
_entity_poly.pdbx_strand_id                 A,B 
_entity_poly.pdbx_target_identifier         ? 
# 
loop_
_entity_poly_seq.entity_id 
_entity_poly_seq.num 
_entity_poly_seq.mon_id 
_entity_poly_seq.hetero 
1 1  DG  n 
1 2  DC  n 
1 3  DG  n 
1 4  DT  n 
1 5  DA  n 
1 6  CSM n 
1 7  DA  n 
1 8  DC  n 
1 9  DG  n 
1 10 DC  n 
# 
_struct_ref.id                         1 
_struct_ref.db_name                    PDB 
_struct_ref.db_code                    3UKE 
_struct_ref.pdbx_db_accession          3UKE 
_struct_ref.entity_id                  1 
_struct_ref.pdbx_align_begin           ? 
_struct_ref.pdbx_seq_one_letter_code   ? 
_struct_ref.pdbx_db_isoform            ? 
# 
loop_
_struct_ref_seq.align_id 
_struct_ref_seq.ref_id 
_struct_ref_seq.pdbx_PDB_id_code 
_struct_ref_seq.pdbx_strand_id 
_struct_ref_seq.seq_align_beg 
_struct_ref_seq.pdbx_seq_align_beg_ins_code 
_struct_ref_seq.seq_align_end 
_struct_ref_seq.pdbx_seq_align_end_ins_code 
_struct_ref_seq.pdbx_db_accession 
_struct_ref_seq.db_align_beg 
_struct_ref_seq.pdbx_db_align_beg_ins_code 
_struct_ref_seq.db_align_end 
_struct_ref_seq.pdbx_db_align_end_ins_code 
_struct_ref_seq.pdbx_auth_seq_align_beg 
_struct_ref_seq.pdbx_auth_seq_align_end 
1 1 3UKE A 1 ? 10 ? 3UKE 1 ? 10 ? 1 10 
2 1 3UKE B 1 ? 10 ? 3UKE 1 ? 10 ? 1 10 
# 
loop_
_chem_comp.id 
_chem_comp.type 
_chem_comp.mon_nstd_flag 
_chem_comp.name 
_chem_comp.pdbx_synonyms 
_chem_comp.formula 
_chem_comp.formula_weight 
CSM 'DNA linking' . '1-{2,5-anhydro-6-O-methyl-4-[(phosphonooxy)methyl]-alpha-L-mannofuranosyl}pyrimidine-2,4(1H,3H)-dione' ? 
'C12 H17 N2 O10 P' 380.245 
DA  'DNA linking' y "2'-DEOXYADENOSINE-5'-MONOPHOSPHATE"                                                                    ? 
'C10 H14 N5 O6 P'  331.222 
DC  'DNA linking' y "2'-DEOXYCYTIDINE-5'-MONOPHOSPHATE"                                                                     ? 
'C9 H14 N3 O7 P'   307.197 
DG  'DNA linking' y "2'-DEOXYGUANOSINE-5'-MONOPHOSPHATE"                                                                    ? 
'C10 H14 N5 O7 P'  347.221 
DT  'DNA linking' y "THYMIDINE-5'-MONOPHOSPHATE"                                                                            ? 
'C10 H15 N2 O8 P'  322.208 
HOH non-polymer   . WATER                                                                                                   ? 
'H2 O'             18.015  
# 
_exptl.entry_id          3UKE 
_exptl.method            'X-RAY DIFFRACTION' 
_exptl.crystals_number   1 
# 
_exptl_crystal.id                    1 
_exptl_crystal.density_meas          ? 
_exptl_crystal.density_Matthews      2.05 
_exptl_crystal.density_percent_sol   40.09 
_exptl_crystal.description           ? 
_exptl_crystal.F_000                 ? 
_exptl_crystal.preparation           ? 
# 
_exptl_crystal_grow.crystal_id      1 
_exptl_crystal_grow.method          'VAPOR DIFFUSION, HANGING DROP' 
_exptl_crystal_grow.temp            291 
_exptl_crystal_grow.temp_details    ? 
_exptl_crystal_grow.pH              6.0 
_exptl_crystal_grow.pdbx_details    
;20 mM sodium cacodylate, 6 mM sodium chloride, 40 mM potassium chloride, 6 mM spermine tetrahydrochloride, 5% v/v MPD, pH 6.0, VAPOR DIFFUSION, HANGING DROP, temperature 291K
;
_exptl_crystal_grow.pdbx_pH_range   ? 
# 
_diffrn.id                     1 
_diffrn.ambient_temp           100 
_diffrn.ambient_temp_details   ? 
_diffrn.crystal_id             1 
# 
_diffrn_detector.diffrn_id              1 
_diffrn_detector.detector               'IMAGE PLATE' 
_diffrn_detector.type                   'MAR scanner 300 mm plate' 
_diffrn_detector.pdbx_collection_date   2010-02-14 
_diffrn_detector.details                ? 
# 
_diffrn_radiation.diffrn_id                        1 
_diffrn_radiation.wavelength_id                    1 
_diffrn_radiation.pdbx_monochromatic_or_laue_m_l   M 
_diffrn_radiation.monochromator                    'Si 111' 
_diffrn_radiation.pdbx_diffrn_protocol             'SINGLE WAVELENGTH' 
_diffrn_radiation.pdbx_scattering_type             x-ray 
# 
_diffrn_radiation_wavelength.id           1 
_diffrn_radiation_wavelength.wavelength   1.007 
_diffrn_radiation_wavelength.wt           1.0 
# 
_diffrn_source.diffrn_id                   1 
_diffrn_source.source                      SYNCHROTRON 
_diffrn_source.type                        'APS BEAMLINE 21-ID-D' 
_diffrn_source.pdbx_synchrotron_site       APS 
_diffrn_source.pdbx_synchrotron_beamline   21-ID-D 
_diffrn_source.pdbx_wavelength             ? 
_diffrn_source.pdbx_wavelength_list        1.007 
# 
_reflns.entry_id                     3UKE 
_reflns.observed_criterion_sigma_I   0 
_reflns.observed_criterion_sigma_F   0 
_reflns.d_resolution_low             50 
_reflns.d_resolution_high            1.68 
_reflns.number_obs                   6236 
_reflns.number_all                   6270 
_reflns.percent_possible_obs         99.45 
_reflns.pdbx_Rmerge_I_obs            0.096 
_reflns.pdbx_Rsym_value              ? 
_reflns.pdbx_netI_over_sigmaI        29.6 
_reflns.B_iso_Wilson_estimate        ? 
_reflns.pdbx_redundancy              7.2 
_reflns.R_free_details               ? 
_reflns.limit_h_max                  ? 
_reflns.limit_h_min                  ? 
_reflns.limit_k_max                  ? 
_reflns.limit_k_min                  ? 
_reflns.limit_l_max                  ? 
_reflns.limit_l_min                  ? 
_reflns.observed_criterion_F_max     ? 
_reflns.observed_criterion_F_min     ? 
_reflns.pdbx_chi_squared             ? 
_reflns.pdbx_scaling_rejects         ? 
_reflns.pdbx_ordinal                 1 
_reflns.pdbx_diffrn_id               1 
# 
_reflns_shell.d_res_high             1.68 
_reflns_shell.d_res_low              1.74 
_reflns_shell.percent_possible_all   99.5 
_reflns_shell.Rmerge_I_obs           0.616 
_reflns_shell.pdbx_Rsym_value        ? 
_reflns_shell.meanI_over_sigI_obs    2.41 
_reflns_shell.pdbx_redundancy        6.7 
_reflns_shell.percent_possible_obs   ? 
_reflns_shell.number_unique_all      612 
_reflns_shell.number_measured_all    ? 
_reflns_shell.number_measured_obs    ? 
_reflns_shell.number_unique_obs      ? 
_reflns_shell.pdbx_chi_squared       ? 
_reflns_shell.pdbx_ordinal           1 
_reflns_shell.pdbx_diffrn_id         1 
# 
_refine.entry_id                                 3UKE 
_refine.ls_number_reflns_obs                     5630 
_refine.ls_number_reflns_all                     6236 
_refine.pdbx_ls_sigma_I                          ? 
_refine.pdbx_ls_sigma_F                          ? 
_refine.pdbx_data_cutoff_high_absF               ? 
_refine.pdbx_data_cutoff_low_absF                ? 
_refine.pdbx_data_cutoff_high_rms_absF           ? 
_refine.ls_d_res_low                             32.24 
_refine.ls_d_res_high                            1.68 
_refine.ls_percent_reflns_obs                    99.54 
_refine.ls_R_factor_obs                          0.18833 
_refine.ls_R_factor_all                          ? 
_refine.ls_R_factor_R_work                       0.18103 
_refine.ls_R_factor_R_free                       0.24979 
_refine.ls_R_factor_R_free_error                 ? 
_refine.ls_R_factor_R_free_error_details         ? 
_refine.ls_percent_reflns_R_free                 9.7 
_refine.ls_number_reflns_R_free                  606 
_refine.ls_number_parameters                     ? 
_refine.ls_number_restraints                     ? 
_refine.occupancy_min                            ? 
_refine.occupancy_max                            ? 
_refine.correlation_coeff_Fo_to_Fc               0.965 
_refine.correlation_coeff_Fo_to_Fc_free          0.926 
_refine.B_iso_mean                               23.174 
_refine.aniso_B[1][1]                            -1.66 
_refine.aniso_B[2][2]                            1.41 
_refine.aniso_B[3][3]                            0.25 
_refine.aniso_B[1][2]                            0.00 
_refine.aniso_B[1][3]                            0.00 
_refine.aniso_B[2][3]                            0.00 
_refine.solvent_model_details                    MASK 
_refine.solvent_model_param_ksol                 ? 
_refine.solvent_model_param_bsol                 ? 
_refine.pdbx_solvent_vdw_probe_radii             1.40 
_refine.pdbx_solvent_ion_probe_radii             0.80 
_refine.pdbx_solvent_shrinkage_radii             0.80 
_refine.pdbx_ls_cross_valid_method               THROUGHOUT 
_refine.details                                  ? 
_refine.pdbx_starting_model                      'PDB entry 3EY2' 
_refine.pdbx_method_to_determine_struct          'MOLREP, (CCP4)' 
_refine.pdbx_isotropic_thermal_model             ? 
_refine.pdbx_stereochemistry_target_values       'MAXIMUM LIKELIHOOD' 
_refine.pdbx_stereochem_target_val_spec_case     ? 
_refine.pdbx_R_Free_selection_details            RANDOM 
_refine.pdbx_overall_ESU_R_Free                  0.125 
_refine.overall_SU_ML                            0.079 
_refine.pdbx_overall_phase_error                 ? 
_refine.overall_SU_B                             5.220 
_refine.overall_SU_R_Cruickshank_DPI             ? 
_refine.ls_redundancy_reflns_obs                 ? 
_refine.B_iso_min                                ? 
_refine.B_iso_max                                ? 
_refine.overall_SU_R_free                        ? 
_refine.ls_wR_factor_R_free                      ? 
_refine.ls_wR_factor_R_work                      ? 
_refine.overall_FOM_free_R_set                   ? 
_refine.overall_FOM_work_R_set                   ? 
_refine.pdbx_overall_ESU_R                       ? 
_refine.pdbx_diffrn_id                           1 
_refine.pdbx_refine_id                           'X-RAY DIFFRACTION' 
_refine.pdbx_TLS_residual_ADP_flag               ? 
_refine.pdbx_overall_SU_R_free_Cruickshank_DPI   ? 
_refine.pdbx_overall_SU_R_Blow_DPI               ? 
_refine.pdbx_overall_SU_R_free_Blow_DPI          ? 
# 
_refine_hist.pdbx_refine_id                   'X-RAY DIFFRACTION' 
_refine_hist.cycle_id                         LAST 
_refine_hist.pdbx_number_atoms_protein        0 
_refine_hist.pdbx_number_atoms_nucleic_acid   412 
_refine_hist.pdbx_number_atoms_ligand         0 
_refine_hist.number_atoms_solvent             53 
_refine_hist.number_atoms_total               465 
_refine_hist.d_res_high                       1.68 
_refine_hist.d_res_low                        32.24 
# 
loop_
_refine_ls_restr.type 
_refine_ls_restr.dev_ideal 
_refine_ls_restr.dev_ideal_target 
_refine_ls_restr.weight 
_refine_ls_restr.number 
_refine_ls_restr.pdbx_restraint_function 
_refine_ls_restr.pdbx_refine_id 
r_bond_refined_d     0.011 0.021 ? 462 ? 'X-RAY DIFFRACTION' 
r_angle_refined_deg  2.314 2.989 ? 710 ? 'X-RAY DIFFRACTION' 
r_chiral_restr       0.131 0.200 ? 82  ? 'X-RAY DIFFRACTION' 
r_gen_planes_refined 0.029 0.020 ? 208 ? 'X-RAY DIFFRACTION' 
r_scbond_it          4.603 3.000 ? 462 ? 'X-RAY DIFFRACTION' 
r_scangle_it         5.238 4.500 ? 708 ? 'X-RAY DIFFRACTION' 
r_rigid_bond_restr   3.575 3.000 ? 462 ? 'X-RAY DIFFRACTION' 
# 
_refine_ls_shell.pdbx_total_number_of_bins_used   20 
_refine_ls_shell.d_res_high                       1.68 
_refine_ls_shell.d_res_low                        1.720 
_refine_ls_shell.number_reflns_R_work             390 
_refine_ls_shell.R_factor_R_work                  0.199 
_refine_ls_shell.percent_reflns_obs               94.04 
_refine_ls_shell.R_factor_R_free                  0.339 
_refine_ls_shell.R_factor_R_free_error            ? 
_refine_ls_shell.percent_reflns_R_free            ? 
_refine_ls_shell.number_reflns_R_free             36 
_refine_ls_shell.number_reflns_all                ? 
_refine_ls_shell.R_factor_all                     ? 
_refine_ls_shell.number_reflns_obs                390 
_refine_ls_shell.redundancy_reflns_obs            ? 
_refine_ls_shell.pdbx_refine_id                   'X-RAY DIFFRACTION' 
# 
_struct.entry_id                  3UKE 
_struct.title                     '(S)-cMOE-BNA decamer structure' 
_struct.pdbx_model_details        ? 
_struct.pdbx_CASP_flag            ? 
_struct.pdbx_model_type_details   ? 
# 
_struct_keywords.entry_id        3UKE 
_struct_keywords.pdbx_keywords   DNA 
_struct_keywords.text            'A-FORM DNA, BICYCLIC NUCLEIC ACID, BNA, DNA, c-MOE-BNA, ANTISENSE OLIGONUCLEOTIDES' 
# 
loop_
_struct_asym.id 
_struct_asym.pdbx_blank_PDB_chainid_flag 
_struct_asym.pdbx_modified 
_struct_asym.entity_id 
_struct_asym.details 
A N N 1 ? 
B N N 1 ? 
C N N 2 ? 
D N N 2 ? 
# 
_struct_biol.id        1 
_struct_biol.details   ? 
# 
loop_
_struct_conn.id 
_struct_conn.conn_type_id 
_struct_conn.pdbx_leaving_atom_flag 
_struct_conn.pdbx_PDB_id 
_struct_conn.ptnr1_label_asym_id 
_struct_conn.ptnr1_label_comp_id 
_struct_conn.ptnr1_label_seq_id 
_struct_conn.ptnr1_label_atom_id 
_struct_conn.pdbx_ptnr1_label_alt_id 
_struct_conn.pdbx_ptnr1_PDB_ins_code 
_struct_conn.pdbx_ptnr1_standard_comp_id 
_struct_conn.ptnr1_symmetry 
_struct_conn.ptnr2_label_asym_id 
_struct_conn.ptnr2_label_comp_id 
_struct_conn.ptnr2_label_seq_id 
_struct_conn.ptnr2_label_atom_id 
_struct_conn.pdbx_ptnr2_label_alt_id 
_struct_conn.pdbx_ptnr2_PDB_ins_code 
_struct_conn.ptnr1_auth_asym_id 
_struct_conn.ptnr1_auth_comp_id 
_struct_conn.ptnr1_auth_seq_id 
_struct_conn.ptnr2_auth_asym_id 
_struct_conn.ptnr2_auth_comp_id 
_struct_conn.ptnr2_auth_seq_id 
_struct_conn.ptnr2_symmetry 
_struct_conn.pdbx_ptnr3_label_atom_id 
_struct_conn.pdbx_ptnr3_label_seq_id 
_struct_conn.pdbx_ptnr3_label_comp_id 
_struct_conn.pdbx_ptnr3_label_asym_id 
_struct_conn.pdbx_ptnr3_label_alt_id 
_struct_conn.pdbx_ptnr3_PDB_ins_code 
_struct_conn.details 
_struct_conn.pdbx_dist_value 
_struct_conn.pdbx_value_order 
_struct_conn.pdbx_role 
covale1  covale both ? A DA  5  "O3'" ? ? ? 1_555 A CSM 6  P  ? ? A DA  5  A CSM 6  1_555 ? ? ? ? ? ? ?            1.591 ? ? 
covale2  covale both ? A CSM 6  "O3'" ? ? ? 1_555 A DA  7  P  ? ? A CSM 6  A DA  7  1_555 ? ? ? ? ? ? ?            1.591 ? ? 
covale3  covale both ? B DA  5  "O3'" ? ? ? 1_555 B CSM 6  P  ? ? B DA  5  B CSM 6  1_555 ? ? ? ? ? ? ?            1.582 ? ? 
covale4  covale both ? B CSM 6  "O3'" ? ? ? 1_555 B DA  7  P  ? ? B CSM 6  B DA  7  1_555 ? ? ? ? ? ? ?            1.595 ? ? 
hydrog1  hydrog ?    ? A DG  1  N1    ? ? ? 1_555 B DC  10 N3 ? ? A DG  1  B DC  10 1_555 ? ? ? ? ? ? WATSON-CRICK ?     ? ? 
hydrog2  hydrog ?    ? A DG  1  N2    ? ? ? 1_555 B DC  10 O2 ? ? A DG  1  B DC  10 1_555 ? ? ? ? ? ? WATSON-CRICK ?     ? ? 
hydrog3  hydrog ?    ? A DG  1  O6    ? ? ? 1_555 B DC  10 N4 ? ? A DG  1  B DC  10 1_555 ? ? ? ? ? ? WATSON-CRICK ?     ? ? 
hydrog4  hydrog ?    ? A DC  2  N3    ? ? ? 1_555 B DG  9  N1 ? ? A DC  2  B DG  9  1_555 ? ? ? ? ? ? WATSON-CRICK ?     ? ? 
hydrog5  hydrog ?    ? A DC  2  N4    ? ? ? 1_555 B DG  9  O6 ? ? A DC  2  B DG  9  1_555 ? ? ? ? ? ? WATSON-CRICK ?     ? ? 
hydrog6  hydrog ?    ? A DC  2  O2    ? ? ? 1_555 B DG  9  N2 ? ? A DC  2  B DG  9  1_555 ? ? ? ? ? ? WATSON-CRICK ?     ? ? 
hydrog7  hydrog ?    ? A DG  3  N1    ? ? ? 1_555 B DC  8  N3 ? ? A DG  3  B DC  8  1_555 ? ? ? ? ? ? WATSON-CRICK ?     ? ? 
hydrog8  hydrog ?    ? A DG  3  N2    ? ? ? 1_555 B DC  8  O2 ? ? A DG  3  B DC  8  1_555 ? ? ? ? ? ? WATSON-CRICK ?     ? ? 
hydrog9  hydrog ?    ? A DG  3  O6    ? ? ? 1_555 B DC  8  N4 ? ? A DG  3  B DC  8  1_555 ? ? ? ? ? ? WATSON-CRICK ?     ? ? 
hydrog10 hydrog ?    ? A DT  4  N3    ? ? ? 1_555 B DA  7  N1 ? ? A DT  4  B DA  7  1_555 ? ? ? ? ? ? WATSON-CRICK ?     ? ? 
hydrog11 hydrog ?    ? A DT  4  O4    ? ? ? 1_555 B DA  7  N6 ? ? A DT  4  B DA  7  1_555 ? ? ? ? ? ? WATSON-CRICK ?     ? ? 
hydrog12 hydrog ?    ? A DA  7  N1    ? ? ? 1_555 B DT  4  N3 ? ? A DA  7  B DT  4  1_555 ? ? ? ? ? ? WATSON-CRICK ?     ? ? 
hydrog13 hydrog ?    ? A DA  7  N6    ? ? ? 1_555 B DT  4  O4 ? ? A DA  7  B DT  4  1_555 ? ? ? ? ? ? WATSON-CRICK ?     ? ? 
hydrog14 hydrog ?    ? A DC  8  N3    ? ? ? 1_555 B DG  3  N1 ? ? A DC  8  B DG  3  1_555 ? ? ? ? ? ? WATSON-CRICK ?     ? ? 
hydrog15 hydrog ?    ? A DC  8  N4    ? ? ? 1_555 B DG  3  O6 ? ? A DC  8  B DG  3  1_555 ? ? ? ? ? ? WATSON-CRICK ?     ? ? 
hydrog16 hydrog ?    ? A DC  8  O2    ? ? ? 1_555 B DG  3  N2 ? ? A DC  8  B DG  3  1_555 ? ? ? ? ? ? WATSON-CRICK ?     ? ? 
hydrog17 hydrog ?    ? A DG  9  N1    ? ? ? 1_555 B DC  2  N3 ? ? A DG  9  B DC  2  1_555 ? ? ? ? ? ? WATSON-CRICK ?     ? ? 
hydrog18 hydrog ?    ? A DG  9  N2    ? ? ? 1_555 B DC  2  O2 ? ? A DG  9  B DC  2  1_555 ? ? ? ? ? ? WATSON-CRICK ?     ? ? 
hydrog19 hydrog ?    ? A DG  9  O6    ? ? ? 1_555 B DC  2  N4 ? ? A DG  9  B DC  2  1_555 ? ? ? ? ? ? WATSON-CRICK ?     ? ? 
hydrog20 hydrog ?    ? A DC  10 N3    ? ? ? 1_555 B DG  1  N1 ? ? A DC  10 B DG  1  1_555 ? ? ? ? ? ? WATSON-CRICK ?     ? ? 
hydrog21 hydrog ?    ? A DC  10 N4    ? ? ? 1_555 B DG  1  O6 ? ? A DC  10 B DG  1  1_555 ? ? ? ? ? ? WATSON-CRICK ?     ? ? 
hydrog22 hydrog ?    ? A DC  10 O2    ? ? ? 1_555 B DG  1  N2 ? ? A DC  10 B DG  1  1_555 ? ? ? ? ? ? WATSON-CRICK ?     ? ? 
# 
loop_
_struct_conn_type.id 
_struct_conn_type.criteria 
_struct_conn_type.reference 
covale ? ? 
hydrog ? ? 
# 
_atom_sites.entry_id                    3UKE 
_atom_sites.fract_transf_matrix[1][1]   -0.02833435 
_atom_sites.fract_transf_matrix[1][2]   0.01896884 
_atom_sites.fract_transf_matrix[1][3]   -0.02245967 
_atom_sites.fract_transf_matrix[2][1]   0.01523978 
_atom_sites.fract_transf_matrix[2][2]   0.00389673 
_atom_sites.fract_transf_matrix[2][3]   -0.01593491 
_atom_sites.fract_transf_matrix[3][1]   -0.00504110 
_atom_sites.fract_transf_matrix[3][2]   -0.01863376 
_atom_sites.fract_transf_matrix[3][3]   -0.00937790 
_atom_sites.fract_transf_vector[1]      -0.123093 
_atom_sites.fract_transf_vector[2]      -0.015136 
_atom_sites.fract_transf_vector[3]      -0.206108 
# 
loop_
_atom_type.symbol 
C 
N 
O 
P 
# 
loop_
_atom_site.group_PDB 
_atom_site.id 
_atom_site.type_symbol 
_atom_site.label_atom_id 
_atom_site.label_alt_id 
_atom_site.label_comp_id 
_atom_site.label_asym_id 
_atom_site.label_entity_id 
_atom_site.label_seq_id 
_atom_site.pdbx_PDB_ins_code 
_atom_site.Cartn_x 
_atom_site.Cartn_y 
_atom_site.Cartn_z 
_atom_site.occupancy 
_atom_site.B_iso_or_equiv 
_atom_site.pdbx_formal_charge 
_atom_site.auth_seq_id 
_atom_site.auth_comp_id 
_atom_site.auth_asym_id 
_atom_site.auth_atom_id 
_atom_site.pdbx_PDB_model_num 
ATOM   1   O "O5'" . DG  A 1 1  ? 4.338   3.148   12.042  1.00 35.26 ? 1   DG  A "O5'" 1 
ATOM   2   C "C5'" . DG  A 1 1  ? 3.501   4.175   12.470  1.00 33.34 ? 1   DG  A "C5'" 1 
ATOM   3   C "C4'" . DG  A 1 1  ? 4.138   5.514   12.162  1.00 31.99 ? 1   DG  A "C4'" 1 
ATOM   4   O "O4'" . DG  A 1 1  ? 5.584   5.433   12.197  1.00 29.04 ? 1   DG  A "O4'" 1 
ATOM   5   C "C3'" . DG  A 1 1  ? 3.826   6.049   10.784  1.00 29.73 ? 1   DG  A "C3'" 1 
ATOM   6   O "O3'" . DG  A 1 1  ? 2.502   6.575   10.788  1.00 33.25 ? 1   DG  A "O3'" 1 
ATOM   7   C "C2'" . DG  A 1 1  ? 4.909   7.115   10.664  1.00 27.87 ? 1   DG  A "C2'" 1 
ATOM   8   C "C1'" . DG  A 1 1  ? 6.109   6.361   11.247  1.00 24.60 ? 1   DG  A "C1'" 1 
ATOM   9   N N9    . DG  A 1 1  ? 6.909   5.584   10.286  1.00 23.81 ? 1   DG  A N9    1 
ATOM   10  C C8    . DG  A 1 1  ? 7.042   4.213   10.267  1.00 25.49 ? 1   DG  A C8    1 
ATOM   11  N N7    . DG  A 1 1  ? 7.827   3.782   9.311   1.00 28.57 ? 1   DG  A N7    1 
ATOM   12  C C5    . DG  A 1 1  ? 8.233   4.944   8.656   1.00 24.89 ? 1   DG  A C5    1 
ATOM   13  C C6    . DG  A 1 1  ? 9.130   5.102   7.574   1.00 23.19 ? 1   DG  A C6    1 
ATOM   14  O O6    . DG  A 1 1  ? 9.726   4.214   6.949   1.00 25.80 ? 1   DG  A O6    1 
ATOM   15  N N1    . DG  A 1 1  ? 9.282   6.429   7.201   1.00 19.30 ? 1   DG  A N1    1 
ATOM   16  C C2    . DG  A 1 1  ? 8.655   7.493   7.832   1.00 24.11 ? 1   DG  A C2    1 
ATOM   17  N N2    . DG  A 1 1  ? 8.952   8.732   7.378   1.00 21.50 ? 1   DG  A N2    1 
ATOM   18  N N3    . DG  A 1 1  ? 7.864   7.358   8.901   1.00 24.91 ? 1   DG  A N3    1 
ATOM   19  C C4    . DG  A 1 1  ? 7.679   6.060   9.245   1.00 24.04 ? 1   DG  A C4    1 
ATOM   20  P P     . DC  A 1 2  ? 1.543   6.437   9.517   1.00 34.05 ? 2   DC  A P     1 
ATOM   21  O OP1   . DC  A 1 2  ? 0.180   6.833   9.964   1.00 32.94 ? 2   DC  A OP1   1 
ATOM   22  O OP2   . DC  A 1 2  ? 1.728   5.098   8.887   1.00 33.03 ? 2   DC  A OP2   1 
ATOM   23  O "O5'" . DC  A 1 2  ? 2.075   7.558   8.496   1.00 32.56 ? 2   DC  A "O5'" 1 
ATOM   24  C "C5'" . DC  A 1 2  ? 2.305   8.911   8.907   1.00 28.68 ? 2   DC  A "C5'" 1 
ATOM   25  C "C4'" . DC  A 1 2  ? 3.228   9.596   7.900   1.00 24.96 ? 2   DC  A "C4'" 1 
ATOM   26  O "O4'" . DC  A 1 2  ? 4.535   8.990   7.934   1.00 25.29 ? 2   DC  A "O4'" 1 
ATOM   27  C "C3'" . DC  A 1 2  ? 2.836   9.455   6.446   1.00 22.98 ? 2   DC  A "C3'" 1 
ATOM   28  O "O3'" . DC  A 1 2  ? 1.964   10.523  6.173   1.00 25.99 ? 2   DC  A "O3'" 1 
ATOM   29  C "C2'" . DC  A 1 2  ? 4.153   9.683   5.703   1.00 23.23 ? 2   DC  A "C2'" 1 
ATOM   30  C "C1'" . DC  A 1 2  ? 5.127   8.980   6.640   1.00 23.83 ? 2   DC  A "C1'" 1 
ATOM   31  N N1    . DC  A 1 2  ? 5.498   7.572   6.260   1.00 22.33 ? 2   DC  A N1    1 
ATOM   32  C C2    . DC  A 1 2  ? 6.474   7.346   5.278   1.00 20.51 ? 2   DC  A C2    1 
ATOM   33  O O2    . DC  A 1 2  ? 6.992   8.312   4.705   1.00 22.24 ? 2   DC  A O2    1 
ATOM   34  N N3    . DC  A 1 2  ? 6.823   6.068   4.957   1.00 20.39 ? 2   DC  A N3    1 
ATOM   35  C C4    . DC  A 1 2  ? 6.229   5.061   5.609   1.00 20.85 ? 2   DC  A C4    1 
ATOM   36  N N4    . DC  A 1 2  ? 6.607   3.822   5.296   1.00 23.48 ? 2   DC  A N4    1 
ATOM   37  C C5    . DC  A 1 2  ? 5.222   5.277   6.609   1.00 23.41 ? 2   DC  A C5    1 
ATOM   38  C C6    . DC  A 1 2  ? 4.883   6.525   6.892   1.00 22.52 ? 2   DC  A C6    1 
ATOM   39  P P     . DG  A 1 3  ? 1.054   10.452  4.849   1.00 30.21 ? 3   DG  A P     1 
ATOM   40  O OP1   . DG  A 1 3  ? 0.287   11.729  4.883   1.00 30.05 ? 3   DG  A OP1   1 
ATOM   41  O OP2   . DG  A 1 3  ? 0.378   9.127   4.711   1.00 30.47 ? 3   DG  A OP2   1 
ATOM   42  O "O5'" . DG  A 1 3  ? 2.140   10.526  3.683   1.00 30.49 ? 3   DG  A "O5'" 1 
ATOM   43  C "C5'" . DG  A 1 3  ? 1.972   9.827   2.475   1.00 25.57 ? 3   DG  A "C5'" 1 
ATOM   44  C "C4'" . DG  A 1 3  ? 3.234   10.023  1.626   1.00 24.07 ? 3   DG  A "C4'" 1 
ATOM   45  O "O4'" . DG  A 1 3  ? 4.354   9.371   2.281   1.00 24.20 ? 3   DG  A "O4'" 1 
ATOM   46  C "C3'" . DG  A 1 3  ? 3.178   9.398   0.240   1.00 24.10 ? 3   DG  A "C3'" 1 
ATOM   47  O "O3'" . DG  A 1 3  ? 2.776   10.390  -0.671  1.00 24.19 ? 3   DG  A "O3'" 1 
ATOM   48  C "C2'" . DG  A 1 3  ? 4.618   9.027   -0.065  1.00 21.01 ? 3   DG  A "C2'" 1 
ATOM   49  C "C1'" . DG  A 1 3  ? 5.114   8.662   1.327   1.00 19.18 ? 3   DG  A "C1'" 1 
ATOM   50  N N9    . DG  A 1 3  ? 5.059   7.236   1.646   1.00 20.47 ? 3   DG  A N9    1 
ATOM   51  C C8    . DG  A 1 3  ? 4.403   6.588   2.640   1.00 19.74 ? 3   DG  A C8    1 
ATOM   52  N N7    . DG  A 1 3  ? 4.632   5.296   2.658   1.00 20.32 ? 3   DG  A N7    1 
ATOM   53  C C5    . DG  A 1 3  ? 5.468   5.079   1.587   1.00 19.28 ? 3   DG  A C5    1 
ATOM   54  C C6    . DG  A 1 3  ? 6.117   3.893   1.159   1.00 17.99 ? 3   DG  A C6    1 
ATOM   55  O O6    . DG  A 1 3  ? 5.968   2.722   1.578   1.00 20.89 ? 3   DG  A O6    1 
ATOM   56  N N1    . DG  A 1 3  ? 6.869   4.125   0.020   1.00 20.31 ? 3   DG  A N1    1 
ATOM   57  C C2    . DG  A 1 3  ? 7.115   5.361   -0.539  1.00 17.60 ? 3   DG  A C2    1 
ATOM   58  N N2    . DG  A 1 3  ? 7.902   5.395   -1.616  1.00 19.33 ? 3   DG  A N2    1 
ATOM   59  N N3    . DG  A 1 3  ? 6.570   6.488   -0.106  1.00 20.11 ? 3   DG  A N3    1 
ATOM   60  C C4    . DG  A 1 3  ? 5.762   6.268   0.963   1.00 19.40 ? 3   DG  A C4    1 
ATOM   61  P P     . DT  A 1 4  ? 1.938   9.942   -1.952  1.00 21.85 ? 4   DT  A P     1 
ATOM   62  O OP1   . DT  A 1 4  ? 1.443   11.176  -2.626  1.00 24.91 ? 4   DT  A OP1   1 
ATOM   63  O OP2   . DT  A 1 4  ? 1.024   8.874   -1.575  1.00 20.51 ? 4   DT  A OP2   1 
ATOM   64  O "O5'" . DT  A 1 4  ? 3.070   9.271   -2.861  1.00 19.72 ? 4   DT  A "O5'" 1 
ATOM   65  C "C5'" . DT  A 1 4  ? 3.925   10.077  -3.705  1.00 25.38 ? 4   DT  A "C5'" 1 
ATOM   66  C "C4'" . DT  A 1 4  ? 4.646   9.168   -4.681  1.00 19.70 ? 4   DT  A "C4'" 1 
ATOM   67  O "O4'" . DT  A 1 4  ? 5.501   8.253   -3.931  1.00 20.95 ? 4   DT  A "O4'" 1 
ATOM   68  C "C3'" . DT  A 1 4  ? 3.759   8.216   -5.469  1.00 20.64 ? 4   DT  A "C3'" 1 
ATOM   69  O "O3'" . DT  A 1 4  ? 3.210   8.920   -6.580  1.00 21.61 ? 4   DT  A "O3'" 1 
ATOM   70  C "C2'" . DT  A 1 4  ? 4.757   7.154   -5.911  1.00 18.73 ? 4   DT  A "C2'" 1 
ATOM   71  C "C1'" . DT  A 1 4  ? 5.558   7.006   -4.623  1.00 18.29 ? 4   DT  A "C1'" 1 
ATOM   72  N N1    . DT  A 1 4  ? 5.057   5.941   -3.700  1.00 19.67 ? 4   DT  A N1    1 
ATOM   73  C C2    . DT  A 1 4  ? 5.577   4.658   -3.841  1.00 16.68 ? 4   DT  A C2    1 
ATOM   74  O O2    . DT  A 1 4  ? 6.276   4.345   -4.776  1.00 19.41 ? 4   DT  A O2    1 
ATOM   75  N N3    . DT  A 1 4  ? 5.087   3.746   -2.942  1.00 19.98 ? 4   DT  A N3    1 
ATOM   76  C C4    . DT  A 1 4  ? 4.220   4.023   -1.905  1.00 19.55 ? 4   DT  A C4    1 
ATOM   77  O O4    . DT  A 1 4  ? 3.863   3.122   -1.131  1.00 21.72 ? 4   DT  A O4    1 
ATOM   78  C C5    . DT  A 1 4  ? 3.696   5.370   -1.835  1.00 20.39 ? 4   DT  A C5    1 
ATOM   79  C C7    . DT  A 1 4  ? 2.701   5.742   -0.783  1.00 23.10 ? 4   DT  A C7    1 
ATOM   80  C C6    . DT  A 1 4  ? 4.171   6.274   -2.700  1.00 20.00 ? 4   DT  A C6    1 
ATOM   81  P P     . DA  A 1 5  ? 1.798   8.445   -7.174  1.00 23.26 ? 5   DA  A P     1 
ATOM   82  O OP1   . DA  A 1 5  ? 1.498   9.439   -8.230  1.00 24.42 ? 5   DA  A OP1   1 
ATOM   83  O OP2   . DA  A 1 5  ? 0.825   8.204   -6.084  1.00 25.53 ? 5   DA  A OP2   1 
ATOM   84  O "O5'" . DA  A 1 5  ? 2.181   7.011   -7.802  1.00 21.03 ? 5   DA  A "O5'" 1 
ATOM   85  C "C5'" . DA  A 1 5  ? 1.261   5.950   -7.781  1.00 22.14 ? 5   DA  A "C5'" 1 
ATOM   86  C "C4'" . DA  A 1 5  ? 2.003   4.682   -8.162  1.00 22.59 ? 5   DA  A "C4'" 1 
ATOM   87  O "O4'" . DA  A 1 5  ? 2.892   4.335   -7.074  1.00 22.41 ? 5   DA  A "O4'" 1 
ATOM   88  C "C3'" . DA  A 1 5  ? 1.097   3.479   -8.282  1.00 24.15 ? 5   DA  A "C3'" 1 
ATOM   89  O "O3'" . DA  A 1 5  ? 0.678   3.416   -9.612  1.00 27.10 ? 5   DA  A "O3'" 1 
ATOM   90  C "C2'" . DA  A 1 5  ? 2.062   2.327   -8.030  1.00 24.68 ? 5   DA  A "C2'" 1 
ATOM   91  C "C1'" . DA  A 1 5  ? 2.951   2.925   -6.957  1.00 22.08 ? 5   DA  A "C1'" 1 
ATOM   92  N N9    . DA  A 1 5  ? 2.509   2.602   -5.624  1.00 22.25 ? 5   DA  A N9    1 
ATOM   93  C C8    . DA  A 1 5  ? 1.940   3.417   -4.701  1.00 23.62 ? 5   DA  A C8    1 
ATOM   94  N N7    . DA  A 1 5  ? 1.681   2.823   -3.561  1.00 21.43 ? 5   DA  A N7    1 
ATOM   95  C C5    . DA  A 1 5  ? 2.255   1.586   -3.715  1.00 20.92 ? 5   DA  A C5    1 
ATOM   96  C C6    . DA  A 1 5  ? 2.383   0.491   -2.840  1.00 20.75 ? 5   DA  A C6    1 
ATOM   97  N N6    . DA  A 1 5  ? 1.982   0.528   -1.572  1.00 21.70 ? 5   DA  A N6    1 
ATOM   98  N N1    . DA  A 1 5  ? 3.034   -0.589  -3.294  1.00 18.01 ? 5   DA  A N1    1 
ATOM   99  C C2    . DA  A 1 5  ? 3.439   -0.624  -4.563  1.00 17.58 ? 5   DA  A C2    1 
ATOM   100 N N3    . DA  A 1 5  ? 3.357   0.336   -5.488  1.00 20.83 ? 5   DA  A N3    1 
ATOM   101 C C4    . DA  A 1 5  ? 2.775   1.427   -4.977  1.00 20.70 ? 5   DA  A C4    1 
HETATM 102 P P     . CSM A 1 6  ? -0.856  3.120   -9.910  1.00 28.87 ? 6   CSM A P     1 
HETATM 103 N N1    . CSM A 1 6  ? -0.123  -1.134  -6.498  1.00 23.67 ? 6   CSM A N1    1 
HETATM 104 C C2    . CSM A 1 6  ? 0.043   -1.979  -5.480  1.00 18.24 ? 6   CSM A C2    1 
HETATM 105 O O2    . CSM A 1 6  ? 0.457   -3.252  -5.744  1.00 22.76 ? 6   CSM A O2    1 
HETATM 106 N N3    . CSM A 1 6  ? -0.196  -1.600  -4.205  1.00 20.27 ? 6   CSM A N3    1 
HETATM 107 C C4    . CSM A 1 6  ? -0.613  -0.346  -3.962  1.00 19.93 ? 6   CSM A C4    1 
HETATM 108 O O4    . CSM A 1 6  ? -0.863  0.007   -2.692  1.00 23.68 ? 6   CSM A O4    1 
HETATM 109 C C5    . CSM A 1 6  ? -0.802  0.565   -5.007  1.00 22.79 ? 6   CSM A C5    1 
HETATM 110 C C6    . CSM A 1 6  ? -0.557  0.121   -6.302  1.00 21.26 ? 6   CSM A C6    1 
HETATM 111 C "C1'" . CSM A 1 6  ? 0.260   -1.605  -7.844  1.00 23.66 ? 6   CSM A "C1'" 1 
HETATM 112 C "C2'" . CSM A 1 6  ? -0.835  -2.319  -8.609  1.00 22.08 ? 6   CSM A "C2'" 1 
HETATM 113 O O2A   . CSM A 1 6  ? -0.175  -2.910  -9.758  1.00 24.98 ? 6   CSM A O2A   1 
HETATM 114 C "C3'" . CSM A 1 6  ? -1.530  -1.120  -9.200  1.00 24.84 ? 6   CSM A "C3'" 1 
HETATM 115 O "O3'" . CSM A 1 6  ? -2.447  -1.519  -10.236 1.00 27.56 ? 6   CSM A "O3'" 1 
HETATM 116 C "C4'" . CSM A 1 6  ? -0.225  -0.620  -9.822  1.00 25.18 ? 6   CSM A "C4'" 1 
HETATM 117 O "O4'" . CSM A 1 6  ? 0.622   -0.484  -8.685  1.00 24.90 ? 6   CSM A "O4'" 1 
HETATM 118 C "C5'" . CSM A 1 6  ? -0.357  0.676   -10.593 1.00 27.46 ? 6   CSM A "C5'" 1 
HETATM 119 O "O5'" . CSM A 1 6  ? -1.116  1.566   -9.777  1.00 28.43 ? 6   CSM A "O5'" 1 
HETATM 120 C "C6'" . CSM A 1 6  ? 0.353   -1.826  -10.555 1.00 25.65 ? 6   CSM A "C6'" 1 
HETATM 121 C "C7'" . CSM A 1 6  ? -0.053  -1.887  -12.030 1.00 26.41 ? 6   CSM A "C7'" 1 
HETATM 122 O "O8'" . CSM A 1 6  ? 0.293   -3.171  -12.548 1.00 32.24 ? 6   CSM A "O8'" 1 
HETATM 123 C "C9'" . CSM A 1 6  ? 1.667   -3.296  -12.876 1.00 36.30 ? 6   CSM A "C9'" 1 
HETATM 124 O OP1   . CSM A 1 6  ? -0.936  3.480   -11.382 1.00 31.20 ? 6   CSM A OP1   1 
HETATM 125 O OP2   . CSM A 1 6  ? -1.704  3.783   -8.862  1.00 27.17 ? 6   CSM A OP2   1 
ATOM   126 P P     . DA  A 1 7  ? -3.975  -1.783  -9.881  1.00 23.87 ? 7   DA  A P     1 
ATOM   127 O OP1   . DA  A 1 7  ? -4.706  -1.888  -11.162 1.00 26.40 ? 7   DA  A OP1   1 
ATOM   128 O OP2   . DA  A 1 7  ? -4.494  -0.834  -8.856  1.00 23.78 ? 7   DA  A OP2   1 
ATOM   129 O "O5'" . DA  A 1 7  ? -4.017  -3.207  -9.160  1.00 23.20 ? 7   DA  A "O5'" 1 
ATOM   130 C "C5'" . DA  A 1 7  ? -3.610  -4.358  -9.855  1.00 22.49 ? 7   DA  A "C5'" 1 
ATOM   131 C "C4'" . DA  A 1 7  ? -3.580  -5.536  -8.901  1.00 22.69 ? 7   DA  A "C4'" 1 
ATOM   132 O "O4'" . DA  A 1 7  ? -2.485  -5.388  -7.966  1.00 20.54 ? 7   DA  A "O4'" 1 
ATOM   133 C "C3'" . DA  A 1 7  ? -4.792  -5.629  -8.009  1.00 20.78 ? 7   DA  A "C3'" 1 
ATOM   134 O "O3'" . DA  A 1 7  ? -5.816  -6.311  -8.754  1.00 24.06 ? 7   DA  A "O3'" 1 
ATOM   135 C "C2'" . DA  A 1 7  ? -4.231  -6.458  -6.859  1.00 22.39 ? 7   DA  A "C2'" 1 
ATOM   136 C "C1'" . DA  A 1 7  ? -2.891  -5.761  -6.674  1.00 17.85 ? 7   DA  A "C1'" 1 
ATOM   137 N N9    . DA  A 1 7  ? -2.990  -4.600  -5.782  1.00 16.95 ? 7   DA  A N9    1 
ATOM   138 C C8    . DA  A 1 7  ? -3.182  -3.269  -6.065  1.00 16.55 ? 7   DA  A C8    1 
ATOM   139 N N7    . DA  A 1 7  ? -3.268  -2.501  -4.990  1.00 19.10 ? 7   DA  A N7    1 
ATOM   140 C C5    . DA  A 1 7  ? -3.143  -3.386  -3.938  1.00 17.88 ? 7   DA  A C5    1 
ATOM   141 C C6    . DA  A 1 7  ? -3.114  -3.211  -2.539  1.00 17.79 ? 7   DA  A C6    1 
ATOM   142 N N6    . DA  A 1 7  ? -3.258  -1.998  -1.954  1.00 21.47 ? 7   DA  A N6    1 
ATOM   143 N N1    . DA  A 1 7  ? -2.988  -4.328  -1.789  1.00 18.32 ? 7   DA  A N1    1 
ATOM   144 C C2    . DA  A 1 7  ? -2.911  -5.528  -2.376  1.00 15.93 ? 7   DA  A C2    1 
ATOM   145 N N3    . DA  A 1 7  ? -2.798  -5.802  -3.681  1.00 18.63 ? 7   DA  A N3    1 
ATOM   146 C C4    . DA  A 1 7  ? -2.963  -4.679  -4.411  1.00 18.12 ? 7   DA  A C4    1 
ATOM   147 P P     . DC  A 1 8  ? -7.347  -6.028  -8.418  1.00 24.21 ? 8   DC  A P     1 
ATOM   148 O OP1   . DC  A 1 8  ? -8.123  -6.739  -9.441  1.00 23.77 ? 8   DC  A OP1   1 
ATOM   149 O OP2   . DC  A 1 8  ? -7.527  -4.554  -8.206  1.00 22.77 ? 8   DC  A OP2   1 
ATOM   150 O "O5'" . DC  A 1 8  ? -7.638  -6.731  -6.998  1.00 23.17 ? 8   DC  A "O5'" 1 
ATOM   151 C "C5'" . DC  A 1 8  ? -7.542  -8.141  -6.853  1.00 21.16 ? 8   DC  A "C5'" 1 
ATOM   152 C "C4'" . DC  A 1 8  ? -7.510  -8.513  -5.376  1.00 17.49 ? 8   DC  A "C4'" 1 
ATOM   153 O "O4'" . DC  A 1 8  ? -6.359  -7.902  -4.758  1.00 19.34 ? 8   DC  A "O4'" 1 
ATOM   154 C "C3'" . DC  A 1 8  ? -8.692  -8.015  -4.566  1.00 18.22 ? 8   DC  A "C3'" 1 
ATOM   155 O "O3'" . DC  A 1 8  ? -9.772  -8.969  -4.658  1.00 20.51 ? 8   DC  A "O3'" 1 
ATOM   156 C "C2'" . DC  A 1 8  ? -8.086  -8.041  -3.165  1.00 17.87 ? 8   DC  A "C2'" 1 
ATOM   157 C "C1'" . DC  A 1 8  ? -6.655  -7.584  -3.404  1.00 18.66 ? 8   DC  A "C1'" 1 
ATOM   158 N N1    . DC  A 1 8  ? -6.596  -6.143  -3.219  1.00 19.04 ? 8   DC  A N1    1 
ATOM   159 C C2    . DC  A 1 8  ? -6.463  -5.659  -1.902  1.00 17.27 ? 8   DC  A C2    1 
ATOM   160 O O2    . DC  A 1 8  ? -6.399  -6.460  -0.972  1.00 18.06 ? 8   DC  A O2    1 
ATOM   161 N N3    . DC  A 1 8  ? -6.424  -4.325  -1.671  1.00 18.95 ? 8   DC  A N3    1 
ATOM   162 C C4    . DC  A 1 8  ? -6.566  -3.481  -2.713  1.00 16.53 ? 8   DC  A C4    1 
ATOM   163 N N4    . DC  A 1 8  ? -6.544  -2.172  -2.441  1.00 19.58 ? 8   DC  A N4    1 
ATOM   164 C C5    . DC  A 1 8  ? -6.667  -3.929  -4.075  1.00 20.80 ? 8   DC  A C5    1 
ATOM   165 C C6    . DC  A 1 8  ? -6.679  -5.265  -4.285  1.00 19.86 ? 8   DC  A C6    1 
ATOM   166 P P     . DG  A 1 9  ? -11.246 -8.464  -4.313  1.00 19.03 ? 9   DG  A P     1 
ATOM   167 O OP1   . DG  A 1 9  ? -12.199 -9.541  -4.703  1.00 25.03 ? 9   DG  A OP1   1 
ATOM   168 O OP2   . DG  A 1 9  ? -11.444 -7.115  -4.895  1.00 19.62 ? 9   DG  A OP2   1 
ATOM   169 O "O5'" . DG  A 1 9  ? -11.285 -8.286  -2.729  1.00 17.95 ? 9   DG  A "O5'" 1 
ATOM   170 C "C5'" . DG  A 1 9  ? -11.293 -9.464  -1.920  1.00 16.28 ? 9   DG  A "C5'" 1 
ATOM   171 C "C4'" . DG  A 1 9  ? -11.289 -9.079  -0.467  1.00 16.06 ? 9   DG  A "C4'" 1 
ATOM   172 O "O4'" . DG  A 1 9  ? -10.093 -8.319  -0.180  1.00 17.98 ? 9   DG  A "O4'" 1 
ATOM   173 C "C3'" . DG  A 1 9  ? -12.390 -8.117  -0.096  1.00 16.38 ? 9   DG  A "C3'" 1 
ATOM   174 O "O3'" . DG  A 1 9  ? -13.582 -8.839  0.158   1.00 20.64 ? 9   DG  A "O3'" 1 
ATOM   175 C "C2'" . DG  A 1 9  ? -11.855 -7.533  1.222   1.00 17.00 ? 9   DG  A "C2'" 1 
ATOM   176 C "C1'" . DG  A 1 9  ? -10.435 -7.306  0.773   1.00 16.97 ? 9   DG  A "C1'" 1 
ATOM   177 N N9    . DG  A 1 9  ? -10.228 -5.996  0.188   1.00 18.57 ? 9   DG  A N9    1 
ATOM   178 C C8    . DG  A 1 9  ? -10.034 -5.646  -1.117  1.00 17.72 ? 9   DG  A C8    1 
ATOM   179 N N7    . DG  A 1 9  ? -9.770  -4.361  -1.252  1.00 17.60 ? 9   DG  A N7    1 
ATOM   180 C C5    . DG  A 1 9  ? -9.856  -3.847  0.027   1.00 15.87 ? 9   DG  A C5    1 
ATOM   181 C C6    . DG  A 1 9  ? -9.704  -2.509  0.497   1.00 17.88 ? 9   DG  A C6    1 
ATOM   182 O O6    . DG  A 1 9  ? -9.428  -1.488  -0.180  1.00 19.57 ? 9   DG  A O6    1 
ATOM   183 N N1    . DG  A 1 9  ? -9.859  -2.448  1.894   1.00 18.45 ? 9   DG  A N1    1 
ATOM   184 C C2    . DG  A 1 9  ? -10.174 -3.517  2.710   1.00 20.28 ? 9   DG  A C2    1 
ATOM   185 N N2    . DG  A 1 9  ? -10.368 -3.257  4.014   1.00 18.40 ? 9   DG  A N2    1 
ATOM   186 N N3    . DG  A 1 9  ? -10.296 -4.778  2.270   1.00 18.18 ? 9   DG  A N3    1 
ATOM   187 C C4    . DG  A 1 9  ? -10.132 -4.846  0.924   1.00 16.18 ? 9   DG  A C4    1 
ATOM   188 P P     . DC  A 1 10 ? -14.985 -8.086  0.015   1.00 23.06 ? 10  DC  A P     1 
ATOM   189 O OP1   . DC  A 1 10 ? -15.995 -9.126  0.368   1.00 26.20 ? 10  DC  A OP1   1 
ATOM   190 O OP2   . DC  A 1 10 ? -15.018 -7.404  -1.296  1.00 23.18 ? 10  DC  A OP2   1 
ATOM   191 O "O5'" . DC  A 1 10 ? -14.999 -7.051  1.226   1.00 20.05 ? 10  DC  A "O5'" 1 
ATOM   192 C "C5'" . DC  A 1 10 ? -15.241 -7.468  2.564   1.00 19.95 ? 10  DC  A "C5'" 1 
ATOM   193 C "C4'" . DC  A 1 10 ? -15.304 -6.241  3.448   1.00 18.36 ? 10  DC  A "C4'" 1 
ATOM   194 O "O4'" . DC  A 1 10 ? -14.043 -5.499  3.343   1.00 19.68 ? 10  DC  A "O4'" 1 
ATOM   195 C "C3'" . DC  A 1 10 ? -16.385 -5.263  3.033   1.00 19.46 ? 10  DC  A "C3'" 1 
ATOM   196 O "O3'" . DC  A 1 10 ? -17.669 -5.695  3.578   1.00 20.64 ? 10  DC  A "O3'" 1 
ATOM   197 C "C2'" . DC  A 1 10 ? -15.881 -4.006  3.735   1.00 20.14 ? 10  DC  A "C2'" 1 
ATOM   198 C "C1'" . DC  A 1 10 ? -14.349 -4.116  3.571   1.00 19.40 ? 10  DC  A "C1'" 1 
ATOM   199 N N1    . DC  A 1 10 ? -13.865 -3.324  2.404   1.00 18.09 ? 10  DC  A N1    1 
ATOM   200 C C2    . DC  A 1 10 ? -13.632 -1.956  2.576   1.00 16.89 ? 10  DC  A C2    1 
ATOM   201 O O2    . DC  A 1 10 ? -13.855 -1.452  3.692   1.00 19.82 ? 10  DC  A O2    1 
ATOM   202 N N3    . DC  A 1 10 ? -13.203 -1.241  1.510   1.00 19.36 ? 10  DC  A N3    1 
ATOM   203 C C4    . DC  A 1 10 ? -13.057 -1.845  0.298   1.00 16.95 ? 10  DC  A C4    1 
ATOM   204 N N4    . DC  A 1 10 ? -12.591 -1.113  -0.727  1.00 19.05 ? 10  DC  A N4    1 
ATOM   205 C C5    . DC  A 1 10 ? -13.303 -3.239  0.110   1.00 19.97 ? 10  DC  A C5    1 
ATOM   206 C C6    . DC  A 1 10 ? -13.683 -3.925  1.188   1.00 19.16 ? 10  DC  A C6    1 
ATOM   207 O "O5'" . DG  B 1 1  ? -8.820  7.893   1.510   1.00 35.88 ? 1   DG  B "O5'" 1 
ATOM   208 C "C5'" . DG  B 1 1  ? -9.058  8.701   2.677   1.00 32.41 ? 1   DG  B "C5'" 1 
ATOM   209 C "C4'" . DG  B 1 1  ? -9.913  7.931   3.678   1.00 27.74 ? 1   DG  B "C4'" 1 
ATOM   210 O "O4'" . DG  B 1 1  ? -11.150 7.498   3.064   1.00 29.21 ? 1   DG  B "O4'" 1 
ATOM   211 C "C3'" . DG  B 1 1  ? -9.280  6.641   4.201   1.00 25.58 ? 1   DG  B "C3'" 1 
ATOM   212 O "O3'" . DG  B 1 1  ? -8.490  6.952   5.350   1.00 24.10 ? 1   DG  B "O3'" 1 
ATOM   213 C "C2'" . DG  B 1 1  ? -10.501 5.847   4.634   1.00 24.14 ? 1   DG  B "C2'" 1 
ATOM   214 C "C1'" . DG  B 1 1  ? -11.454 6.208   3.526   1.00 25.35 ? 1   DG  B "C1'" 1 
ATOM   215 N N9    . DG  B 1 1  ? -11.425 5.276   2.398   1.00 21.54 ? 1   DG  B N9    1 
ATOM   216 C C8    . DG  B 1 1  ? -11.109 5.565   1.105   1.00 21.36 ? 1   DG  B C8    1 
ATOM   217 N N7    . DG  B 1 1  ? -11.284 4.568   0.291   1.00 21.34 ? 1   DG  B N7    1 
ATOM   218 C C5    . DG  B 1 1  ? -11.698 3.525   1.110   1.00 20.45 ? 1   DG  B C5    1 
ATOM   219 C C6    . DG  B 1 1  ? -12.067 2.194   0.779   1.00 21.87 ? 1   DG  B C6    1 
ATOM   220 O O6    . DG  B 1 1  ? -11.994 1.650   -0.332  1.00 23.48 ? 1   DG  B O6    1 
ATOM   221 N N1    . DG  B 1 1  ? -12.466 1.475   1.912   1.00 20.59 ? 1   DG  B N1    1 
ATOM   222 C C2    . DG  B 1 1  ? -12.549 1.984   3.181   1.00 18.08 ? 1   DG  B C2    1 
ATOM   223 N N2    . DG  B 1 1  ? -12.937 1.119   4.159   1.00 19.74 ? 1   DG  B N2    1 
ATOM   224 N N3    . DG  B 1 1  ? -12.229 3.242   3.488   1.00 21.57 ? 1   DG  B N3    1 
ATOM   225 C C4    . DG  B 1 1  ? -11.841 3.961   2.408   1.00 22.01 ? 1   DG  B C4    1 
ATOM   226 P P     . DC  B 1 2  ? -7.153  6.118   5.613   1.00 23.79 ? 2   DC  B P     1 
ATOM   227 O OP1   . DC  B 1 2  ? -6.391  6.822   6.692   1.00 28.05 ? 2   DC  B OP1   1 
ATOM   228 O OP2   . DC  B 1 2  ? -6.513  5.816   4.314   1.00 30.86 ? 2   DC  B OP2   1 
ATOM   229 O "O5'" . DC  B 1 2  ? -7.793  4.781   6.255   1.00 25.09 ? 2   DC  B "O5'" 1 
ATOM   230 C "C5'" . DC  B 1 2  ? -8.476  4.751   7.506   1.00 24.66 ? 2   DC  B "C5'" 1 
ATOM   231 C "C4'" . DC  B 1 2  ? -8.979  3.336   7.728   1.00 20.92 ? 2   DC  B "C4'" 1 
ATOM   232 O "O4'" . DC  B 1 2  ? -9.941  3.056   6.695   1.00 20.67 ? 2   DC  B "O4'" 1 
ATOM   233 C "C3'" . DC  B 1 2  ? -7.956  2.215   7.517   1.00 23.40 ? 2   DC  B "C3'" 1 
ATOM   234 O "O3'" . DC  B 1 2  ? -7.136  2.056   8.664   1.00 24.13 ? 2   DC  B "O3'" 1 
ATOM   235 C "C2'" . DC  B 1 2  ? -8.891  1.021   7.328   1.00 19.49 ? 2   DC  B "C2'" 1 
ATOM   236 C "C1'" . DC  B 1 2  ? -9.887  1.672   6.374   1.00 17.42 ? 2   DC  B "C1'" 1 
ATOM   237 N N1    . DC  B 1 2  ? -9.519  1.547   4.926   1.00 18.76 ? 2   DC  B N1    1 
ATOM   238 C C2    . DC  B 1 2  ? -9.794  0.325   4.297   1.00 18.10 ? 2   DC  B C2    1 
ATOM   239 O O2    . DC  B 1 2  ? -10.241 -0.585  4.984   1.00 17.86 ? 2   DC  B O2    1 
ATOM   240 N N3    . DC  B 1 2  ? -9.551  0.169   2.980   1.00 18.15 ? 2   DC  B N3    1 
ATOM   241 C C4    . DC  B 1 2  ? -9.017  1.201   2.310   1.00 20.55 ? 2   DC  B C4    1 
ATOM   242 N N4    . DC  B 1 2  ? -8.770  0.990   1.040   1.00 22.09 ? 2   DC  B N4    1 
ATOM   243 C C5    . DC  B 1 2  ? -8.704  2.459   2.915   1.00 21.23 ? 2   DC  B C5    1 
ATOM   244 C C6    . DC  B 1 2  ? -8.971  2.587   4.224   1.00 20.28 ? 2   DC  B C6    1 
ATOM   245 P P     . DG  B 1 3  ? -5.631  1.535   8.506   1.00 25.99 ? 3   DG  B P     1 
ATOM   246 O OP1   . DG  B 1 3  ? -5.049  1.446   9.855   1.00 25.40 ? 3   DG  B OP1   1 
ATOM   247 O OP2   . DG  B 1 3  ? -4.980  2.325   7.431   1.00 24.35 ? 3   DG  B OP2   1 
ATOM   248 O "O5'" . DG  B 1 3  ? -5.794  0.046   7.953   1.00 22.89 ? 3   DG  B "O5'" 1 
ATOM   249 C "C5'" . DG  B 1 3  ? -6.250  -0.929  8.884   1.00 20.31 ? 3   DG  B "C5'" 1 
ATOM   250 C "C4'" . DG  B 1 3  ? -6.546  -2.197  8.121   1.00 19.47 ? 3   DG  B "C4'" 1 
ATOM   251 O "O4'" . DG  B 1 3  ? -7.414  -1.919  7.000   1.00 21.26 ? 3   DG  B "O4'" 1 
ATOM   252 C "C3'" . DG  B 1 3  ? -5.331  -2.765  7.407   1.00 18.75 ? 3   DG  B "C3'" 1 
ATOM   253 O "O3'" . DG  B 1 3  ? -4.505  -3.400  8.383   1.00 21.26 ? 3   DG  B "O3'" 1 
ATOM   254 C "C2'" . DG  B 1 3  ? -6.031  -3.760  6.484   1.00 19.62 ? 3   DG  B "C2'" 1 
ATOM   255 C "C1'" . DG  B 1 3  ? -7.183  -2.894  6.001   1.00 20.75 ? 3   DG  B "C1'" 1 
ATOM   256 N N9    . DG  B 1 3  ? -6.921  -2.227  4.738   1.00 20.48 ? 3   DG  B N9    1 
ATOM   257 C C8    . DG  B 1 3  ? -6.600  -0.900  4.525   1.00 19.86 ? 3   DG  B C8    1 
ATOM   258 N N7    . DG  B 1 3  ? -6.390  -0.619  3.265   1.00 19.51 ? 3   DG  B N7    1 
ATOM   259 C C5    . DG  B 1 3  ? -6.482  -1.843  2.622   1.00 18.90 ? 3   DG  B C5    1 
ATOM   260 C C6    . DG  B 1 3  ? -6.355  -2.157  1.236   1.00 18.61 ? 3   DG  B C6    1 
ATOM   261 O O6    . DG  B 1 3  ? -6.081  -1.396  0.299   1.00 19.67 ? 3   DG  B O6    1 
ATOM   262 N N1    . DG  B 1 3  ? -6.504  -3.520  0.997   1.00 19.20 ? 3   DG  B N1    1 
ATOM   263 C C2    . DG  B 1 3  ? -6.828  -4.441  1.971   1.00 15.81 ? 3   DG  B C2    1 
ATOM   264 N N2    . DG  B 1 3  ? -6.899  -5.705  1.568   1.00 17.61 ? 3   DG  B N2    1 
ATOM   265 N N3    . DG  B 1 3  ? -6.985  -4.170  3.262   1.00 16.65 ? 3   DG  B N3    1 
ATOM   266 C C4    . DG  B 1 3  ? -6.842  -2.835  3.508   1.00 17.65 ? 3   DG  B C4    1 
ATOM   267 P P     . DT  B 1 4  ? -2.954  -3.671  8.097   1.00 21.35 ? 4   DT  B P     1 
ATOM   268 O OP1   . DT  B 1 4  ? -2.404  -4.245  9.357   1.00 24.59 ? 4   DT  B OP1   1 
ATOM   269 O OP2   . DT  B 1 4  ? -2.311  -2.426  7.554   1.00 21.05 ? 4   DT  B OP2   1 
ATOM   270 O "O5'" . DT  B 1 4  ? -2.979  -4.757  6.934   1.00 21.66 ? 4   DT  B "O5'" 1 
ATOM   271 C "C5'" . DT  B 1 4  ? -3.249  -6.112  7.222   1.00 25.98 ? 4   DT  B "C5'" 1 
ATOM   272 C "C4'" . DT  B 1 4  ? -3.233  -6.932  5.944   1.00 21.86 ? 4   DT  B "C4'" 1 
ATOM   273 O "O4'" . DT  B 1 4  ? -4.181  -6.439  4.981   1.00 22.94 ? 4   DT  B "O4'" 1 
ATOM   274 C "C3'" . DT  B 1 4  ? -1.923  -6.909  5.186   1.00 24.78 ? 4   DT  B "C3'" 1 
ATOM   275 O "O3'" . DT  B 1 4  ? -0.951  -7.741  5.841   1.00 25.13 ? 4   DT  B "O3'" 1 
ATOM   276 C "C2'" . DT  B 1 4  ? -2.395  -7.480  3.845   1.00 21.57 ? 4   DT  B "C2'" 1 
ATOM   277 C "C1'" . DT  B 1 4  ? -3.677  -6.666  3.682   1.00 22.31 ? 4   DT  B "C1'" 1 
ATOM   278 N N1    . DT  B 1 4  ? -3.498  -5.380  2.969   1.00 20.74 ? 4   DT  B N1    1 
ATOM   279 C C2    . DT  B 1 4  ? -3.383  -5.428  1.602   1.00 17.83 ? 4   DT  B C2    1 
ATOM   280 O O2    . DT  B 1 4  ? -3.418  -6.480  1.007   1.00 24.17 ? 4   DT  B O2    1 
ATOM   281 N N3    . DT  B 1 4  ? -3.228  -4.225  0.972   1.00 19.08 ? 4   DT  B N3    1 
ATOM   282 C C4    . DT  B 1 4  ? -3.077  -3.003  1.612   1.00 18.68 ? 4   DT  B C4    1 
ATOM   283 O O4    . DT  B 1 4  ? -2.857  -1.979  0.984   1.00 23.10 ? 4   DT  B O4    1 
ATOM   284 C C5    . DT  B 1 4  ? -3.118  -3.026  3.061   1.00 18.49 ? 4   DT  B C5    1 
ATOM   285 C C7    . DT  B 1 4  ? -2.997  -1.746  3.870   1.00 19.69 ? 4   DT  B C7    1 
ATOM   286 C C6    . DT  B 1 4  ? -3.329  -4.192  3.652   1.00 19.85 ? 4   DT  B C6    1 
ATOM   287 P P     . DA  B 1 5  ? 0.594   -7.505  5.538   1.00 28.04 ? 5   DA  B P     1 
ATOM   288 O OP1   . DA  B 1 5  ? 1.327   -8.476  6.398   1.00 32.05 ? 5   DA  B OP1   1 
ATOM   289 O OP2   . DA  B 1 5  ? 0.928   -6.050  5.595   1.00 25.65 ? 5   DA  B OP2   1 
ATOM   290 O "O5'" . DA  B 1 5  ? 0.810   -7.922  4.035   1.00 24.88 ? 5   DA  B "O5'" 1 
ATOM   291 C "C5'" . DA  B 1 5  ? 0.483   -9.235  3.599   1.00 26.24 ? 5   DA  B "C5'" 1 
ATOM   292 C "C4'" . DA  B 1 5  ? 0.688   -9.272  2.109   1.00 23.26 ? 5   DA  B "C4'" 1 
ATOM   293 O "O4'" . DA  B 1 5  ? -0.261  -8.373  1.533   1.00 24.91 ? 5   DA  B "O4'" 1 
ATOM   294 C "C3'" . DA  B 1 5  ? 2.018   -8.741  1.616   1.00 24.21 ? 5   DA  B "C3'" 1 
ATOM   295 O "O3'" . DA  B 1 5  ? 2.910   -9.820  1.661   1.00 30.46 ? 5   DA  B "O3'" 1 
ATOM   296 C "C2'" . DA  B 1 5  ? 1.674   -8.482  0.153   1.00 23.72 ? 5   DA  B "C2'" 1 
ATOM   297 C "C1'" . DA  B 1 5  ? 0.270   -7.872  0.322   1.00 22.99 ? 5   DA  B "C1'" 1 
ATOM   298 N N9    . DA  B 1 5  ? 0.271   -6.423  0.452   1.00 22.35 ? 5   DA  B N9    1 
ATOM   299 C C8    . DA  B 1 5  ? 0.186   -5.670  1.607   1.00 21.74 ? 5   DA  B C8    1 
ATOM   300 N N7    . DA  B 1 5  ? 0.088   -4.372  1.353   1.00 20.58 ? 5   DA  B N7    1 
ATOM   301 C C5    . DA  B 1 5  ? 0.128   -4.311  -0.038  1.00 20.66 ? 5   DA  B C5    1 
ATOM   302 C C6    . DA  B 1 5  ? 0.116   -3.219  -0.936  1.00 19.15 ? 5   DA  B C6    1 
ATOM   303 N N6    . DA  B 1 5  ? 0.008   -1.968  -0.487  1.00 23.81 ? 5   DA  B N6    1 
ATOM   304 N N1    . DA  B 1 5  ? 0.231   -3.484  -2.270  1.00 20.21 ? 5   DA  B N1    1 
ATOM   305 C C2    . DA  B 1 5  ? 0.318   -4.767  -2.685  1.00 18.24 ? 5   DA  B C2    1 
ATOM   306 N N3    . DA  B 1 5  ? 0.307   -5.879  -1.938  1.00 22.07 ? 5   DA  B N3    1 
ATOM   307 C C4    . DA  B 1 5  ? 0.287   -5.558  -0.610  1.00 20.54 ? 5   DA  B C4    1 
HETATM 308 P P     . CSM B 1 6  ? 4.431   -9.568  2.015   1.00 26.67 ? 6   CSM B P     1 
HETATM 309 N N1    . CSM B 1 6  ? 4.178   -5.205  -1.648  1.00 24.21 ? 6   CSM B N1    1 
HETATM 310 C C2    . CSM B 1 6  ? 3.989   -4.047  -2.327  1.00 22.54 ? 6   CSM B C2    1 
HETATM 311 O O2    . CSM B 1 6  ? 4.261   -4.025  -3.650  1.00 23.43 ? 6   CSM B O2    1 
HETATM 312 N N3    . CSM B 1 6  ? 3.558   -2.920  -1.726  1.00 19.55 ? 6   CSM B N3    1 
HETATM 313 C C4    . CSM B 1 6  ? 3.306   -2.943  -0.413  1.00 21.64 ? 6   CSM B C4    1 
HETATM 314 O O4    . CSM B 1 6  ? 2.964   -1.802  0.198   1.00 26.70 ? 6   CSM B O4    1 
HETATM 315 C C5    . CSM B 1 6  ? 3.510   -4.122  0.321   1.00 25.07 ? 6   CSM B C5    1 
HETATM 316 C C6    . CSM B 1 6  ? 3.955   -5.259  -0.338  1.00 25.32 ? 6   CSM B C6    1 
HETATM 317 C "C1'" . CSM B 1 6  ? 4.564   -6.390  -2.410  1.00 24.12 ? 6   CSM B "C1'" 1 
HETATM 318 C "C2'" . CSM B 1 6  ? 6.063   -6.541  -2.582  1.00 26.79 ? 6   CSM B "C2'" 1 
HETATM 319 O O2A   . CSM B 1 6  ? 6.197   -7.562  -3.585  1.00 26.36 ? 6   CSM B O2A   1 
HETATM 320 C "C3'" . CSM B 1 6  ? 6.402   -7.255  -1.291  1.00 26.79 ? 6   CSM B "C3'" 1 
HETATM 321 O "O3'" . CSM B 1 6  ? 7.747   -7.757  -1.344  1.00 29.37 ? 6   CSM B "O3'" 1 
HETATM 322 C "C4'" . CSM B 1 6  ? 5.382   -8.331  -1.567  1.00 27.38 ? 6   CSM B "C4'" 1 
HETATM 323 O "O4'" . CSM B 1 6  ? 4.176   -7.577  -1.687  1.00 26.31 ? 6   CSM B "O4'" 1 
HETATM 324 C "C5'" . CSM B 1 6  ? 5.286   -9.388  -0.479  1.00 24.82 ? 6   CSM B "C5'" 1 
HETATM 325 O "O5'" . CSM B 1 6  ? 5.005   -8.753  0.770   1.00 27.05 ? 6   CSM B "O5'" 1 
HETATM 326 C "C6'" . CSM B 1 6  ? 5.695   -8.779  -3.001  1.00 27.68 ? 6   CSM B "C6'" 1 
HETATM 327 C "C7'" . CSM B 1 6  ? 6.764   -9.867  -3.090  1.00 31.47 ? 6   CSM B "C7'" 1 
HETATM 328 O "O8'" . CSM B 1 6  ? 6.817   -10.377 -4.420  1.00 32.97 ? 6   CSM B "O8'" 1 
HETATM 329 C "C9'" . CSM B 1 6  ? 7.229   -11.739 -4.413  1.00 35.34 ? 6   CSM B "C9'" 1 
HETATM 330 O OP1   . CSM B 1 6  ? 5.106   -10.946 2.027   1.00 30.27 ? 6   CSM B OP1   1 
HETATM 331 O OP2   . CSM B 1 6  ? 4.530   -8.728  3.269   1.00 26.25 ? 6   CSM B OP2   1 
ATOM   332 P P     . DA  B 1 7  ? 8.935   -6.861  -0.771  1.00 25.65 ? 7   DA  B P     1 
ATOM   333 O OP1   . DA  B 1 7  ? 10.135  -7.725  -0.675  1.00 30.31 ? 7   DA  B OP1   1 
ATOM   334 O OP2   . DA  B 1 7  ? 8.511   -6.141  0.456   1.00 25.03 ? 7   DA  B OP2   1 
ATOM   335 O "O5'" . DA  B 1 7  ? 9.222   -5.827  -1.941  1.00 25.50 ? 7   DA  B "O5'" 1 
ATOM   336 C "C5'" . DA  B 1 7  ? 9.611   -6.276  -3.250  1.00 23.20 ? 7   DA  B "C5'" 1 
ATOM   337 C "C4'" . DA  B 1 7  ? 9.571   -5.116  -4.229  1.00 25.05 ? 7   DA  B "C4'" 1 
ATOM   338 O "O4'" . DA  B 1 7  ? 8.227   -4.610  -4.404  1.00 24.70 ? 7   DA  B "O4'" 1 
ATOM   339 C "C3'" . DA  B 1 7  ? 10.354  -3.905  -3.783  1.00 25.71 ? 7   DA  B "C3'" 1 
ATOM   340 O "O3'" . DA  B 1 7  ? 11.730  -4.106  -4.078  1.00 28.27 ? 7   DA  B "O3'" 1 
ATOM   341 C "C2'" . DA  B 1 7  ? 9.754   -2.843  -4.698  1.00 27.22 ? 7   DA  B "C2'" 1 
ATOM   342 C "C1'" . DA  B 1 7  ? 8.287   -3.221  -4.682  1.00 23.02 ? 7   DA  B "C1'" 1 
ATOM   343 N N9    . DA  B 1 7  ? 7.606   -2.533  -3.601  1.00 21.81 ? 7   DA  B N9    1 
ATOM   344 C C8    . DA  B 1 7  ? 7.343   -3.021  -2.354  1.00 19.13 ? 7   DA  B C8    1 
ATOM   345 N N7    . DA  B 1 7  ? 6.704   -2.172  -1.569  1.00 18.87 ? 7   DA  B N7    1 
ATOM   346 C C5    . DA  B 1 7  ? 6.525   -1.055  -2.380  1.00 19.88 ? 7   DA  B C5    1 
ATOM   347 C C6    . DA  B 1 7  ? 5.943   0.217   -2.135  1.00 19.54 ? 7   DA  B C6    1 
ATOM   348 N N6    . DA  B 1 7  ? 5.315   0.569   -0.982  1.00 18.10 ? 7   DA  B N6    1 
ATOM   349 N N1    . DA  B 1 7  ? 6.007   1.114   -3.159  1.00 19.58 ? 7   DA  B N1    1 
ATOM   350 C C2    . DA  B 1 7  ? 6.545   0.751   -4.328  1.00 20.17 ? 7   DA  B C2    1 
ATOM   351 N N3    . DA  B 1 7  ? 7.140   -0.396  -4.662  1.00 21.24 ? 7   DA  B N3    1 
ATOM   352 C C4    . DA  B 1 7  ? 7.041   -1.283  -3.648  1.00 20.60 ? 7   DA  B C4    1 
ATOM   353 P P     . DC  B 1 8  ? 12.820  -3.476  -3.090  1.00 29.58 ? 8   DC  B P     1 
ATOM   354 O OP1   . DC  B 1 8  ? 14.127  -3.937  -3.592  1.00 32.05 ? 8   DC  B OP1   1 
ATOM   355 O OP2   . DC  B 1 8  ? 12.420  -3.716  -1.689  1.00 27.94 ? 8   DC  B OP2   1 
ATOM   356 O "O5'" . DC  B 1 8  ? 12.695  -1.892  -3.368  1.00 25.66 ? 8   DC  B "O5'" 1 
ATOM   357 C "C5'" . DC  B 1 8  ? 13.000  -1.301  -4.642  1.00 24.91 ? 8   DC  B "C5'" 1 
ATOM   358 C "C4'" . DC  B 1 8  ? 12.477  0.119   -4.630  1.00 22.47 ? 8   DC  B "C4'" 1 
ATOM   359 O "O4'" . DC  B 1 8  ? 11.048  0.098   -4.425  1.00 20.92 ? 8   DC  B "O4'" 1 
ATOM   360 C "C3'" . DC  B 1 8  ? 12.973  0.970   -3.485  1.00 22.25 ? 8   DC  B "C3'" 1 
ATOM   361 O "O3'" . DC  B 1 8  ? 14.281  1.397   -3.881  1.00 26.57 ? 8   DC  B "O3'" 1 
ATOM   362 C "C2'" . DC  B 1 8  ? 11.931  2.098   -3.540  1.00 21.41 ? 8   DC  B "C2'" 1 
ATOM   363 C "C1'" . DC  B 1 8  ? 10.641  1.308   -3.828  1.00 18.97 ? 8   DC  B "C1'" 1 
ATOM   364 N N1    . DC  B 1 8  ? 9.927   1.036   -2.595  1.00 16.93 ? 8   DC  B N1    1 
ATOM   365 C C2    . DC  B 1 8  ? 9.128   2.076   -2.094  1.00 19.32 ? 8   DC  B C2    1 
ATOM   366 O O2    . DC  B 1 8  ? 8.997   3.100   -2.774  1.00 18.15 ? 8   DC  B O2    1 
ATOM   367 N N3    . DC  B 1 8  ? 8.512   1.913   -0.895  1.00 18.26 ? 8   DC  B N3    1 
ATOM   368 C C4    . DC  B 1 8  ? 8.724   0.797   -0.194  1.00 19.39 ? 8   DC  B C4    1 
ATOM   369 N N4    . DC  B 1 8  ? 8.070   0.662   0.954   1.00 23.20 ? 8   DC  B N4    1 
ATOM   370 C C5    . DC  B 1 8  ? 9.565   -0.269  -0.681  1.00 17.29 ? 8   DC  B C5    1 
ATOM   371 C C6    . DC  B 1 8  ? 10.154  -0.097  -1.853  1.00 20.50 ? 8   DC  B C6    1 
ATOM   372 P P     . DG  B 1 9  ? 15.220  2.241   -2.910  1.00 27.97 ? 9   DG  B P     1 
ATOM   373 O OP1   . DG  B 1 9  ? 16.500  2.440   -3.623  1.00 31.62 ? 9   DG  B OP1   1 
ATOM   374 O OP2   . DG  B 1 9  ? 15.250  1.685   -1.551  1.00 25.74 ? 9   DG  B OP2   1 
ATOM   375 O "O5'" . DG  B 1 9  ? 14.424  3.621   -2.986  1.00 26.95 ? 9   DG  B "O5'" 1 
ATOM   376 C "C5'" . DG  B 1 9  ? 14.507  4.490   -1.976  1.00 26.33 ? 9   DG  B "C5'" 1 
ATOM   377 C "C4'" . DG  B 1 9  ? 13.617  5.670   -2.299  1.00 22.34 ? 9   DG  B "C4'" 1 
ATOM   378 O "O4'" . DG  B 1 9  ? 12.245  5.203   -2.304  1.00 20.90 ? 9   DG  B "O4'" 1 
ATOM   379 C "C3'" . DG  B 1 9  ? 13.744  6.635   -1.147  1.00 18.74 ? 9   DG  B "C3'" 1 
ATOM   380 O "O3'" . DG  B 1 9  ? 14.716  7.648   -1.520  1.00 21.30 ? 9   DG  B "O3'" 1 
ATOM   381 C "C2'" . DG  B 1 9  ? 12.342  7.183   -0.941  1.00 19.29 ? 9   DG  B "C2'" 1 
ATOM   382 C "C1'" . DG  B 1 9  ? 11.510  5.972   -1.350  1.00 18.34 ? 9   DG  B "C1'" 1 
ATOM   383 N N9    . DG  B 1 9  ? 11.139  5.106   -0.244  1.00 17.30 ? 9   DG  B N9    1 
ATOM   384 C C8    . DG  B 1 9  ? 11.384  3.766   -0.114  1.00 19.42 ? 9   DG  B C8    1 
ATOM   385 N N7    . DG  B 1 9  ? 10.843  3.252   0.955   1.00 18.88 ? 9   DG  B N7    1 
ATOM   386 C C5    . DG  B 1 9  ? 10.086  4.286   1.516   1.00 17.58 ? 9   DG  B C5    1 
ATOM   387 C C6    . DG  B 1 9  ? 9.251   4.367   2.667   1.00 16.35 ? 9   DG  B C6    1 
ATOM   388 O O6    . DG  B 1 9  ? 8.841   3.472   3.428   1.00 20.08 ? 9   DG  B O6    1 
ATOM   389 N N1    . DG  B 1 9  ? 8.726   5.640   2.847   1.00 17.59 ? 9   DG  B N1    1 
ATOM   390 C C2    . DG  B 1 9  ? 9.035   6.748   2.073   1.00 15.74 ? 9   DG  B C2    1 
ATOM   391 N N2    . DG  B 1 9  ? 8.480   7.921   2.416   1.00 18.29 ? 9   DG  B N2    1 
ATOM   392 N N3    . DG  B 1 9  ? 9.741   6.663   0.958   1.00 16.24 ? 9   DG  B N3    1 
ATOM   393 C C4    . DG  B 1 9  ? 10.295  5.447   0.784   1.00 16.94 ? 9   DG  B C4    1 
ATOM   394 P P     . DC  B 1 10 ? 15.673  8.181   -0.357  1.00 21.90 ? 10  DC  B P     1 
ATOM   395 O OP1   . DC  B 1 10 ? 16.565  9.155   -1.043  1.00 23.58 ? 10  DC  B OP1   1 
ATOM   396 O OP2   . DC  B 1 10 ? 16.160  7.082   0.488   1.00 21.56 ? 10  DC  B OP2   1 
ATOM   397 O "O5'" . DC  B 1 10 ? 14.654  8.994   0.546   1.00 18.92 ? 10  DC  B "O5'" 1 
ATOM   398 C "C5'" . DC  B 1 10 ? 14.061  10.206  0.103   1.00 20.23 ? 10  DC  B "C5'" 1 
ATOM   399 C "C4'" . DC  B 1 10 ? 13.248  10.778  1.245   1.00 17.48 ? 10  DC  B "C4'" 1 
ATOM   400 O "O4'" . DC  B 1 10 ? 12.175  9.845   1.497   1.00 20.27 ? 10  DC  B "O4'" 1 
ATOM   401 C "C3'" . DC  B 1 10 ? 13.974  10.897  2.573   1.00 19.59 ? 10  DC  B "C3'" 1 
ATOM   402 O "O3'" . DC  B 1 10 ? 14.609  12.167  2.693   1.00 19.75 ? 10  DC  B "O3'" 1 
ATOM   403 C "C2'" . DC  B 1 10 ? 12.803  10.837  3.544   1.00 19.81 ? 10  DC  B "C2'" 1 
ATOM   404 C "C1'" . DC  B 1 10 ? 11.834  9.877   2.862   1.00 19.53 ? 10  DC  B "C1'" 1 
ATOM   405 N N1    . DC  B 1 10 ? 11.870  8.469   3.404   1.00 16.39 ? 10  DC  B N1    1 
ATOM   406 C C2    . DC  B 1 10 ? 11.077  8.183   4.507   1.00 19.30 ? 10  DC  B C2    1 
ATOM   407 O O2    . DC  B 1 10 ? 10.448  9.095   5.064   1.00 21.69 ? 10  DC  B O2    1 
ATOM   408 N N3    . DC  B 1 10 ? 11.055  6.918   4.970   1.00 19.89 ? 10  DC  B N3    1 
ATOM   409 C C4    . DC  B 1 10 ? 11.746  5.962   4.356   1.00 16.07 ? 10  DC  B C4    1 
ATOM   410 N N4    . DC  B 1 10 ? 11.600  4.738   4.860   1.00 18.74 ? 10  DC  B N4    1 
ATOM   411 C C5    . DC  B 1 10 ? 12.584  6.238   3.242   1.00 17.26 ? 10  DC  B C5    1 
ATOM   412 C C6    . DC  B 1 10 ? 12.609  7.496   2.793   1.00 18.01 ? 10  DC  B C6    1 
HETATM 413 O O     . HOH C 2 .  ? -14.663 -11.518 1.303   1.00 17.67 ? 101 HOH A O     1 
HETATM 414 O O     . HOH C 2 .  ? 0.771   6.871   -3.651  1.00 25.48 ? 102 HOH A O     1 
HETATM 415 O O     . HOH C 2 .  ? 1.539   6.726   4.334   1.00 31.86 ? 103 HOH A O     1 
HETATM 416 O O     . HOH C 2 .  ? -0.365  7.680   0.345   1.00 33.41 ? 104 HOH A O     1 
HETATM 417 O O     . HOH C 2 .  ? -13.467 -5.522  -2.901  1.00 26.36 ? 105 HOH A O     1 
HETATM 418 O O     . HOH C 2 .  ? -9.666  -3.902  -6.278  1.00 33.12 ? 106 HOH A O     1 
HETATM 419 O O     . HOH C 2 .  ? -18.512 -7.644  1.869   1.00 21.88 ? 107 HOH A O     1 
HETATM 420 O O     . HOH C 2 .  ? -3.884  1.496   -7.500  1.00 35.73 ? 108 HOH A O     1 
HETATM 421 O O     . HOH C 2 .  ? 0.199   8.539   -10.471 1.00 25.95 ? 109 HOH A O     1 
HETATM 422 O O     . HOH C 2 .  ? 7.191   11.134  4.695   1.00 24.20 ? 110 HOH A O     1 
HETATM 423 O O     . HOH C 2 .  ? -2.286  1.762   -1.325  1.00 28.61 ? 111 HOH A O     1 
HETATM 424 O O     . HOH C 2 .  ? 2.648   11.806  -7.867  1.00 30.76 ? 112 HOH A O     1 
HETATM 425 O O     . HOH C 2 .  ? -14.935 -11.331 -2.001  0.60 20.98 ? 113 HOH A O     1 
HETATM 426 O O     . HOH C 2 .  ? 0.711   -5.777  -6.595  1.00 30.27 ? 114 HOH A O     1 
HETATM 427 O O     . HOH C 2 .  ? -6.856  -0.445  -4.899  1.00 26.21 ? 115 HOH A O     1 
HETATM 428 O O     . HOH C 2 .  ? 0.753   12.476  -5.434  1.00 39.71 ? 116 HOH A O     1 
HETATM 429 O O     . HOH C 2 .  ? -6.555  -1.994  -7.288  1.00 25.36 ? 117 HOH A O     1 
HETATM 430 O O     . HOH C 2 .  ? -4.324  0.112   -5.093  1.00 36.62 ? 118 HOH A O     1 
HETATM 431 O O     . HOH C 2 .  ? -9.876  -2.981  -3.632  1.00 27.91 ? 119 HOH A O     1 
HETATM 432 O O     . HOH C 2 .  ? -12.474 -2.752  -3.351  1.00 27.53 ? 120 HOH A O     1 
HETATM 433 O O     . HOH C 2 .  ? -9.461  -0.397  -2.675  1.00 33.04 ? 121 HOH A O     1 
HETATM 434 O O     . HOH C 2 .  ? -13.837 -15.934 4.026   0.50 32.80 ? 122 HOH A O     1 
HETATM 435 O O     . HOH C 2 .  ? 4.631   -0.044  -7.973  1.00 32.23 ? 123 HOH A O     1 
HETATM 436 O O     . HOH C 2 .  ? 3.359   3.293   4.177   1.00 32.53 ? 124 HOH A O     1 
HETATM 437 O O     . HOH C 2 .  ? -7.143  -7.997  -11.307 1.00 75.29 ? 125 HOH A O     1 
HETATM 438 O O     . HOH C 2 .  ? -18.392 -7.726  5.550   1.00 29.88 ? 126 HOH A O     1 
HETATM 439 O O     . HOH C 2 .  ? -13.391 -8.144  5.450   1.00 45.96 ? 127 HOH A O     1 
HETATM 440 O O     . HOH C 2 .  ? -13.785 -3.802  -7.051  1.00 36.85 ? 128 HOH A O     1 
HETATM 441 O O     . HOH C 2 .  ? -14.582 -11.094 -4.159  0.60 28.85 ? 129 HOH A O     1 
HETATM 442 O O     . HOH C 2 .  ? -7.971  -9.275  -2.015  0.50 43.85 ? 130 HOH A O     1 
HETATM 443 O O     . HOH C 2 .  ? -11.055 -6.210  4.544   0.50 19.91 ? 131 HOH A O     1 
HETATM 444 O O     . HOH C 2 .  ? -0.252  3.223   -1.606  0.50 19.19 ? 132 HOH A O     1 
HETATM 445 O O     . HOH C 2 .  ? -10.791 -7.519  -9.099  0.50 26.87 ? 133 HOH A O     1 
HETATM 446 O O     . HOH C 2 .  ? 3.477   -0.229  -10.415 0.50 25.22 ? 134 HOH A O     1 
HETATM 447 O O     . HOH C 2 .  ? -12.885 -14.171 4.727   0.50 21.71 ? 135 HOH A O     1 
HETATM 448 O O     . HOH D 2 .  ? 11.519  0.917   2.234   1.00 27.87 ? 101 HOH B O     1 
HETATM 449 O O     . HOH D 2 .  ? -5.239  1.755   2.595   1.00 30.08 ? 102 HOH B O     1 
HETATM 450 O O     . HOH D 2 .  ? 0.488   -2.460  3.255   1.00 33.72 ? 103 HOH B O     1 
HETATM 451 O O     . HOH D 2 .  ? 6.407   -2.239  1.317   1.00 28.31 ? 104 HOH B O     1 
HETATM 452 O O     . HOH D 2 .  ? 7.129   -0.940  -7.335  1.00 27.48 ? 105 HOH B O     1 
HETATM 453 O O     . HOH D 2 .  ? 9.832   11.740  5.198   1.00 22.43 ? 106 HOH B O     1 
HETATM 454 O O     . HOH D 2 .  ? 9.116   0.908   4.447   1.00 29.16 ? 107 HOH B O     1 
HETATM 455 O O     . HOH D 2 .  ? -0.215  -2.888  5.811   1.00 36.28 ? 108 HOH B O     1 
HETATM 456 O O     . HOH D 2 .  ? 6.661   -4.950  2.207   1.00 33.83 ? 109 HOH B O     1 
HETATM 457 O O     . HOH D 2 .  ? 4.405   -6.097  2.756   1.00 32.00 ? 110 HOH B O     1 
HETATM 458 O O     . HOH D 2 .  ? 14.421  3.805   1.663   1.00 39.78 ? 111 HOH B O     1 
HETATM 459 O O     . HOH D 2 .  ? 0.428   -4.351  9.724   1.00 28.88 ? 112 HOH B O     1 
HETATM 460 O O     . HOH D 2 .  ? -4.434  -6.249  10.825  1.00 55.89 ? 113 HOH B O     1 
HETATM 461 O O     . HOH D 2 .  ? 6.550   -5.607  -6.948  1.00 40.06 ? 114 HOH B O     1 
HETATM 462 O O     . HOH D 2 .  ? -2.677  0.692   1.254   1.00 32.88 ? 115 HOH B O     1 
HETATM 463 O O     . HOH D 2 .  ? 12.721  -1.109  1.006   1.00 43.88 ? 116 HOH B O     1 
HETATM 464 O O     . HOH D 2 .  ? -7.785  -6.452  4.905   0.50 21.76 ? 117 HOH B O     1 
HETATM 465 O O     . HOH D 2 .  ? 13.237  2.533   3.705   0.50 20.93 ? 118 HOH B O     1 
# 
loop_
_atom_site_anisotrop.id 
_atom_site_anisotrop.type_symbol 
_atom_site_anisotrop.pdbx_label_atom_id 
_atom_site_anisotrop.pdbx_label_alt_id 
_atom_site_anisotrop.pdbx_label_comp_id 
_atom_site_anisotrop.pdbx_label_asym_id 
_atom_site_anisotrop.pdbx_label_seq_id 
_atom_site_anisotrop.pdbx_PDB_ins_code 
_atom_site_anisotrop.U[1][1] 
_atom_site_anisotrop.U[2][2] 
_atom_site_anisotrop.U[3][3] 
_atom_site_anisotrop.U[1][2] 
_atom_site_anisotrop.U[1][3] 
_atom_site_anisotrop.U[2][3] 
_atom_site_anisotrop.pdbx_auth_seq_id 
_atom_site_anisotrop.pdbx_auth_comp_id 
_atom_site_anisotrop.pdbx_auth_asym_id 
_atom_site_anisotrop.pdbx_auth_atom_id 
1   O "O5'" . DG  A 1  ? 0.4709 0.3649 0.5039 -0.0227 0.0128  0.0623  1   DG  A "O5'" 
2   C "C5'" . DG  A 1  ? 0.4310 0.3945 0.4412 -0.0243 0.0086  0.0521  1   DG  A "C5'" 
3   C "C4'" . DG  A 1  ? 0.3926 0.4332 0.3893 -0.0104 0.0133  0.0479  1   DG  A "C4'" 
4   O "O4'" . DG  A 1  ? 0.3894 0.4154 0.2985 -0.0130 0.0493  0.0525  1   DG  A "O4'" 
5   C "C3'" . DG  A 1  ? 0.3778 0.3935 0.3580 0.0018  0.0302  0.0306  1   DG  A "C3'" 
6   O "O3'" . DG  A 1  ? 0.4326 0.4054 0.4251 0.0002  0.0272  0.0389  1   DG  A "O3'" 
7   C "C2'" . DG  A 1  ? 0.3662 0.3704 0.3222 0.0111  0.0320  0.0071  1   DG  A "C2'" 
8   C "C1'" . DG  A 1  ? 0.3398 0.3198 0.2751 0.0098  0.0413  0.0392  1   DG  A "C1'" 
9   N N9    . DG  A 1  ? 0.3327 0.2883 0.2833 -0.0013 0.0108  0.0347  1   DG  A N9    
10  C C8    . DG  A 1  ? 0.3418 0.2962 0.3303 0.0551  0.0296  0.0028  1   DG  A C8    
11  N N7    . DG  A 1  ? 0.4014 0.2922 0.3915 0.0109  0.0433  0.0033  1   DG  A N7    
12  C C5    . DG  A 1  ? 0.3590 0.2766 0.3099 0.0139  0.0381  0.0142  1   DG  A C5    
13  C C6    . DG  A 1  ? 0.3032 0.2444 0.3332 -0.0171 0.0301  -0.0114 1   DG  A C6    
14  O O6    . DG  A 1  ? 0.3067 0.2554 0.4181 -0.0176 0.0481  0.0132  1   DG  A O6    
15  N N1    . DG  A 1  ? 0.2947 0.2272 0.2115 -0.0307 0.0092  0.0250  1   DG  A N1    
16  C C2    . DG  A 1  ? 0.3102 0.2845 0.3213 0.0041  0.0140  0.0228  1   DG  A C2    
17  N N2    . DG  A 1  ? 0.3012 0.2568 0.2587 -0.0319 -0.0041 0.0344  1   DG  A N2    
18  N N3    . DG  A 1  ? 0.3166 0.3077 0.3220 0.0195  -0.0013 -0.0010 1   DG  A N3    
19  C C4    . DG  A 1  ? 0.2885 0.3097 0.3152 0.0153  -0.0048 0.0218  1   DG  A C4    
20  P P     . DC  A 2  ? 0.3974 0.4398 0.4563 0.0306  0.0415  0.0139  2   DC  A P     
21  O OP1   . DC  A 2  ? 0.4422 0.3827 0.4267 0.0629  0.0525  0.0347  2   DC  A OP1   
22  O OP2   . DC  A 2  ? 0.3619 0.3633 0.5299 -0.0433 -0.0174 0.0409  2   DC  A OP2   
23  O "O5'" . DC  A 2  ? 0.3993 0.3840 0.4535 -0.0128 0.0205  0.0161  2   DC  A "O5'" 
24  C "C5'" . DC  A 2  ? 0.3642 0.3273 0.3982 -0.0315 0.0258  0.0477  2   DC  A "C5'" 
25  C "C4'" . DC  A 2  ? 0.2890 0.3041 0.3551 -0.0174 0.0082  0.0347  2   DC  A "C4'" 
26  O "O4'" . DC  A 2  ? 0.3092 0.3324 0.3193 0.0123  0.0530  -0.0032 2   DC  A "O4'" 
27  C "C3'" . DC  A 2  ? 0.2530 0.3034 0.3166 0.0309  0.0392  0.0413  2   DC  A "C3'" 
28  O "O3'" . DC  A 2  ? 0.3070 0.3086 0.3718 0.0179  0.0334  0.0394  2   DC  A "O3'" 
29  C "C2'" . DC  A 2  ? 0.2801 0.2685 0.3339 -0.0142 -0.0004 0.0239  2   DC  A "C2'" 
30  C "C1'" . DC  A 2  ? 0.3358 0.2812 0.2881 -0.0048 -0.0067 0.0230  2   DC  A "C1'" 
31  N N1    . DC  A 2  ? 0.3168 0.2625 0.2691 -0.0251 0.0072  0.0223  2   DC  A N1    
32  C C2    . DC  A 2  ? 0.2910 0.2093 0.2788 0.0140  0.0134  0.0097  2   DC  A C2    
33  O O2    . DC  A 2  ? 0.2653 0.2767 0.3028 -0.0508 0.0375  -0.0011 2   DC  A O2    
34  N N3    . DC  A 2  ? 0.3114 0.2385 0.2246 -0.0061 -0.0057 -0.0039 2   DC  A N3    
35  C C4    . DC  A 2  ? 0.2802 0.2428 0.2688 -0.0195 0.0217  0.0028  2   DC  A C4    
36  N N4    . DC  A 2  ? 0.2987 0.2814 0.3117 -0.0121 -0.0133 -0.0259 2   DC  A N4    
37  C C5    . DC  A 2  ? 0.2925 0.2976 0.2991 -0.0091 -0.0037 0.0003  2   DC  A C5    
38  C C6    . DC  A 2  ? 0.2685 0.3027 0.2846 -0.0263 0.0000  0.0106  2   DC  A C6    
39  P P     . DG  A 3  ? 0.3811 0.3813 0.3852 0.0090  0.0081  0.0100  3   DG  A P     
40  O OP1   . DG  A 3  ? 0.3875 0.3670 0.3871 0.0600  -0.0084 0.0342  3   DG  A OP1   
41  O OP2   . DG  A 3  ? 0.3134 0.3752 0.4689 -0.0625 0.0182  -0.0006 3   DG  A OP2   
42  O "O5'" . DG  A 3  ? 0.3531 0.4099 0.3954 0.0230  0.0314  -0.0241 3   DG  A "O5'" 
43  C "C5'" . DG  A 3  ? 0.2581 0.3817 0.3317 0.0469  0.0126  -0.0514 3   DG  A "C5'" 
44  C "C4'" . DG  A 3  ? 0.2850 0.3331 0.2963 0.0063  -0.0038 0.0030  3   DG  A "C4'" 
45  O "O4'" . DG  A 3  ? 0.2886 0.3291 0.3018 0.0237  -0.0101 -0.0460 3   DG  A "O4'" 
46  C "C3'" . DG  A 3  ? 0.2953 0.3590 0.2614 0.0302  -0.0106 0.0066  3   DG  A "C3'" 
47  O "O3'" . DG  A 3  ? 0.3311 0.3019 0.2860 0.0245  0.0420  0.0004  3   DG  A "O3'" 
48  C "C2'" . DG  A 3  ? 0.2791 0.2944 0.2248 0.0372  -0.0026 -0.0157 3   DG  A "C2'" 
49  C "C1'" . DG  A 3  ? 0.2601 0.2381 0.2304 0.0321  -0.0355 -0.0387 3   DG  A "C1'" 
50  N N9    . DG  A 3  ? 0.2689 0.2436 0.2652 0.0164  -0.0042 0.0011  3   DG  A N9    
51  C C8    . DG  A 3  ? 0.2241 0.2320 0.2936 -0.0011 -0.0131 -0.0205 3   DG  A C8    
52  N N7    . DG  A 3  ? 0.2520 0.2220 0.2980 0.0129  0.0074  -0.0237 3   DG  A N7    
53  C C5    . DG  A 3  ? 0.2227 0.2195 0.2902 0.0057  -0.0203 -0.0194 3   DG  A C5    
54  C C6    . DG  A 3  ? 0.2172 0.2047 0.2615 -0.0111 -0.0315 -0.0174 3   DG  A C6    
55  O O6    . DG  A 3  ? 0.2771 0.2708 0.2459 0.0018  0.0236  0.0228  3   DG  A O6    
56  N N1    . DG  A 3  ? 0.2187 0.2798 0.2731 -0.0062 -0.0265 -0.0074 3   DG  A N1    
57  C C2    . DG  A 3  ? 0.2027 0.2090 0.2571 0.0011  -0.0262 -0.0231 3   DG  A C2    
58  N N2    . DG  A 3  ? 0.1805 0.2599 0.2940 -0.0131 -0.0146 -0.0107 3   DG  A N2    
59  N N3    . DG  A 3  ? 0.2524 0.2184 0.2932 -0.0183 -0.0475 -0.0387 3   DG  A N3    
60  C C4    . DG  A 3  ? 0.2683 0.1882 0.2807 0.0193  -0.0067 -0.0205 3   DG  A C4    
61  P P     . DT  A 4  ? 0.2744 0.2752 0.2805 0.0219  0.0243  0.0020  4   DT  A P     
62  O OP1   . DT  A 4  ? 0.3778 0.3190 0.2495 0.0533  0.0598  0.0114  4   DT  A OP1   
63  O OP2   . DT  A 4  ? 0.2206 0.2396 0.3191 0.0054  0.0143  -0.0024 4   DT  A OP2   
64  O "O5'" . DT  A 4  ? 0.2690 0.1990 0.2811 0.0136  0.0526  -0.0185 4   DT  A "O5'" 
65  C "C5'" . DT  A 4  ? 0.2765 0.3409 0.3466 0.0188  0.0079  0.0111  4   DT  A "C5'" 
66  C "C4'" . DT  A 4  ? 0.1810 0.2869 0.2805 0.0107  0.0015  -0.0183 4   DT  A "C4'" 
67  O "O4'" . DT  A 4  ? 0.2721 0.2505 0.2731 -0.0055 0.0016  -0.0559 4   DT  A "O4'" 
68  C "C3'" . DT  A 4  ? 0.2961 0.2537 0.2343 0.0517  -0.0258 -0.0345 4   DT  A "C3'" 
69  O "O3'" . DT  A 4  ? 0.3093 0.2334 0.2783 0.0130  -0.0086 -0.0039 4   DT  A "O3'" 
70  C "C2'" . DT  A 4  ? 0.2224 0.2325 0.2566 0.0188  -0.0429 0.0236  4   DT  A "C2'" 
71  C "C1'" . DT  A 4  ? 0.2452 0.2112 0.2385 0.0113  0.0322  -0.0096 4   DT  A "C1'" 
72  N N1    . DT  A 4  ? 0.2481 0.2322 0.2668 0.0121  0.0064  -0.0022 4   DT  A N1    
73  C C2    . DT  A 4  ? 0.1688 0.2160 0.2489 -0.0023 0.0116  0.0400  4   DT  A C2    
74  O O2    . DT  A 4  ? 0.2423 0.1963 0.2986 0.0300  -0.0020 -0.0391 4   DT  A O2    
75  N N3    . DT  A 4  ? 0.2329 0.2463 0.2797 -0.0102 -0.0340 0.0383  4   DT  A N3    
76  C C4    . DT  A 4  ? 0.2188 0.2444 0.2793 -0.0460 -0.0233 0.0199  4   DT  A C4    
77  O O4    . DT  A 4  ? 0.2506 0.2967 0.2779 -0.0103 0.0514  0.0332  4   DT  A O4    
78  C C5    . DT  A 4  ? 0.2909 0.2572 0.2267 0.0004  -0.0064 0.0278  4   DT  A C5    
79  C C7    . DT  A 4  ? 0.2530 0.2745 0.3498 0.0508  0.0039  -0.0180 4   DT  A C7    
80  C C6    . DT  A 4  ? 0.2549 0.2482 0.2567 -0.0093 0.0112  -0.0089 4   DT  A C6    
81  P P     . DA  A 5  ? 0.3060 0.3063 0.2715 0.0177  -0.0064 0.0217  5   DA  A P     
82  O OP1   . DA  A 5  ? 0.3223 0.3124 0.2928 0.0491  -0.0380 0.0331  5   DA  A OP1   
83  O OP2   . DA  A 5  ? 0.2785 0.3494 0.3418 0.0408  -0.0050 0.0241  5   DA  A OP2   
84  O "O5'" . DA  A 5  ? 0.2414 0.2387 0.3186 -0.0039 -0.0367 0.0290  5   DA  A "O5'" 
85  C "C5'" . DA  A 5  ? 0.2587 0.2407 0.3417 -0.0152 -0.0190 0.0221  5   DA  A "C5'" 
86  C "C4'" . DA  A 5  ? 0.2689 0.2576 0.3317 -0.0279 -0.0150 0.0186  5   DA  A "C4'" 
87  O "O4'" . DA  A 5  ? 0.2610 0.2434 0.3469 -0.0404 -0.0247 0.0105  5   DA  A "O4'" 
88  C "C3'" . DA  A 5  ? 0.3331 0.2910 0.2935 -0.0153 -0.0738 -0.0207 5   DA  A "C3'" 
89  O "O3'" . DA  A 5  ? 0.3418 0.3713 0.3163 -0.0506 -0.0262 0.0229  5   DA  A "O3'" 
90  C "C2'" . DA  A 5  ? 0.2687 0.3211 0.3480 0.0041  -0.0457 0.0041  5   DA  A "C2'" 
91  C "C1'" . DA  A 5  ? 0.2797 0.2544 0.3049 0.0059  -0.0265 -0.0110 5   DA  A "C1'" 
92  N N9    . DA  A 5  ? 0.2295 0.2730 0.3426 -0.0093 -0.0032 0.0256  5   DA  A N9    
93  C C8    . DA  A 5  ? 0.2973 0.2860 0.3141 -0.0084 -0.0304 0.0269  5   DA  A C8    
94  N N7    . DA  A 5  ? 0.2357 0.2562 0.3223 -0.0363 -0.0296 0.0367  5   DA  A N7    
95  C C5    . DA  A 5  ? 0.2382 0.2636 0.2929 -0.0462 -0.0132 0.0130  5   DA  A C5    
96  C C6    . DA  A 5  ? 0.2490 0.2440 0.2951 -0.0406 -0.0231 0.0058  5   DA  A C6    
97  N N6    . DA  A 5  ? 0.2467 0.2950 0.2825 -0.0533 0.0009  0.0674  5   DA  A N6    
98  N N1    . DA  A 5  ? 0.2439 0.1829 0.2574 -0.0296 -0.0124 0.0051  5   DA  A N1    
99  C C2    . DA  A 5  ? 0.2160 0.2394 0.2123 -0.0670 -0.0174 0.0092  5   DA  A C2    
100 N N3    . DA  A 5  ? 0.2352 0.2512 0.3049 -0.0373 -0.0335 0.0159  5   DA  A N3    
101 C C4    . DA  A 5  ? 0.2573 0.2602 0.2689 -0.0296 -0.0253 0.0227  5   DA  A C4    
102 P P     . CSM A 6  ? 0.3607 0.3590 0.3770 -0.0324 -0.0427 0.0115  6   CSM A P     
103 N N1    . CSM A 6  ? 0.2879 0.2900 0.3214 -0.0210 -0.0060 0.0107  6   CSM A N1    
104 C C2    . CSM A 6  ? 0.1879 0.2905 0.2144 0.0033  0.0221  -0.0090 6   CSM A C2    
105 O O2    . CSM A 6  ? 0.2874 0.2992 0.2779 -0.0348 -0.0111 0.0299  6   CSM A O2    
106 N N3    . CSM A 6  ? 0.1809 0.3022 0.2868 -0.0149 -0.0153 -0.0013 6   CSM A N3    
107 C C4    . CSM A 6  ? 0.2196 0.2559 0.2814 -0.0727 -0.0182 -0.0142 6   CSM A C4    
108 O O4    . CSM A 6  ? 0.2765 0.3062 0.3168 -0.0809 0.0122  -0.0064 6   CSM A O4    
109 C C5    . CSM A 6  ? 0.2633 0.3223 0.2802 -0.0465 -0.0147 0.0313  6   CSM A C5    
110 C C6    . CSM A 6  ? 0.2392 0.2726 0.2957 -0.0114 0.0013  -0.0450 6   CSM A C6    
111 C "C1'" . CSM A 6  ? 0.3156 0.3028 0.2805 -0.0443 0.0122  0.0418  6   CSM A "C1'" 
112 C "C2'" . CSM A 6  ? 0.2850 0.3001 0.2535 -0.0521 0.0135  0.0501  6   CSM A "C2'" 
113 O O2A   . CSM A 6  ? 0.3247 0.3008 0.3233 -0.0971 0.0455  0.0004  6   CSM A O2A   
114 C "C3'" . CSM A 6  ? 0.3135 0.2921 0.3381 -0.0586 0.0049  0.0316  6   CSM A "C3'" 
115 O "O3'" . CSM A 6  ? 0.4098 0.3356 0.3017 -0.0395 -0.0025 0.0253  6   CSM A "O3'" 
116 C "C4'" . CSM A 6  ? 0.3277 0.3060 0.3229 -0.0342 -0.0096 0.0299  6   CSM A "C4'" 
117 O "O4'" . CSM A 6  ? 0.3023 0.3097 0.3339 -0.0408 -0.0242 0.0368  6   CSM A "O4'" 
118 C "C5'" . CSM A 6  ? 0.3172 0.3422 0.3838 -0.0393 -0.0164 0.0365  6   CSM A "C5'" 
119 O "O5'" . CSM A 6  ? 0.3155 0.3275 0.4371 -0.0647 -0.0116 0.0224  6   CSM A "O5'" 
120 C "C6'" . CSM A 6  ? 0.3738 0.3167 0.2838 -0.0307 0.0001  0.0431  6   CSM A "C6'" 
121 C "C7'" . CSM A 6  ? 0.3752 0.3067 0.3214 -0.0689 -0.0291 -0.0100 6   CSM A "C7'" 
122 O "O8'" . CSM A 6  ? 0.4799 0.2922 0.4526 -0.0270 0.0414  0.0427  6   CSM A "O8'" 
123 C "C9'" . CSM A 6  ? 0.5265 0.3683 0.4842 -0.0250 0.0368  0.0621  6   CSM A "C9'" 
124 O OP1   . CSM A 6  ? 0.3641 0.4283 0.3929 -0.0994 -0.0627 0.0446  6   CSM A OP1   
125 O OP2   . CSM A 6  ? 0.3095 0.2859 0.4368 -0.0233 -0.0320 -0.0148 6   CSM A OP2   
126 P P     . DA  A 7  ? 0.3340 0.2945 0.2783 -0.0147 -0.0351 -0.0046 7   DA  A P     
127 O OP1   . DA  A 7  ? 0.4245 0.2750 0.3034 -0.0395 -0.0762 0.0515  7   DA  A OP1   
128 O OP2   . DA  A 7  ? 0.3291 0.2393 0.3351 -0.0183 -0.0151 0.0235  7   DA  A OP2   
129 O "O5'" . DA  A 7  ? 0.3101 0.2949 0.2763 -0.0259 -0.0112 -0.0144 7   DA  A "O5'" 
130 C "C5'" . DA  A 7  ? 0.3454 0.2748 0.2340 0.0241  -0.0539 -0.0102 7   DA  A "C5'" 
131 C "C4'" . DA  A 7  ? 0.2857 0.3026 0.2736 -0.0271 -0.0104 0.0196  7   DA  A "C4'" 
132 O "O4'" . DA  A 7  ? 0.2759 0.2640 0.2403 -0.0104 -0.0124 0.0375  7   DA  A "O4'" 
133 C "C3'" . DA  A 7  ? 0.2762 0.2872 0.2260 -0.0159 -0.0233 0.0349  7   DA  A "C3'" 
134 O "O3'" . DA  A 7  ? 0.3464 0.3102 0.2576 -0.0165 -0.0132 -0.0248 7   DA  A "O3'" 
135 C "C2'" . DA  A 7  ? 0.2946 0.2766 0.2795 0.0098  -0.0197 0.0225  7   DA  A "C2'" 
136 C "C1'" . DA  A 7  ? 0.2323 0.2437 0.2019 -0.0006 0.0349  0.0088  7   DA  A "C1'" 
137 N N9    . DA  A 7  ? 0.2570 0.1917 0.1951 -0.0457 -0.0298 0.0322  7   DA  A N9    
138 C C8    . DA  A 7  ? 0.2327 0.2092 0.1866 -0.0446 -0.0131 -0.0252 7   DA  A C8    
139 N N7    . DA  A 7  ? 0.2546 0.2228 0.2483 -0.0334 0.0002  -0.0165 7   DA  A N7    
140 C C5    . DA  A 7  ? 0.2573 0.2101 0.2119 -0.0432 -0.0035 -0.0190 7   DA  A C5    
141 C C6    . DA  A 7  ? 0.2434 0.2005 0.2319 0.0018  0.0025  -0.0176 7   DA  A C6    
142 N N6    . DA  A 7  ? 0.2708 0.2722 0.2726 0.0292  -0.0056 -0.0618 7   DA  A N6    
143 N N1    . DA  A 7  ? 0.2031 0.2514 0.2417 0.0089  0.0083  -0.0151 7   DA  A N1    
144 C C2    . DA  A 7  ? 0.1893 0.2584 0.1574 -0.0264 -0.0219 -0.0330 7   DA  A C2    
145 N N3    . DA  A 7  ? 0.2322 0.2648 0.2107 -0.0298 -0.0035 -0.0247 7   DA  A N3    
146 C C4    . DA  A 7  ? 0.2288 0.2342 0.2253 -0.0169 0.0225  -0.0147 7   DA  A C4    
147 P P     . DC  A 8  ? 0.3196 0.3034 0.2967 -0.0233 -0.0501 -0.0101 8   DC  A P     
148 O OP1   . DC  A 8  ? 0.2733 0.3835 0.2464 -0.0520 -0.0636 -0.0554 8   DC  A OP1   
149 O OP2   . DC  A 8  ? 0.2492 0.3011 0.3146 -0.0097 -0.0343 0.0168  8   DC  A OP2   
150 O "O5'" . DC  A 8  ? 0.2883 0.2727 0.3193 -0.0429 -0.0368 -0.0035 8   DC  A "O5'" 
151 C "C5'" . DC  A 8  ? 0.3213 0.2449 0.2377 -0.0218 -0.0472 0.0239  8   DC  A "C5'" 
152 C "C4'" . DC  A 8  ? 0.2004 0.2398 0.2241 0.0009  0.0154  -0.0014 8   DC  A "C4'" 
153 O "O4'" . DC  A 8  ? 0.2570 0.2499 0.2278 0.0170  -0.0092 0.0081  8   DC  A "O4'" 
154 C "C3'" . DC  A 8  ? 0.2542 0.2512 0.1869 -0.0356 0.0334  -0.0121 8   DC  A "C3'" 
155 O "O3'" . DC  A 8  ? 0.2566 0.2251 0.2973 0.0088  -0.0265 -0.0294 8   DC  A "O3'" 
156 C "C2'" . DC  A 8  ? 0.2327 0.2255 0.2206 0.0005  -0.0065 0.0228  8   DC  A "C2'" 
157 C "C1'" . DC  A 8  ? 0.2160 0.2684 0.2243 -0.0036 0.0247  -0.0192 8   DC  A "C1'" 
158 N N1    . DC  A 8  ? 0.2529 0.2382 0.2319 0.0161  0.0071  -0.0103 8   DC  A N1    
159 C C2    . DC  A 8  ? 0.2489 0.2244 0.1825 0.0179  0.0535  0.0194  8   DC  A C2    
160 O O2    . DC  A 8  ? 0.2236 0.2106 0.2520 -0.0078 -0.0051 0.0200  8   DC  A O2    
161 N N3    . DC  A 8  ? 0.2352 0.2126 0.2720 -0.0431 0.0239  0.0126  8   DC  A N3    
162 C C4    . DC  A 8  ? 0.2410 0.1756 0.2111 -0.0055 0.0217  0.0134  8   DC  A C4    
163 N N4    . DC  A 8  ? 0.2654 0.2338 0.2446 -0.0149 -0.0243 -0.0376 8   DC  A N4    
164 C C5    . DC  A 8  ? 0.2608 0.2544 0.2751 -0.0080 -0.0184 -0.0161 8   DC  A C5    
165 C C6    . DC  A 8  ? 0.2564 0.2412 0.2568 0.0333  -0.0084 -0.0060 8   DC  A C6    
166 P P     . DG  A 9  ? 0.2312 0.2346 0.2572 -0.0313 -0.0042 0.0033  9   DG  A P     
167 O OP1   . DG  A 9  ? 0.3032 0.3325 0.3153 -0.0556 -0.0130 -0.0712 9   DG  A OP1   
168 O OP2   . DG  A 9  ? 0.2107 0.2347 0.2999 0.0107  0.0075  0.0313  9   DG  A OP2   
169 O "O5'" . DG  A 9  ? 0.2762 0.1985 0.2071 -0.0094 0.0174  -0.0180 9   DG  A "O5'" 
170 C "C5'" . DG  A 9  ? 0.2088 0.2145 0.1953 0.0168  -0.0012 0.0124  9   DG  A "C5'" 
171 C "C4'" . DG  A 9  ? 0.1661 0.2155 0.2284 -0.0110 -0.0122 -0.0139 9   DG  A "C4'" 
172 O "O4'" . DG  A 9  ? 0.2116 0.1938 0.2775 -0.0057 0.0149  -0.0159 9   DG  A "O4'" 
173 C "C3'" . DG  A 9  ? 0.2013 0.1802 0.2406 -0.0099 0.0103  -0.0562 9   DG  A "C3'" 
174 O "O3'" . DG  A 9  ? 0.1975 0.2368 0.3499 -0.0132 0.0449  -0.0628 9   DG  A "O3'" 
175 C "C2'" . DG  A 9  ? 0.2452 0.1612 0.2394 -0.0449 0.0031  -0.0344 9   DG  A "C2'" 
176 C "C1'" . DG  A 9  ? 0.2346 0.1959 0.2143 -0.0129 0.0082  -0.0155 9   DG  A "C1'" 
177 N N9    . DG  A 9  ? 0.2305 0.2068 0.2683 0.0143  0.0239  -0.0136 9   DG  A N9    
178 C C8    . DG  A 9  ? 0.2661 0.1647 0.2422 -0.0050 0.0130  -0.0196 9   DG  A C8    
179 N N7    . DG  A 9  ? 0.2332 0.1906 0.2447 0.0211  0.0102  -0.0206 9   DG  A N7    
180 C C5    . DG  A 9  ? 0.2077 0.1965 0.1987 -0.0109 0.0017  -0.0004 9   DG  A C5    
181 C C6    . DG  A 9  ? 0.2544 0.2190 0.2059 -0.0205 0.0079  -0.0070 9   DG  A C6    
182 O O6    . DG  A 9  ? 0.2529 0.2487 0.2416 -0.0135 -0.0179 0.0129  9   DG  A O6    
183 N N1    . DG  A 9  ? 0.2108 0.2266 0.2637 -0.0114 0.0078  -0.0248 9   DG  A N1    
184 C C2    . DG  A 9  ? 0.2905 0.2471 0.2328 0.0004  -0.0059 -0.0113 9   DG  A C2    
185 N N2    . DG  A 9  ? 0.2089 0.2309 0.2591 0.0242  0.0177  -0.0463 9   DG  A N2    
186 N N3    . DG  A 9  ? 0.2637 0.2336 0.1932 -0.0048 0.0165  -0.0355 9   DG  A N3    
187 C C4    . DG  A 9  ? 0.2153 0.1937 0.2055 -0.0287 0.0079  -0.0181 9   DG  A C4    
188 P P     . DC  A 10 ? 0.2485 0.2662 0.3612 -0.0023 0.0005  -0.0074 10  DC  A P     
189 O OP1   . DC  A 10 ? 0.2428 0.3000 0.4527 -0.0388 0.0020  -0.0008 10  DC  A OP1   
190 O OP2   . DC  A 10 ? 0.2812 0.3072 0.2921 -0.0017 -0.0184 -0.0637 10  DC  A OP2   
191 O "O5'" . DC  A 10 ? 0.1790 0.2626 0.3200 -0.0156 0.0069  -0.0100 10  DC  A "O5'" 
192 C "C5'" . DC  A 10 ? 0.2162 0.2192 0.3224 0.0166  -0.0008 -0.0089 10  DC  A "C5'" 
193 C "C4'" . DC  A 10 ? 0.2279 0.2242 0.2454 -0.0397 -0.0293 0.0093  10  DC  A "C4'" 
194 O "O4'" . DC  A 10 ? 0.2223 0.2356 0.2897 -0.0319 -0.0156 0.0147  10  DC  A "O4'" 
195 C "C3'" . DC  A 10 ? 0.2142 0.2159 0.3092 -0.0156 0.0212  -0.0274 10  DC  A "C3'" 
196 O "O3'" . DC  A 10 ? 0.2012 0.2541 0.3288 0.0227  0.0316  -0.0032 10  DC  A "O3'" 
197 C "C2'" . DC  A 10 ? 0.2825 0.2127 0.2701 -0.0148 0.0138  -0.0177 10  DC  A "C2'" 
198 C "C1'" . DC  A 10 ? 0.2598 0.2201 0.2572 -0.0292 0.0001  -0.0012 10  DC  A "C1'" 
199 N N1    . DC  A 10 ? 0.2528 0.1975 0.2368 -0.0363 -0.0164 -0.0170 10  DC  A N1    
200 C C2    . DC  A 10 ? 0.2450 0.2125 0.1842 0.0065  -0.0294 0.0069  10  DC  A C2    
201 O O2    . DC  A 10 ? 0.2864 0.2376 0.2288 0.0036  -0.0429 -0.0057 10  DC  A O2    
202 N N3    . DC  A 10 ? 0.2514 0.2680 0.2162 -0.0268 0.0037  0.0224  10  DC  A N3    
203 C C4    . DC  A 10 ? 0.2256 0.2050 0.2134 -0.0223 0.0192  -0.0165 10  DC  A C4    
204 N N4    . DC  A 10 ? 0.2373 0.2516 0.2347 0.0331  0.0132  0.0094  10  DC  A N4    
205 C C5    . DC  A 10 ? 0.2408 0.2444 0.2734 0.0414  0.0123  0.0048  10  DC  A C5    
206 C C6    . DC  A 10 ? 0.2105 0.2501 0.2671 -0.0148 0.0235  -0.0052 10  DC  A C6    
207 O "O5'" . DG  B 1  ? 0.4820 0.4268 0.4543 0.0188  0.0480  0.0138  1   DG  B "O5'" 
208 C "C5'" . DG  B 1  ? 0.4634 0.3776 0.3902 -0.0245 0.0302  0.0116  1   DG  B "C5'" 
209 C "C4'" . DG  B 1  ? 0.3974 0.3464 0.3102 -0.0315 -0.0460 0.0270  1   DG  B "C4'" 
210 O "O4'" . DG  B 1  ? 0.4012 0.3229 0.3855 -0.0042 -0.0295 0.0270  1   DG  B "O4'" 
211 C "C3'" . DG  B 1  ? 0.3363 0.3153 0.3203 -0.0403 -0.0111 0.0257  1   DG  B "C3'" 
212 O "O3'" . DG  B 1  ? 0.3341 0.2918 0.2894 -0.0347 -0.0289 0.0112  1   DG  B "O3'" 
213 C "C2'" . DG  B 1  ? 0.3539 0.2352 0.3281 -0.0397 -0.0619 -0.0129 1   DG  B "C2'" 
214 C "C1'" . DG  B 1  ? 0.3401 0.2834 0.3395 -0.0329 -0.0574 -0.0148 1   DG  B "C1'" 
215 N N9    . DG  B 1  ? 0.3076 0.2385 0.2721 -0.0124 -0.0006 0.0144  1   DG  B N9    
216 C C8    . DG  B 1  ? 0.3374 0.2322 0.2418 -0.0150 -0.0062 0.0115  1   DG  B C8    
217 N N7    . DG  B 1  ? 0.2691 0.2241 0.3175 -0.0551 -0.0061 0.0380  1   DG  B N7    
218 C C5    . DG  B 1  ? 0.2960 0.2363 0.2445 -0.0238 0.0076  0.0418  1   DG  B C5    
219 C C6    . DG  B 1  ? 0.3337 0.2334 0.2635 -0.0225 0.0171  0.0063  1   DG  B C6    
220 O O6    . DG  B 1  ? 0.3293 0.2644 0.2983 -0.0526 0.0080  0.0352  1   DG  B O6    
221 N N1    . DG  B 1  ? 0.2933 0.2202 0.2689 -0.0162 0.0147  0.0132  1   DG  B N1    
222 C C2    . DG  B 1  ? 0.2861 0.1802 0.2205 -0.0138 -0.0024 0.0086  1   DG  B C2    
223 N N2    . DG  B 1  ? 0.2588 0.2727 0.2184 0.0420  0.0323  0.0061  1   DG  B N2    
224 N N3    . DG  B 1  ? 0.2902 0.2393 0.2899 0.0033  0.0155  0.0135  1   DG  B N3    
225 C C4    . DG  B 1  ? 0.2890 0.2478 0.2993 0.0034  -0.0222 0.0031  1   DG  B C4    
226 P P     . DC  B 2  ? 0.3480 0.2849 0.2708 -0.0541 -0.0086 0.0018  2   DC  B P     
227 O OP1   . DC  B 2  ? 0.4230 0.3166 0.3260 -0.0844 -0.0650 -0.0348 2   DC  B OP1   
228 O OP2   . DC  B 2  ? 0.4863 0.3246 0.3616 -0.0761 0.0278  -0.0147 2   DC  B OP2   
229 O "O5'" . DC  B 2  ? 0.3982 0.2446 0.3103 -0.0385 0.0151  0.0046  2   DC  B "O5'" 
230 C "C5'" . DC  B 2  ? 0.3918 0.2292 0.3157 -0.0701 -0.0228 0.0053  2   DC  B "C5'" 
231 C "C4'" . DC  B 2  ? 0.3073 0.2015 0.2859 -0.0337 -0.0337 0.0330  2   DC  B "C4'" 
232 O "O4'" . DC  B 2  ? 0.3190 0.1733 0.2930 -0.0295 -0.0397 -0.0239 2   DC  B "O4'" 
233 C "C3'" . DC  B 2  ? 0.3202 0.2292 0.3397 -0.0574 -0.0297 -0.0160 2   DC  B "C3'" 
234 O "O3'" . DC  B 2  ? 0.3488 0.2564 0.3116 -0.0189 -0.0378 0.0049  2   DC  B "O3'" 
235 C "C2'" . DC  B 2  ? 0.2581 0.2459 0.2364 -0.0473 -0.0344 -0.0045 2   DC  B "C2'" 
236 C "C1'" . DC  B 2  ? 0.2334 0.1710 0.2572 0.0591  0.0009  -0.0004 2   DC  B "C1'" 
237 N N1    . DC  B 2  ? 0.2766 0.2102 0.2258 -0.0034 -0.0066 -0.0188 2   DC  B N1    
238 C C2    . DC  B 2  ? 0.2584 0.1888 0.2405 -0.0003 0.0274  -0.0068 2   DC  B C2    
239 O O2    . DC  B 2  ? 0.2828 0.1627 0.2330 -0.0272 0.0115  -0.0470 2   DC  B O2    
240 N N3    . DC  B 2  ? 0.2392 0.1951 0.2552 -0.0168 -0.0020 0.0107  2   DC  B N3    
241 C C4    . DC  B 2  ? 0.2899 0.2248 0.2659 -0.0228 0.0473  0.0123  2   DC  B C4    
242 N N4    . DC  B 2  ? 0.3419 0.2734 0.2237 -0.0317 -0.0112 0.0166  2   DC  B N4    
243 C C5    . DC  B 2  ? 0.3147 0.2491 0.2427 0.0000  0.0074  -0.0162 2   DC  B C5    
244 C C6    . DC  B 2  ? 0.2906 0.2326 0.2471 0.0284  0.0263  -0.0026 2   DC  B C6    
245 P P     . DG  B 3  ? 0.3680 0.3229 0.2964 -0.0365 -0.0364 0.0050  3   DG  B P     
246 O OP1   . DG  B 3  ? 0.3868 0.2813 0.2967 -0.0289 -0.0117 -0.0013 3   DG  B OP1   
247 O OP2   . DG  B 3  ? 0.2964 0.3263 0.3020 -0.0257 -0.0039 0.0322  3   DG  B OP2   
248 O "O5'" . DG  B 3  ? 0.2880 0.2668 0.3145 -0.0062 -0.0420 0.0193  3   DG  B "O5'" 
249 C "C5'" . DG  B 3  ? 0.2567 0.2340 0.2807 -0.0369 -0.0115 0.0027  3   DG  B "C5'" 
250 C "C4'" . DG  B 3  ? 0.2751 0.1872 0.2773 -0.0184 -0.0340 -0.0040 3   DG  B "C4'" 
251 O "O4'" . DG  B 3  ? 0.2796 0.2810 0.2471 -0.0232 -0.0125 -0.0368 3   DG  B "O4'" 
252 C "C3'" . DG  B 3  ? 0.2691 0.2127 0.2303 -0.0136 -0.0197 -0.0166 3   DG  B "C3'" 
253 O "O3'" . DG  B 3  ? 0.3189 0.2337 0.2549 -0.0178 -0.0137 -0.0108 3   DG  B "O3'" 
254 C "C2'" . DG  B 3  ? 0.2585 0.2569 0.2297 -0.0292 0.0097  -0.0092 3   DG  B "C2'" 
255 C "C1'" . DG  B 3  ? 0.2727 0.2551 0.2604 0.0002  0.0240  -0.0184 3   DG  B "C1'" 
256 N N9    . DG  B 3  ? 0.2794 0.2439 0.2550 0.0026  -0.0028 -0.0170 3   DG  B N9    
257 C C8    . DG  B 3  ? 0.2740 0.2314 0.2492 -0.0378 0.0138  0.0082  3   DG  B C8    
258 N N7    . DG  B 3  ? 0.2587 0.2325 0.2498 -0.0095 -0.0395 -0.0333 3   DG  B N7    
259 C C5    . DG  B 3  ? 0.2576 0.2260 0.2345 0.0125  -0.0312 -0.0089 3   DG  B C5    
260 C C6    . DG  B 3  ? 0.2417 0.2303 0.2349 -0.0107 0.0030  0.0065  3   DG  B C6    
261 O O6    . DG  B 3  ? 0.2883 0.2205 0.2385 -0.0423 -0.0227 0.0151  3   DG  B O6    
262 N N1    . DG  B 3  ? 0.2427 0.2297 0.2569 -0.0184 -0.0336 -0.0031 3   DG  B N1    
263 C C2    . DG  B 3  ? 0.1898 0.2157 0.1951 -0.0373 0.0276  -0.0211 3   DG  B C2    
264 N N2    . DG  B 3  ? 0.2414 0.1933 0.2344 -0.0383 -0.0246 -0.0046 3   DG  B N2    
265 N N3    . DG  B 3  ? 0.1963 0.2327 0.2034 -0.0246 -0.0108 -0.0175 3   DG  B N3    
266 C C4    . DG  B 3  ? 0.2127 0.2383 0.2194 -0.0011 0.0019  -0.0213 3   DG  B C4    
267 P P     . DT  B 4  ? 0.3205 0.2413 0.2491 -0.0023 -0.0094 0.0109  4   DT  B P     
268 O OP1   . DT  B 4  ? 0.3615 0.3152 0.2575 0.0492  -0.0520 -0.0229 4   DT  B OP1   
269 O OP2   . DT  B 4  ? 0.2865 0.2561 0.2569 -0.0347 -0.0280 0.0171  4   DT  B OP2   
270 O "O5'" . DT  B 4  ? 0.3369 0.2437 0.2421 0.0258  -0.0058 -0.0084 4   DT  B "O5'" 
271 C "C5'" . DT  B 4  ? 0.4422 0.2460 0.2986 -0.0098 0.0453  -0.0037 4   DT  B "C5'" 
272 C "C4'" . DT  B 4  ? 0.3527 0.2503 0.2275 0.0364  -0.0231 0.0202  4   DT  B "C4'" 
273 O "O4'" . DT  B 4  ? 0.3548 0.2639 0.2527 0.0090  -0.0226 -0.0433 4   DT  B "O4'" 
274 C "C3'" . DT  B 4  ? 0.4088 0.2895 0.2429 0.0354  -0.0309 -0.0311 4   DT  B "C3'" 
275 O "O3'" . DT  B 4  ? 0.3979 0.3097 0.2470 0.0464  0.0059  -0.0589 4   DT  B "O3'" 
276 C "C2'" . DT  B 4  ? 0.3333 0.2756 0.2104 0.0635  -0.0493 -0.0719 4   DT  B "C2'" 
277 C "C1'" . DT  B 4  ? 0.3005 0.2837 0.2632 0.0299  0.0090  -0.0137 4   DT  B "C1'" 
278 N N1    . DT  B 4  ? 0.3028 0.2601 0.2249 0.0197  -0.0305 -0.0479 4   DT  B N1    
279 C C2    . DT  B 4  ? 0.2210 0.2659 0.1906 -0.0195 0.0122  -0.0245 4   DT  B C2    
280 O O2    . DT  B 4  ? 0.3371 0.3271 0.2540 -0.0537 -0.0324 -0.0338 4   DT  B O2    
281 N N3    . DT  B 4  ? 0.2623 0.2483 0.2144 0.0144  -0.0271 -0.0503 4   DT  B N3    
282 C C4    . DT  B 4  ? 0.2500 0.2261 0.2335 0.0299  -0.0413 -0.0134 4   DT  B C4    
283 O O4    . DT  B 4  ? 0.2428 0.2991 0.3355 -0.0123 -0.0017 0.0535  4   DT  B O4    
284 C C5    . DT  B 4  ? 0.2813 0.2438 0.1773 0.0085  -0.0053 -0.0169 4   DT  B C5    
285 C C7    . DT  B 4  ? 0.2831 0.1920 0.2731 -0.0374 -0.0931 -0.0380 4   DT  B C7    
286 C C6    . DT  B 4  ? 0.2499 0.2308 0.2733 0.0185  -0.0441 -0.0481 4   DT  B C6    
287 P P     . DA  B 5  ? 0.3959 0.3173 0.3520 0.0430  -0.0611 0.0150  5   DA  B P     
288 O OP1   . DA  B 5  ? 0.4962 0.3546 0.3669 0.0582  -0.1157 -0.0240 5   DA  B OP1   
289 O OP2   . DA  B 5  ? 0.3436 0.2849 0.3461 0.0280  -0.0843 -0.0497 5   DA  B OP2   
290 O "O5'" . DA  B 5  ? 0.3998 0.2690 0.2763 0.0464  -0.0423 0.0288  5   DA  B "O5'" 
291 C "C5'" . DA  B 5  ? 0.3768 0.2731 0.3469 0.0707  -0.0224 -0.0191 5   DA  B "C5'" 
292 C "C4'" . DA  B 5  ? 0.2980 0.2597 0.3259 0.0417  0.0022  -0.0006 5   DA  B "C4'" 
293 O "O4'" . DA  B 5  ? 0.3491 0.2881 0.3090 0.0227  0.0215  -0.0437 5   DA  B "O4'" 
294 C "C3'" . DA  B 5  ? 0.2811 0.2753 0.3634 0.0413  -0.0210 -0.0047 5   DA  B "C3'" 
295 O "O3'" . DA  B 5  ? 0.3136 0.3246 0.5191 0.0069  -0.0271 0.0050  5   DA  B "O3'" 
296 C "C2'" . DA  B 5  ? 0.2555 0.2725 0.3731 0.0446  -0.0115 -0.0144 5   DA  B "C2'" 
297 C "C1'" . DA  B 5  ? 0.2703 0.2623 0.3406 -0.0113 0.0333  -0.0273 5   DA  B "C1'" 
298 N N9    . DA  B 5  ? 0.2917 0.2374 0.3201 0.0640  -0.0067 0.0032  5   DA  B N9    
299 C C8    . DA  B 5  ? 0.2548 0.2524 0.3188 -0.0027 -0.0083 0.0133  5   DA  B C8    
300 N N7    . DA  B 5  ? 0.2608 0.2487 0.2723 -0.0181 -0.0139 -0.0189 5   DA  B N7    
301 C C5    . DA  B 5  ? 0.2466 0.2576 0.2808 0.0067  0.0078  0.0272  5   DA  B C5    
302 C C6    . DA  B 5  ? 0.2021 0.2699 0.2554 -0.0097 0.0026  0.0116  5   DA  B C6    
303 N N6    . DA  B 5  ? 0.2322 0.2913 0.3810 -0.0338 -0.0460 0.0179  5   DA  B N6    
304 N N1    . DA  B 5  ? 0.2185 0.2749 0.2744 -0.0128 -0.0096 -0.0184 5   DA  B N1    
305 C C2    . DA  B 5  ? 0.1861 0.2357 0.2712 -0.0220 -0.0101 0.0111  5   DA  B C2    
306 N N3    . DA  B 5  ? 0.3107 0.2760 0.2516 0.0123  0.0022  -0.0096 5   DA  B N3    
307 C C4    . DA  B 5  ? 0.2520 0.2671 0.2614 -0.0444 0.0125  -0.0002 5   DA  B C4    
308 P P     . CSM B 6  ? 0.3145 0.2977 0.4009 0.0159  -0.0039 -0.0131 6   CSM B P     
309 N N1    . CSM B 6  ? 0.2841 0.2782 0.3576 -0.0430 -0.0018 0.0534  6   CSM B N1    
310 C C2    . CSM B 6  ? 0.2501 0.2578 0.3483 0.0017  -0.0047 0.0304  6   CSM B C2    
311 O O2    . CSM B 6  ? 0.3518 0.2292 0.3090 0.0184  -0.0407 0.0236  6   CSM B O2    
312 N N3    . CSM B 6  ? 0.1930 0.2495 0.3000 -0.0230 -0.0308 0.0485  6   CSM B N3    
313 C C4    . CSM B 6  ? 0.2184 0.3116 0.2922 0.0174  -0.0141 0.0339  6   CSM B C4    
314 O O4    . CSM B 6  ? 0.3283 0.2836 0.4023 -0.0127 -0.0439 0.0365  6   CSM B O4    
315 C C5    . CSM B 6  ? 0.2965 0.2866 0.3694 -0.0127 -0.0325 0.0192  6   CSM B C5    
316 C C6    . CSM B 6  ? 0.2976 0.3070 0.3572 -0.0198 -0.0153 0.0369  6   CSM B C6    
317 C "C1'" . CSM B 6  ? 0.2802 0.2543 0.3817 -0.0328 0.0015  0.0393  6   CSM B "C1'" 
318 C "C2'" . CSM B 6  ? 0.3516 0.2826 0.3836 -0.0250 -0.0039 0.0268  6   CSM B "C2'" 
319 O O2A   . CSM B 6  ? 0.3228 0.3180 0.3606 -0.0302 0.0136  -0.0084 6   CSM B O2A   
320 C "C3'" . CSM B 6  ? 0.3381 0.2713 0.4085 -0.0100 -0.0200 0.0469  6   CSM B "C3'" 
321 O "O3'" . CSM B 6  ? 0.3534 0.3057 0.4567 0.0032  -0.0270 0.0026  6   CSM B "O3'" 
322 C "C4'" . CSM B 6  ? 0.3298 0.3211 0.3893 -0.0053 -0.0154 0.0385  6   CSM B "C4'" 
323 O "O4'" . CSM B 6  ? 0.3109 0.2923 0.3963 -0.0141 -0.0387 0.0669  6   CSM B "O4'" 
324 C "C5'" . CSM B 6  ? 0.2768 0.3061 0.3600 -0.0431 -0.0007 0.0362  6   CSM B "C5'" 
325 O "O5'" . CSM B 6  ? 0.3431 0.2939 0.3907 0.0084  -0.0093 0.0170  6   CSM B "O5'" 
326 C "C6'" . CSM B 6  ? 0.3500 0.3116 0.3902 0.0001  -0.0015 0.0339  6   CSM B "C6'" 
327 C "C7'" . CSM B 6  ? 0.4571 0.3356 0.4028 0.0537  0.0301  -0.0456 6   CSM B "C7'" 
328 O "O8'" . CSM B 6  ? 0.4587 0.3697 0.4243 -0.0204 -0.0157 0.0163  6   CSM B "O8'" 
329 C "C9'" . CSM B 6  ? 0.4450 0.4264 0.4713 0.1003  0.0242  -0.0453 6   CSM B "C9'" 
330 O OP1   . CSM B 6  ? 0.3529 0.3158 0.4810 0.0577  0.0119  0.0263  6   CSM B OP1   
331 O OP2   . CSM B 6  ? 0.3739 0.2881 0.3351 0.0372  -0.0030 0.0330  6   CSM B OP2   
332 P P     . DA  B 7  ? 0.2911 0.3059 0.3774 0.0131  -0.0074 0.0085  7   DA  B P     
333 O OP1   . DA  B 7  ? 0.3727 0.3416 0.4371 0.0351  0.0139  -0.0140 7   DA  B OP1   
334 O OP2   . DA  B 7  ? 0.2932 0.3347 0.3228 -0.0014 -0.0107 0.0289  7   DA  B OP2   
335 O "O5'" . DA  B 7  ? 0.2806 0.2884 0.3997 0.0023  0.0193  0.0071  7   DA  B "O5'" 
336 C "C5'" . DA  B 7  ? 0.3257 0.2625 0.2933 -0.0544 0.0002  0.0601  7   DA  B "C5'" 
337 C "C4'" . DA  B 7  ? 0.3271 0.2694 0.3552 0.0028  -0.0179 0.0315  7   DA  B "C4'" 
338 O "O4'" . DA  B 7  ? 0.3435 0.2656 0.3294 -0.0297 -0.0029 0.0085  7   DA  B "O4'" 
339 C "C3'" . DA  B 7  ? 0.3065 0.3055 0.3648 0.0017  0.0089  -0.0135 7   DA  B "C3'" 
340 O "O3'" . DA  B 7  ? 0.3423 0.2897 0.4421 0.0267  0.0039  -0.0385 7   DA  B "O3'" 
341 C "C2'" . DA  B 7  ? 0.3072 0.3449 0.3820 0.0450  0.0154  0.0079  7   DA  B "C2'" 
342 C "C1'" . DA  B 7  ? 0.3067 0.2375 0.3302 -0.0091 -0.0054 0.0065  7   DA  B "C1'" 
343 N N9    . DA  B 7  ? 0.2962 0.2640 0.2684 -0.0164 -0.0141 -0.0015 7   DA  B N9    
344 C C8    . DA  B 7  ? 0.2253 0.2473 0.2540 -0.0342 0.0140  0.0035  7   DA  B C8    
345 N N7    . DA  B 7  ? 0.2173 0.1922 0.3072 0.0249  0.0053  -0.0186 7   DA  B N7    
346 C C5    . DA  B 7  ? 0.2335 0.2637 0.2580 0.0001  -0.0023 0.0227  7   DA  B C5    
347 C C6    . DA  B 7  ? 0.2251 0.2743 0.2428 -0.0029 0.0048  0.0202  7   DA  B C6    
348 N N6    . DA  B 7  ? 0.2585 0.2135 0.2156 -0.0323 -0.0278 -0.0016 7   DA  B N6    
349 N N1    . DA  B 7  ? 0.1910 0.2820 0.2708 0.0155  -0.0211 0.0289  7   DA  B N1    
350 C C2    . DA  B 7  ? 0.2092 0.2680 0.2891 0.0185  -0.0332 0.0039  7   DA  B C2    
351 N N3    . DA  B 7  ? 0.2539 0.2856 0.2674 -0.0058 -0.0394 -0.0242 7   DA  B N3    
352 C C4    . DA  B 7  ? 0.2560 0.2500 0.2763 -0.0045 -0.0070 0.0077  7   DA  B C4    
353 P P     . DC  B 8  ? 0.3150 0.3532 0.4557 0.0219  -0.0109 0.0165  8   DC  B P     
354 O OP1   . DC  B 8  ? 0.3347 0.3569 0.5261 -0.0020 0.0623  0.0428  8   DC  B OP1   
355 O OP2   . DC  B 8  ? 0.2126 0.4019 0.4469 -0.0516 -0.0416 0.0463  8   DC  B OP2   
356 O "O5'" . DC  B 8  ? 0.3199 0.2737 0.3812 -0.0283 -0.0079 -0.0164 8   DC  B "O5'" 
357 C "C5'" . DC  B 8  ? 0.3680 0.2449 0.3336 0.0354  0.0194  -0.0140 8   DC  B "C5'" 
358 C "C4'" . DC  B 8  ? 0.3075 0.2644 0.2818 0.0101  0.0042  0.0133  8   DC  B "C4'" 
359 O "O4'" . DC  B 8  ? 0.2798 0.1753 0.3396 -0.0288 -0.0172 -0.0338 8   DC  B "O4'" 
360 C "C3'" . DC  B 8  ? 0.2607 0.2400 0.3443 0.0159  0.0236  -0.0026 8   DC  B "C3'" 
361 O "O3'" . DC  B 8  ? 0.3126 0.3169 0.3799 0.0061  -0.0138 0.0029  8   DC  B "O3'" 
362 C "C2'" . DC  B 8  ? 0.2161 0.2724 0.3248 -0.0260 0.0031  0.0009  8   DC  B "C2'" 
363 C "C1'" . DC  B 8  ? 0.2442 0.2496 0.2268 -0.0175 0.0079  -0.0330 8   DC  B "C1'" 
364 N N1    . DC  B 8  ? 0.2224 0.1748 0.2459 0.0162  -0.0116 -0.0227 8   DC  B N1    
365 C C2    . DC  B 8  ? 0.2185 0.2580 0.2576 0.0635  0.0014  0.0091  8   DC  B C2    
366 O O2    . DC  B 8  ? 0.2309 0.2426 0.2160 -0.0191 0.0480  0.0370  8   DC  B O2    
367 N N3    . DC  B 8  ? 0.1984 0.2380 0.2574 0.0150  -0.0079 -0.0308 8   DC  B N3    
368 C C4    . DC  B 8  ? 0.2638 0.2169 0.2556 0.0108  -0.0018 -0.0084 8   DC  B C4    
369 N N4    . DC  B 8  ? 0.2699 0.3228 0.2889 -0.0304 -0.0035 -0.0029 8   DC  B N4    
370 C C5    . DC  B 8  ? 0.1524 0.2279 0.2767 0.0267  0.0371  -0.0020 8   DC  B C5    
371 C C6    . DC  B 8  ? 0.2760 0.2539 0.2489 -0.0001 -0.0238 -0.0137 8   DC  B C6    
372 P P     . DG  B 9  ? 0.3041 0.3035 0.4550 0.0008  0.0344  -0.0014 9   DG  B P     
373 O OP1   . DG  B 9  ? 0.3317 0.3624 0.5073 -0.0367 0.0821  0.0508  9   DG  B OP1   
374 O OP2   . DG  B 9  ? 0.3014 0.3068 0.3698 -0.0090 -0.0411 -0.0550 9   DG  B OP2   
375 O "O5'" . DG  B 9  ? 0.2097 0.3809 0.4333 0.0178  0.0134  -0.0552 9   DG  B "O5'" 
376 C "C5'" . DG  B 9  ? 0.2885 0.3188 0.3931 0.0105  -0.0209 -0.0505 9   DG  B "C5'" 
377 C "C4'" . DG  B 9  ? 0.2246 0.2870 0.3372 -0.0142 -0.0206 -0.0327 9   DG  B "C4'" 
378 O "O4'" . DG  B 9  ? 0.2322 0.2896 0.2723 0.0107  -0.0239 -0.0680 9   DG  B "O4'" 
379 C "C3'" . DG  B 9  ? 0.2170 0.2784 0.2165 -0.0222 0.0254  -0.0246 9   DG  B "C3'" 
380 O "O3'" . DG  B 9  ? 0.2669 0.2682 0.2740 -0.0303 -0.0149 -0.0161 9   DG  B "O3'" 
381 C "C2'" . DG  B 9  ? 0.2364 0.2294 0.2671 -0.0216 -0.0324 -0.0008 9   DG  B "C2'" 
382 C "C1'" . DG  B 9  ? 0.2271 0.2313 0.2385 -0.0215 0.0444  -0.0155 9   DG  B "C1'" 
383 N N9    . DG  B 9  ? 0.1856 0.2245 0.2471 -0.0092 -0.0267 0.0059  9   DG  B N9    
384 C C8    . DG  B 9  ? 0.2408 0.2068 0.2902 -0.0643 -0.0214 0.0159  9   DG  B C8    
385 N N7    . DG  B 9  ? 0.1778 0.2651 0.2743 -0.0535 0.0026  0.0159  9   DG  B N7    
386 C C5    . DG  B 9  ? 0.2338 0.1815 0.2527 -0.0632 -0.0215 0.0224  9   DG  B C5    
387 C C6    . DG  B 9  ? 0.2385 0.1905 0.1923 -0.0117 -0.0179 0.0195  9   DG  B C6    
388 O O6    . DG  B 9  ? 0.3081 0.2097 0.2448 -0.0254 0.0014  0.0053  9   DG  B O6    
389 N N1    . DG  B 9  ? 0.2529 0.1670 0.2485 -0.0476 -0.0175 0.0397  9   DG  B N1    
390 C C2    . DG  B 9  ? 0.1713 0.2061 0.2207 -0.0196 0.0438  0.0396  9   DG  B C2    
391 N N2    . DG  B 9  ? 0.2499 0.1896 0.2554 -0.0491 -0.0066 -0.0078 9   DG  B N2    
392 N N3    . DG  B 9  ? 0.2062 0.1810 0.2296 -0.0419 0.0215  0.0394  9   DG  B N3    
393 C C4    . DG  B 9  ? 0.2445 0.1667 0.2322 -0.0480 0.0103  0.0343  9   DG  B C4    
394 P P     . DC  B 10 ? 0.2629 0.2833 0.2857 -0.0046 0.0195  -0.0188 10  DC  B P     
395 O OP1   . DC  B 10 ? 0.2669 0.3123 0.3164 -0.0505 0.0214  -0.0615 10  DC  B OP1   
396 O OP2   . DC  B 10 ? 0.2916 0.2364 0.2911 -0.0083 0.0215  -0.0244 10  DC  B OP2   
397 O "O5'" . DC  B 10 ? 0.2166 0.2505 0.2517 -0.0114 0.0234  -0.0348 10  DC  B "O5'" 
398 C "C5'" . DC  B 10 ? 0.2905 0.2164 0.2614 0.0085  0.0480  -0.0002 10  DC  B "C5'" 
399 C "C4'" . DC  B 10 ? 0.2233 0.2559 0.1850 -0.0498 0.0315  0.0145  10  DC  B "C4'" 
400 O "O4'" . DC  B 10 ? 0.2853 0.2019 0.2829 -0.0301 0.0077  -0.0108 10  DC  B "O4'" 
401 C "C3'" . DC  B 10 ? 0.2896 0.2512 0.2034 -0.0203 0.0247  -0.0245 10  DC  B "C3'" 
402 O "O3'" . DC  B 10 ? 0.2631 0.2462 0.2410 -0.0484 0.0063  0.0349  10  DC  B "O3'" 
403 C "C2'" . DC  B 10 ? 0.2374 0.2408 0.2745 -0.0466 -0.0020 -0.0173 10  DC  B "C2'" 
404 C "C1'" . DC  B 10 ? 0.2842 0.2186 0.2390 -0.0181 -0.0357 0.0108  10  DC  B "C1'" 
405 N N1    . DC  B 10 ? 0.2202 0.1815 0.2210 -0.0166 -0.0105 -0.0247 10  DC  B N1    
406 C C2    . DC  B 10 ? 0.2136 0.2191 0.3005 0.0028  0.0048  0.0190  10  DC  B C2    
407 O O2    . DC  B 10 ? 0.2430 0.2361 0.3448 0.0205  0.0059  -0.0204 10  DC  B O2    
408 N N3    . DC  B 10 ? 0.2259 0.2003 0.3296 0.0119  0.0096  -0.0099 10  DC  B N3    
409 C C4    . DC  B 10 ? 0.1854 0.1978 0.2273 0.0068  0.0135  -0.0199 10  DC  B C4    
410 N N4    . DC  B 10 ? 0.2330 0.2091 0.2697 -0.0480 -0.0591 -0.0194 10  DC  B N4    
411 C C5    . DC  B 10 ? 0.2189 0.2006 0.2361 -0.0315 -0.0419 -0.0192 10  DC  B C5    
412 C C6    . DC  B 10 ? 0.2293 0.2134 0.2413 0.0006  -0.0289 0.0022  10  DC  B C6    
413 O O     . HOH C .  ? 0.1899 0.2178 0.2634 -0.0366 -0.0497 0.0445  101 HOH A O     
414 O O     . HOH C .  ? 0.3090 0.3189 0.3401 -0.0150 -0.0177 0.0282  102 HOH A O     
415 O O     . HOH C .  ? 0.3760 0.4278 0.4064 -0.1196 0.0468  -0.1200 103 HOH A O     
416 O O     . HOH C .  ? 0.3783 0.4191 0.4720 -0.1254 0.0459  -0.0774 104 HOH A O     
417 O O     . HOH C .  ? 0.3610 0.2738 0.3666 0.0904  -0.0292 0.0211  105 HOH A O     
418 O O     . HOH C .  ? 0.4804 0.4528 0.3251 0.0900  -0.0185 -0.1350 106 HOH A O     
419 O O     . HOH C .  ? 0.3174 0.2548 0.2588 0.0769  0.0244  -0.0236 107 HOH A O     
420 O O     . HOH C .  ? 0.4534 0.3795 0.5246 -0.0231 0.0720  0.0330  108 HOH A O     
421 O O     . HOH C .  ? 0.2281 0.3950 0.3627 -0.0134 0.0342  -0.0132 109 HOH A O     
422 O O     . HOH C .  ? 0.3362 0.2839 0.2993 -0.0233 0.0417  -0.0799 110 HOH A O     
423 O O     . HOH C .  ? 0.3373 0.3586 0.3912 0.0127  -0.0323 0.0114  111 HOH A O     
424 O O     . HOH C .  ? 0.4308 0.2938 0.4440 0.0172  -0.0792 0.0060  112 HOH A O     
425 O O     . HOH C .  ? 0.2409 0.3061 0.2498 -0.0130 0.0514  -0.1084 113 HOH A O     
426 O O     . HOH C .  ? 0.4086 0.3877 0.3537 -0.0915 -0.0016 0.0412  114 HOH A O     
427 O O     . HOH C .  ? 0.2790 0.3339 0.3828 -0.0677 -0.0246 0.1067  115 HOH A O     
428 O O     . HOH C .  ? 0.6473 0.3518 0.5096 0.0829  0.0734  -0.1076 116 HOH A O     
429 O O     . HOH C .  ? 0.3037 0.2921 0.3677 -0.0207 -0.0238 -0.0046 117 HOH A O     
430 O O     . HOH C .  ? 0.4334 0.3495 0.6083 0.0212  -0.0457 0.0357  118 HOH A O     
431 O O     . HOH C .  ? 0.2817 0.4945 0.2839 0.0403  0.0128  0.0502  119 HOH A O     
432 O O     . HOH C .  ? 0.4040 0.3976 0.2441 0.1178  0.0416  -0.0821 120 HOH A O     
433 O O     . HOH C .  ? 0.4141 0.5158 0.3254 0.1190  -0.0527 -0.0433 121 HOH A O     
434 O O     . HOH C .  ? 0.4061 0.5468 0.2934 -0.0420 0.0272  0.1231  122 HOH A O     
435 O O     . HOH C .  ? 0.4525 0.3793 0.3925 0.1244  0.0049  -0.0717 123 HOH A O     
436 O O     . HOH C .  ? 0.4821 0.3942 0.3593 -0.1075 -0.0682 0.0524  124 HOH A O     
437 O O     . HOH C .  ? 0.9612 1.2080 0.6912 0.3051  -0.1916 -0.3734 125 HOH A O     
438 O O     . HOH C .  ? 0.4170 0.3271 0.3909 -0.0131 -0.0336 0.0176  126 HOH A O     
439 O O     . HOH C .  ? 0.7569 0.4611 0.5282 -0.0112 -0.1939 -0.0061 127 HOH A O     
440 O O     . HOH C .  ? 0.3235 0.5482 0.5283 0.0116  0.0053  0.0899  128 HOH A O     
441 O O     . HOH C .  ? 0.1194 0.3555 0.6211 -0.1743 0.0659  -0.1851 129 HOH A O     
442 O O     . HOH C .  ? 0.2062 0.8612 0.5988 -0.0795 -0.0600 -0.1293 130 HOH A O     
443 O O     . HOH C .  ? 0.3411 0.2418 0.1732 0.0290  -0.0378 0.0827  131 HOH A O     
444 O O     . HOH C .  ? 0.2615 0.1501 0.3174 -0.0254 -0.0336 0.0110  132 HOH A O     
445 O O     . HOH C .  ? 0.2830 0.4111 0.3267 -0.1421 -0.0077 0.1238  133 HOH A O     
446 O O     . HOH C .  ? 0.2331 0.3813 0.3437 -0.1474 -0.0142 0.0644  134 HOH A O     
447 O O     . HOH C .  ? 0.2708 0.2879 0.2659 0.0831  0.0653  0.1244  135 HOH A O     
448 O O     . HOH D .  ? 0.4105 0.2651 0.3831 -0.0061 -0.0309 0.0569  101 HOH B O     
449 O O     . HOH D .  ? 0.3705 0.2293 0.5428 -0.0600 0.0408  -0.0604 102 HOH B O     
450 O O     . HOH D .  ? 0.4874 0.4595 0.3343 -0.0215 -0.0562 -0.1043 103 HOH B O     
451 O O     . HOH D .  ? 0.3566 0.3133 0.4055 -0.0673 -0.0584 -0.0279 104 HOH B O     
452 O O     . HOH D .  ? 0.4668 0.1929 0.3843 -0.0248 0.0559  0.0583  105 HOH B O     
453 O O     . HOH D .  ? 0.2525 0.2638 0.3358 -0.0231 0.0385  -0.0404 106 HOH B O     
454 O O     . HOH D .  ? 0.4453 0.2148 0.4477 -0.0324 0.0026  0.0871  107 HOH B O     
455 O O     . HOH D .  ? 0.2655 0.6801 0.4328 0.0248  -0.0011 0.0014  108 HOH B O     
456 O O     . HOH D .  ? 0.5175 0.3183 0.4494 0.1125  -0.1419 0.0461  109 HOH B O     
457 O O     . HOH D .  ? 0.6419 0.2069 0.3669 0.0082  -0.0058 -0.0110 110 HOH B O     
458 O O     . HOH D .  ? 0.4093 0.6149 0.4872 0.0825  -0.1517 0.0316  111 HOH B O     
459 O O     . HOH D .  ? 0.4638 0.3439 0.2896 0.0324  -0.0123 0.0863  112 HOH B O     
460 O O     . HOH D .  ? 0.6587 0.8442 0.6205 0.0905  0.1286  0.0792  113 HOH B O     
461 O O     . HOH D .  ? 0.5163 0.6325 0.3730 -0.2625 -0.0539 -0.0555 114 HOH B O     
462 O O     . HOH D .  ? 0.6214 0.3618 0.2658 0.0061  0.0896  -0.0369 115 HOH B O     
463 O O     . HOH D .  ? 0.5152 0.4489 0.7030 0.0258  -0.1034 0.2281  116 HOH B O     
464 O O     . HOH D .  ? 0.4431 0.2091 0.1743 -0.0424 0.1148  -0.0504 117 HOH B O     
465 O O     . HOH D .  ? 0.2296 0.2669 0.2986 0.0869  -0.0333 0.1211  118 HOH B O     
# 
loop_
_pdbx_poly_seq_scheme.asym_id 
_pdbx_poly_seq_scheme.entity_id 
_pdbx_poly_seq_scheme.seq_id 
_pdbx_poly_seq_scheme.mon_id 
_pdbx_poly_seq_scheme.ndb_seq_num 
_pdbx_poly_seq_scheme.pdb_seq_num 
_pdbx_poly_seq_scheme.auth_seq_num 
_pdbx_poly_seq_scheme.pdb_mon_id 
_pdbx_poly_seq_scheme.auth_mon_id 
_pdbx_poly_seq_scheme.pdb_strand_id 
_pdbx_poly_seq_scheme.pdb_ins_code 
_pdbx_poly_seq_scheme.hetero 
A 1 1  DG  1  1  1  DG  DG  A . n 
A 1 2  DC  2  2  2  DC  DC  A . n 
A 1 3  DG  3  3  3  DG  DG  A . n 
A 1 4  DT  4  4  4  DT  DT  A . n 
A 1 5  DA  5  5  5  DA  DA  A . n 
A 1 6  CSM 6  6  6  CSM CSM A . n 
A 1 7  DA  7  7  7  DA  DA  A . n 
A 1 8  DC  8  8  8  DC  DC  A . n 
A 1 9  DG  9  9  9  DG  DG  A . n 
A 1 10 DC  10 10 10 DC  DC  A . n 
B 1 1  DG  1  1  1  DG  DG  B . n 
B 1 2  DC  2  2  2  DC  DC  B . n 
B 1 3  DG  3  3  3  DG  DG  B . n 
B 1 4  DT  4  4  4  DT  DT  B . n 
B 1 5  DA  5  5  5  DA  DA  B . n 
B 1 6  CSM 6  6  6  CSM CSM B . n 
B 1 7  DA  7  7  7  DA  DA  B . n 
B 1 8  DC  8  8  8  DC  DC  B . n 
B 1 9  DG  9  9  9  DG  DG  B . n 
B 1 10 DC  10 10 10 DC  DC  B . n 
# 
loop_
_pdbx_nonpoly_scheme.asym_id 
_pdbx_nonpoly_scheme.entity_id 
_pdbx_nonpoly_scheme.mon_id 
_pdbx_nonpoly_scheme.ndb_seq_num 
_pdbx_nonpoly_scheme.pdb_seq_num 
_pdbx_nonpoly_scheme.auth_seq_num 
_pdbx_nonpoly_scheme.pdb_mon_id 
_pdbx_nonpoly_scheme.auth_mon_id 
_pdbx_nonpoly_scheme.pdb_strand_id 
_pdbx_nonpoly_scheme.pdb_ins_code 
C 2 HOH 1  101 1  HOH HOH A . 
C 2 HOH 2  102 5  HOH HOH A . 
C 2 HOH 3  103 7  HOH HOH A . 
C 2 HOH 4  104 8  HOH HOH A . 
C 2 HOH 5  105 9  HOH HOH A . 
C 2 HOH 6  106 12 HOH HOH A . 
C 2 HOH 7  107 13 HOH HOH A . 
C 2 HOH 8  108 14 HOH HOH A . 
C 2 HOH 9  109 15 HOH HOH A . 
C 2 HOH 10 110 16 HOH HOH A . 
C 2 HOH 11 111 17 HOH HOH A . 
C 2 HOH 12 112 18 HOH HOH A . 
C 2 HOH 13 113 19 HOH HOH A . 
C 2 HOH 14 114 22 HOH HOH A . 
C 2 HOH 15 115 23 HOH HOH A . 
C 2 HOH 16 116 24 HOH HOH A . 
C 2 HOH 17 117 31 HOH HOH A . 
C 2 HOH 18 118 32 HOH HOH A . 
C 2 HOH 19 119 33 HOH HOH A . 
C 2 HOH 20 120 34 HOH HOH A . 
C 2 HOH 21 121 35 HOH HOH A . 
C 2 HOH 22 122 37 HOH HOH A . 
C 2 HOH 23 123 39 HOH HOH A . 
C 2 HOH 24 124 43 HOH HOH A . 
C 2 HOH 25 125 44 HOH HOH A . 
C 2 HOH 26 126 45 HOH HOH A . 
C 2 HOH 27 127 46 HOH HOH A . 
C 2 HOH 28 128 47 HOH HOH A . 
C 2 HOH 29 129 49 HOH HOH A . 
C 2 HOH 30 130 50 HOH HOH A . 
C 2 HOH 31 131 52 HOH HOH A . 
C 2 HOH 32 132 54 HOH HOH A . 
C 2 HOH 33 133 55 HOH HOH A . 
C 2 HOH 34 134 56 HOH HOH A . 
C 2 HOH 35 135 57 HOH HOH A . 
D 2 HOH 1  101 2  HOH HOH B . 
D 2 HOH 2  102 3  HOH HOH B . 
D 2 HOH 3  103 4  HOH HOH B . 
D 2 HOH 4  104 6  HOH HOH B . 
D 2 HOH 5  105 10 HOH HOH B . 
D 2 HOH 6  106 11 HOH HOH B . 
D 2 HOH 7  107 20 HOH HOH B . 
D 2 HOH 8  108 21 HOH HOH B . 
D 2 HOH 9  109 29 HOH HOH B . 
D 2 HOH 10 110 30 HOH HOH B . 
D 2 HOH 11 111 36 HOH HOH B . 
D 2 HOH 12 112 38 HOH HOH B . 
D 2 HOH 13 113 40 HOH HOH B . 
D 2 HOH 14 114 41 HOH HOH B . 
D 2 HOH 15 115 42 HOH HOH B . 
D 2 HOH 16 116 48 HOH HOH B . 
D 2 HOH 17 117 51 HOH HOH B . 
D 2 HOH 18 118 53 HOH HOH B . 
# 
_pdbx_struct_assembly.id                   1 
_pdbx_struct_assembly.details              author_and_software_defined_assembly 
_pdbx_struct_assembly.method_details       PISA 
_pdbx_struct_assembly.oligomeric_details   dimeric 
_pdbx_struct_assembly.oligomeric_count     2 
# 
_pdbx_struct_assembly_gen.assembly_id       1 
_pdbx_struct_assembly_gen.oper_expression   1 
_pdbx_struct_assembly_gen.asym_id_list      A,B,C,D 
# 
loop_
_pdbx_struct_assembly_prop.biol_id 
_pdbx_struct_assembly_prop.type 
_pdbx_struct_assembly_prop.value 
_pdbx_struct_assembly_prop.details 
1 'ABSA (A^2)' 970  ? 
1 MORE         -2   ? 
1 'SSA (A^2)'  3860 ? 
# 
_pdbx_struct_oper_list.id                   1 
_pdbx_struct_oper_list.type                 'identity operation' 
_pdbx_struct_oper_list.name                 1_555 
_pdbx_struct_oper_list.symmetry_operation   x,y,z 
_pdbx_struct_oper_list.matrix[1][1]         1.0000000000 
_pdbx_struct_oper_list.matrix[1][2]         0.0000000000 
_pdbx_struct_oper_list.matrix[1][3]         0.0000000000 
_pdbx_struct_oper_list.vector[1]            0.0000000000 
_pdbx_struct_oper_list.matrix[2][1]         0.0000000000 
_pdbx_struct_oper_list.matrix[2][2]         1.0000000000 
_pdbx_struct_oper_list.matrix[2][3]         0.0000000000 
_pdbx_struct_oper_list.vector[2]            0.0000000000 
_pdbx_struct_oper_list.matrix[3][1]         0.0000000000 
_pdbx_struct_oper_list.matrix[3][2]         0.0000000000 
_pdbx_struct_oper_list.matrix[3][3]         1.0000000000 
_pdbx_struct_oper_list.vector[3]            0.0000000000 
# 
loop_
_pdbx_audit_revision_history.ordinal 
_pdbx_audit_revision_history.data_content_type 
_pdbx_audit_revision_history.major_revision 
_pdbx_audit_revision_history.minor_revision 
_pdbx_audit_revision_history.revision_date 
1 'Structure model' 1 0 2012-06-20 
2 'Structure model' 1 1 2012-08-08 
3 'Structure model' 1 2 2023-09-13 
# 
_pdbx_audit_revision_details.ordinal             1 
_pdbx_audit_revision_details.revision_ordinal    1 
_pdbx_audit_revision_details.data_content_type   'Structure model' 
_pdbx_audit_revision_details.provider            repository 
_pdbx_audit_revision_details.type                'Initial release' 
_pdbx_audit_revision_details.description         ? 
_pdbx_audit_revision_details.details             ? 
# 
loop_
_pdbx_audit_revision_group.ordinal 
_pdbx_audit_revision_group.revision_ordinal 
_pdbx_audit_revision_group.data_content_type 
_pdbx_audit_revision_group.group 
1 2 'Structure model' 'Database references'    
2 3 'Structure model' 'Data collection'        
3 3 'Structure model' 'Database references'    
4 3 'Structure model' 'Derived calculations'   
5 3 'Structure model' 'Refinement description' 
# 
loop_
_pdbx_audit_revision_category.ordinal 
_pdbx_audit_revision_category.revision_ordinal 
_pdbx_audit_revision_category.data_content_type 
_pdbx_audit_revision_category.category 
1 3 'Structure model' chem_comp_atom                
2 3 'Structure model' chem_comp_bond                
3 3 'Structure model' database_2                    
4 3 'Structure model' pdbx_initial_refinement_model 
5 3 'Structure model' struct_conn                   
# 
loop_
_pdbx_audit_revision_item.ordinal 
_pdbx_audit_revision_item.revision_ordinal 
_pdbx_audit_revision_item.data_content_type 
_pdbx_audit_revision_item.item 
1 3 'Structure model' '_database_2.pdbx_DOI'                
2 3 'Structure model' '_database_2.pdbx_database_accession' 
3 3 'Structure model' '_struct_conn.pdbx_leaving_atom_flag' 
# 
loop_
_software.name 
_software.classification 
_software.version 
_software.citation_id 
_software.pdbx_ordinal 
MD2      'data collection' 'diffractometer software (with LS-CAT developed extensions)' ? 1 
CCP4     'model building'  .                                                            ? 2 
MOLREP   phasing           .                                                            ? 3 
REFMAC   refinement        5.5.0109                                                     ? 4 
HKL-2000 'data reduction'  .                                                            ? 5 
HKL-2000 'data scaling'    .                                                            ? 6 
CCP4     phasing           .                                                            ? 7 
# 
loop_
_pdbx_validate_rmsd_angle.id 
_pdbx_validate_rmsd_angle.PDB_model_num 
_pdbx_validate_rmsd_angle.auth_atom_id_1 
_pdbx_validate_rmsd_angle.auth_asym_id_1 
_pdbx_validate_rmsd_angle.auth_comp_id_1 
_pdbx_validate_rmsd_angle.auth_seq_id_1 
_pdbx_validate_rmsd_angle.PDB_ins_code_1 
_pdbx_validate_rmsd_angle.label_alt_id_1 
_pdbx_validate_rmsd_angle.auth_atom_id_2 
_pdbx_validate_rmsd_angle.auth_asym_id_2 
_pdbx_validate_rmsd_angle.auth_comp_id_2 
_pdbx_validate_rmsd_angle.auth_seq_id_2 
_pdbx_validate_rmsd_angle.PDB_ins_code_2 
_pdbx_validate_rmsd_angle.label_alt_id_2 
_pdbx_validate_rmsd_angle.auth_atom_id_3 
_pdbx_validate_rmsd_angle.auth_asym_id_3 
_pdbx_validate_rmsd_angle.auth_comp_id_3 
_pdbx_validate_rmsd_angle.auth_seq_id_3 
_pdbx_validate_rmsd_angle.PDB_ins_code_3 
_pdbx_validate_rmsd_angle.label_alt_id_3 
_pdbx_validate_rmsd_angle.angle_value 
_pdbx_validate_rmsd_angle.angle_target_value 
_pdbx_validate_rmsd_angle.angle_deviation 
_pdbx_validate_rmsd_angle.angle_standard_deviation 
_pdbx_validate_rmsd_angle.linker_flag 
1 1 "O4'" A DA 7 ? ? "C1'" A DA 7 ? ? N9    A DA 7 ? ? 111.62 108.30 3.32  0.30 N 
2 1 "C3'" A DG 9 ? ? "C2'" A DG 9 ? ? "C1'" A DG 9 ? ? 97.48  102.40 -4.92 0.80 N 
3 1 "O4'" B DC 2 ? ? "C4'" B DC 2 ? ? "C3'" B DC 2 ? ? 101.86 104.50 -2.64 0.40 N 
4 1 "O4'" B DG 3 ? ? "C4'" B DG 3 ? ? "C3'" B DG 3 ? ? 100.83 104.50 -3.67 0.40 N 
5 1 "O4'" B DT 4 ? ? "C1'" B DT 4 ? ? N1    B DT 4 ? ? 110.24 108.30 1.94  0.30 N 
# 
loop_
_chem_comp_atom.comp_id 
_chem_comp_atom.atom_id 
_chem_comp_atom.type_symbol 
_chem_comp_atom.pdbx_aromatic_flag 
_chem_comp_atom.pdbx_stereo_config 
_chem_comp_atom.pdbx_ordinal 
CSM P      P N N 1   
CSM N1     N N N 2   
CSM C2     C N N 3   
CSM O2     O N N 4   
CSM N3     N N N 5   
CSM C4     C N N 6   
CSM O4     O N N 7   
CSM C5     C N N 8   
CSM C6     C N N 9   
CSM "C1'"  C N R 10  
CSM "C2'"  C N R 11  
CSM O2A    O N N 12  
CSM "C3'"  C N S 13  
CSM "O3'"  O N N 14  
CSM "C4'"  C N R 15  
CSM "O4'"  O N N 16  
CSM "C5'"  C N N 17  
CSM "O5'"  O N N 18  
CSM "C6'"  C N S 19  
CSM "C7'"  C N N 20  
CSM "O8'"  O N N 21  
CSM "C9'"  C N N 22  
CSM OP1    O N N 23  
CSM OP2    O N N 24  
CSM OP3    O N N 25  
CSM H5     H N N 26  
CSM H6     H N N 27  
CSM "H1'"  H N N 28  
CSM "H2'"  H N N 29  
CSM "H3'"  H N N 30  
CSM "HO3'" H N N 31  
CSM "H5'"  H N N 32  
CSM "H5'A" H N N 33  
CSM "H6'"  H N N 34  
CSM "H7'"  H N N 35  
CSM "H7'A" H N N 36  
CSM "H9'"  H N N 37  
CSM "H9'A" H N N 38  
CSM "H9'B" H N N 39  
CSM HOP1   H N N 40  
CSM HOP3   H N N 41  
CSM HN3    H N N 42  
DA  OP3    O N N 43  
DA  P      P N N 44  
DA  OP1    O N N 45  
DA  OP2    O N N 46  
DA  "O5'"  O N N 47  
DA  "C5'"  C N N 48  
DA  "C4'"  C N R 49  
DA  "O4'"  O N N 50  
DA  "C3'"  C N S 51  
DA  "O3'"  O N N 52  
DA  "C2'"  C N N 53  
DA  "C1'"  C N R 54  
DA  N9     N Y N 55  
DA  C8     C Y N 56  
DA  N7     N Y N 57  
DA  C5     C Y N 58  
DA  C6     C Y N 59  
DA  N6     N N N 60  
DA  N1     N Y N 61  
DA  C2     C Y N 62  
DA  N3     N Y N 63  
DA  C4     C Y N 64  
DA  HOP3   H N N 65  
DA  HOP2   H N N 66  
DA  "H5'"  H N N 67  
DA  "H5''" H N N 68  
DA  "H4'"  H N N 69  
DA  "H3'"  H N N 70  
DA  "HO3'" H N N 71  
DA  "H2'"  H N N 72  
DA  "H2''" H N N 73  
DA  "H1'"  H N N 74  
DA  H8     H N N 75  
DA  H61    H N N 76  
DA  H62    H N N 77  
DA  H2     H N N 78  
DC  OP3    O N N 79  
DC  P      P N N 80  
DC  OP1    O N N 81  
DC  OP2    O N N 82  
DC  "O5'"  O N N 83  
DC  "C5'"  C N N 84  
DC  "C4'"  C N R 85  
DC  "O4'"  O N N 86  
DC  "C3'"  C N S 87  
DC  "O3'"  O N N 88  
DC  "C2'"  C N N 89  
DC  "C1'"  C N R 90  
DC  N1     N N N 91  
DC  C2     C N N 92  
DC  O2     O N N 93  
DC  N3     N N N 94  
DC  C4     C N N 95  
DC  N4     N N N 96  
DC  C5     C N N 97  
DC  C6     C N N 98  
DC  HOP3   H N N 99  
DC  HOP2   H N N 100 
DC  "H5'"  H N N 101 
DC  "H5''" H N N 102 
DC  "H4'"  H N N 103 
DC  "H3'"  H N N 104 
DC  "HO3'" H N N 105 
DC  "H2'"  H N N 106 
DC  "H2''" H N N 107 
DC  "H1'"  H N N 108 
DC  H41    H N N 109 
DC  H42    H N N 110 
DC  H5     H N N 111 
DC  H6     H N N 112 
DG  OP3    O N N 113 
DG  P      P N N 114 
DG  OP1    O N N 115 
DG  OP2    O N N 116 
DG  "O5'"  O N N 117 
DG  "C5'"  C N N 118 
DG  "C4'"  C N R 119 
DG  "O4'"  O N N 120 
DG  "C3'"  C N S 121 
DG  "O3'"  O N N 122 
DG  "C2'"  C N N 123 
DG  "C1'"  C N R 124 
DG  N9     N Y N 125 
DG  C8     C Y N 126 
DG  N7     N Y N 127 
DG  C5     C Y N 128 
DG  C6     C N N 129 
DG  O6     O N N 130 
DG  N1     N N N 131 
DG  C2     C N N 132 
DG  N2     N N N 133 
DG  N3     N N N 134 
DG  C4     C Y N 135 
DG  HOP3   H N N 136 
DG  HOP2   H N N 137 
DG  "H5'"  H N N 138 
DG  "H5''" H N N 139 
DG  "H4'"  H N N 140 
DG  "H3'"  H N N 141 
DG  "HO3'" H N N 142 
DG  "H2'"  H N N 143 
DG  "H2''" H N N 144 
DG  "H1'"  H N N 145 
DG  H8     H N N 146 
DG  H1     H N N 147 
DG  H21    H N N 148 
DG  H22    H N N 149 
DT  OP3    O N N 150 
DT  P      P N N 151 
DT  OP1    O N N 152 
DT  OP2    O N N 153 
DT  "O5'"  O N N 154 
DT  "C5'"  C N N 155 
DT  "C4'"  C N R 156 
DT  "O4'"  O N N 157 
DT  "C3'"  C N S 158 
DT  "O3'"  O N N 159 
DT  "C2'"  C N N 160 
DT  "C1'"  C N R 161 
DT  N1     N N N 162 
DT  C2     C N N 163 
DT  O2     O N N 164 
DT  N3     N N N 165 
DT  C4     C N N 166 
DT  O4     O N N 167 
DT  C5     C N N 168 
DT  C7     C N N 169 
DT  C6     C N N 170 
DT  HOP3   H N N 171 
DT  HOP2   H N N 172 
DT  "H5'"  H N N 173 
DT  "H5''" H N N 174 
DT  "H4'"  H N N 175 
DT  "H3'"  H N N 176 
DT  "HO3'" H N N 177 
DT  "H2'"  H N N 178 
DT  "H2''" H N N 179 
DT  "H1'"  H N N 180 
DT  H3     H N N 181 
DT  H71    H N N 182 
DT  H72    H N N 183 
DT  H73    H N N 184 
DT  H6     H N N 185 
HOH O      O N N 186 
HOH H1     H N N 187 
HOH H2     H N N 188 
# 
loop_
_chem_comp_bond.comp_id 
_chem_comp_bond.atom_id_1 
_chem_comp_bond.atom_id_2 
_chem_comp_bond.value_order 
_chem_comp_bond.pdbx_aromatic_flag 
_chem_comp_bond.pdbx_stereo_config 
_chem_comp_bond.pdbx_ordinal 
CSM OP2   P      doub N N 1   
CSM OP3   P      sing N N 2   
CSM P     OP1    sing N N 3   
CSM P     "O5'"  sing N N 4   
CSM C6    N1     sing N N 5   
CSM N1    C2     sing N N 6   
CSM N1    "C1'"  sing N N 7   
CSM N3    C2     sing N N 8   
CSM C2    O2     doub N N 9   
CSM C4    N3     sing N N 10  
CSM O4    C4     doub N N 11  
CSM C5    C4     sing N N 12  
CSM C5    C6     doub N N 13  
CSM C5    H5     sing N N 14  
CSM C6    H6     sing N N 15  
CSM "O4'" "C1'"  sing N N 16  
CSM "C1'" "C2'"  sing N N 17  
CSM "C1'" "H1'"  sing N N 18  
CSM "C3'" "C2'"  sing N N 19  
CSM "C2'" O2A    sing N N 20  
CSM "C2'" "H2'"  sing N N 21  
CSM "C6'" O2A    sing N N 22  
CSM "C4'" "C3'"  sing N N 23  
CSM "C3'" "O3'"  sing N N 24  
CSM "C3'" "H3'"  sing N N 25  
CSM "O3'" "HO3'" sing N N 26  
CSM "O4'" "C4'"  sing N N 27  
CSM "C5'" "C4'"  sing N N 28  
CSM "C4'" "C6'"  sing N N 29  
CSM "O5'" "C5'"  sing N N 30  
CSM "C5'" "H5'"  sing N N 31  
CSM "C5'" "H5'A" sing N N 32  
CSM "C6'" "C7'"  sing N N 33  
CSM "C6'" "H6'"  sing N N 34  
CSM "C7'" "O8'"  sing N N 35  
CSM "C7'" "H7'"  sing N N 36  
CSM "C7'" "H7'A" sing N N 37  
CSM "C9'" "O8'"  sing N N 38  
CSM "C9'" "H9'"  sing N N 39  
CSM "C9'" "H9'A" sing N N 40  
CSM "C9'" "H9'B" sing N N 41  
CSM OP1   HOP1   sing N N 42  
CSM OP3   HOP3   sing N N 43  
CSM N3    HN3    sing N N 44  
DA  OP3   P      sing N N 45  
DA  OP3   HOP3   sing N N 46  
DA  P     OP1    doub N N 47  
DA  P     OP2    sing N N 48  
DA  P     "O5'"  sing N N 49  
DA  OP2   HOP2   sing N N 50  
DA  "O5'" "C5'"  sing N N 51  
DA  "C5'" "C4'"  sing N N 52  
DA  "C5'" "H5'"  sing N N 53  
DA  "C5'" "H5''" sing N N 54  
DA  "C4'" "O4'"  sing N N 55  
DA  "C4'" "C3'"  sing N N 56  
DA  "C4'" "H4'"  sing N N 57  
DA  "O4'" "C1'"  sing N N 58  
DA  "C3'" "O3'"  sing N N 59  
DA  "C3'" "C2'"  sing N N 60  
DA  "C3'" "H3'"  sing N N 61  
DA  "O3'" "HO3'" sing N N 62  
DA  "C2'" "C1'"  sing N N 63  
DA  "C2'" "H2'"  sing N N 64  
DA  "C2'" "H2''" sing N N 65  
DA  "C1'" N9     sing N N 66  
DA  "C1'" "H1'"  sing N N 67  
DA  N9    C8     sing Y N 68  
DA  N9    C4     sing Y N 69  
DA  C8    N7     doub Y N 70  
DA  C8    H8     sing N N 71  
DA  N7    C5     sing Y N 72  
DA  C5    C6     sing Y N 73  
DA  C5    C4     doub Y N 74  
DA  C6    N6     sing N N 75  
DA  C6    N1     doub Y N 76  
DA  N6    H61    sing N N 77  
DA  N6    H62    sing N N 78  
DA  N1    C2     sing Y N 79  
DA  C2    N3     doub Y N 80  
DA  C2    H2     sing N N 81  
DA  N3    C4     sing Y N 82  
DC  OP3   P      sing N N 83  
DC  OP3   HOP3   sing N N 84  
DC  P     OP1    doub N N 85  
DC  P     OP2    sing N N 86  
DC  P     "O5'"  sing N N 87  
DC  OP2   HOP2   sing N N 88  
DC  "O5'" "C5'"  sing N N 89  
DC  "C5'" "C4'"  sing N N 90  
DC  "C5'" "H5'"  sing N N 91  
DC  "C5'" "H5''" sing N N 92  
DC  "C4'" "O4'"  sing N N 93  
DC  "C4'" "C3'"  sing N N 94  
DC  "C4'" "H4'"  sing N N 95  
DC  "O4'" "C1'"  sing N N 96  
DC  "C3'" "O3'"  sing N N 97  
DC  "C3'" "C2'"  sing N N 98  
DC  "C3'" "H3'"  sing N N 99  
DC  "O3'" "HO3'" sing N N 100 
DC  "C2'" "C1'"  sing N N 101 
DC  "C2'" "H2'"  sing N N 102 
DC  "C2'" "H2''" sing N N 103 
DC  "C1'" N1     sing N N 104 
DC  "C1'" "H1'"  sing N N 105 
DC  N1    C2     sing N N 106 
DC  N1    C6     sing N N 107 
DC  C2    O2     doub N N 108 
DC  C2    N3     sing N N 109 
DC  N3    C4     doub N N 110 
DC  C4    N4     sing N N 111 
DC  C4    C5     sing N N 112 
DC  N4    H41    sing N N 113 
DC  N4    H42    sing N N 114 
DC  C5    C6     doub N N 115 
DC  C5    H5     sing N N 116 
DC  C6    H6     sing N N 117 
DG  OP3   P      sing N N 118 
DG  OP3   HOP3   sing N N 119 
DG  P     OP1    doub N N 120 
DG  P     OP2    sing N N 121 
DG  P     "O5'"  sing N N 122 
DG  OP2   HOP2   sing N N 123 
DG  "O5'" "C5'"  sing N N 124 
DG  "C5'" "C4'"  sing N N 125 
DG  "C5'" "H5'"  sing N N 126 
DG  "C5'" "H5''" sing N N 127 
DG  "C4'" "O4'"  sing N N 128 
DG  "C4'" "C3'"  sing N N 129 
DG  "C4'" "H4'"  sing N N 130 
DG  "O4'" "C1'"  sing N N 131 
DG  "C3'" "O3'"  sing N N 132 
DG  "C3'" "C2'"  sing N N 133 
DG  "C3'" "H3'"  sing N N 134 
DG  "O3'" "HO3'" sing N N 135 
DG  "C2'" "C1'"  sing N N 136 
DG  "C2'" "H2'"  sing N N 137 
DG  "C2'" "H2''" sing N N 138 
DG  "C1'" N9     sing N N 139 
DG  "C1'" "H1'"  sing N N 140 
DG  N9    C8     sing Y N 141 
DG  N9    C4     sing Y N 142 
DG  C8    N7     doub Y N 143 
DG  C8    H8     sing N N 144 
DG  N7    C5     sing Y N 145 
DG  C5    C6     sing N N 146 
DG  C5    C4     doub Y N 147 
DG  C6    O6     doub N N 148 
DG  C6    N1     sing N N 149 
DG  N1    C2     sing N N 150 
DG  N1    H1     sing N N 151 
DG  C2    N2     sing N N 152 
DG  C2    N3     doub N N 153 
DG  N2    H21    sing N N 154 
DG  N2    H22    sing N N 155 
DG  N3    C4     sing N N 156 
DT  OP3   P      sing N N 157 
DT  OP3   HOP3   sing N N 158 
DT  P     OP1    doub N N 159 
DT  P     OP2    sing N N 160 
DT  P     "O5'"  sing N N 161 
DT  OP2   HOP2   sing N N 162 
DT  "O5'" "C5'"  sing N N 163 
DT  "C5'" "C4'"  sing N N 164 
DT  "C5'" "H5'"  sing N N 165 
DT  "C5'" "H5''" sing N N 166 
DT  "C4'" "O4'"  sing N N 167 
DT  "C4'" "C3'"  sing N N 168 
DT  "C4'" "H4'"  sing N N 169 
DT  "O4'" "C1'"  sing N N 170 
DT  "C3'" "O3'"  sing N N 171 
DT  "C3'" "C2'"  sing N N 172 
DT  "C3'" "H3'"  sing N N 173 
DT  "O3'" "HO3'" sing N N 174 
DT  "C2'" "C1'"  sing N N 175 
DT  "C2'" "H2'"  sing N N 176 
DT  "C2'" "H2''" sing N N 177 
DT  "C1'" N1     sing N N 178 
DT  "C1'" "H1'"  sing N N 179 
DT  N1    C2     sing N N 180 
DT  N1    C6     sing N N 181 
DT  C2    O2     doub N N 182 
DT  C2    N3     sing N N 183 
DT  N3    C4     sing N N 184 
DT  N3    H3     sing N N 185 
DT  C4    O4     doub N N 186 
DT  C4    C5     sing N N 187 
DT  C5    C7     sing N N 188 
DT  C5    C6     doub N N 189 
DT  C7    H71    sing N N 190 
DT  C7    H72    sing N N 191 
DT  C7    H73    sing N N 192 
DT  C6    H6     sing N N 193 
HOH O     H1     sing N N 194 
HOH O     H2     sing N N 195 
# 
loop_
_ndb_struct_conf_na.entry_id 
_ndb_struct_conf_na.feature 
3UKE 'a-form double helix' 
3UKE 'internal loop'       
# 
loop_
_ndb_struct_na_base_pair.model_number 
_ndb_struct_na_base_pair.i_label_asym_id 
_ndb_struct_na_base_pair.i_label_comp_id 
_ndb_struct_na_base_pair.i_label_seq_id 
_ndb_struct_na_base_pair.i_symmetry 
_ndb_struct_na_base_pair.j_label_asym_id 
_ndb_struct_na_base_pair.j_label_comp_id 
_ndb_struct_na_base_pair.j_label_seq_id 
_ndb_struct_na_base_pair.j_symmetry 
_ndb_struct_na_base_pair.shear 
_ndb_struct_na_base_pair.stretch 
_ndb_struct_na_base_pair.stagger 
_ndb_struct_na_base_pair.buckle 
_ndb_struct_na_base_pair.propeller 
_ndb_struct_na_base_pair.opening 
_ndb_struct_na_base_pair.pair_number 
_ndb_struct_na_base_pair.pair_name 
_ndb_struct_na_base_pair.i_auth_asym_id 
_ndb_struct_na_base_pair.i_auth_seq_id 
_ndb_struct_na_base_pair.i_PDB_ins_code 
_ndb_struct_na_base_pair.j_auth_asym_id 
_ndb_struct_na_base_pair.j_auth_seq_id 
_ndb_struct_na_base_pair.j_PDB_ins_code 
_ndb_struct_na_base_pair.hbond_type_28 
_ndb_struct_na_base_pair.hbond_type_12 
1 A DG 1  1_555 B DC 10 1_555 -0.245 -0.151 0.164  2.806  -6.782  -0.636 1 A_DG1:DC10_B A 1  ? B 10 ? 19 1 
1 A DC 2  1_555 B DG 9  1_555 0.123  -0.088 0.111  5.331  -14.339 1.882  2 A_DC2:DG9_B  A 2  ? B 9  ? 19 1 
1 A DG 3  1_555 B DC 8  1_555 -0.233 -0.121 0.239  -5.899 -17.433 0.800  3 A_DG3:DC8_B  A 3  ? B 8  ? 19 1 
1 A DT 4  1_555 B DA 7  1_555 -0.123 -0.138 0.078  -4.707 -18.889 0.229  4 A_DT4:DA7_B  A 4  ? B 7  ? 20 1 
1 A DA 7  1_555 B DT 4  1_555 0.007  -0.186 0.033  4.503  -14.981 0.355  5 A_DA7:DT4_B  A 7  ? B 4  ? 20 1 
1 A DC 8  1_555 B DG 3  1_555 0.249  -0.197 -0.037 8.292  -15.404 0.937  6 A_DC8:DG3_B  A 8  ? B 3  ? 19 1 
1 A DG 9  1_555 B DC 2  1_555 -0.239 -0.172 -0.135 -5.368 -10.185 -0.946 7 A_DG9:DC2_B  A 9  ? B 2  ? 19 1 
1 A DC 10 1_555 B DG 1  1_555 0.132  -0.177 0.172  -4.681 3.650   -0.984 8 A_DC10:DG1_B A 10 ? B 1  ? 19 1 
# 
loop_
_ndb_struct_na_base_pair_step.model_number 
_ndb_struct_na_base_pair_step.i_label_asym_id_1 
_ndb_struct_na_base_pair_step.i_label_comp_id_1 
_ndb_struct_na_base_pair_step.i_label_seq_id_1 
_ndb_struct_na_base_pair_step.i_symmetry_1 
_ndb_struct_na_base_pair_step.j_label_asym_id_1 
_ndb_struct_na_base_pair_step.j_label_comp_id_1 
_ndb_struct_na_base_pair_step.j_label_seq_id_1 
_ndb_struct_na_base_pair_step.j_symmetry_1 
_ndb_struct_na_base_pair_step.i_label_asym_id_2 
_ndb_struct_na_base_pair_step.i_label_comp_id_2 
_ndb_struct_na_base_pair_step.i_label_seq_id_2 
_ndb_struct_na_base_pair_step.i_symmetry_2 
_ndb_struct_na_base_pair_step.j_label_asym_id_2 
_ndb_struct_na_base_pair_step.j_label_comp_id_2 
_ndb_struct_na_base_pair_step.j_label_seq_id_2 
_ndb_struct_na_base_pair_step.j_symmetry_2 
_ndb_struct_na_base_pair_step.shift 
_ndb_struct_na_base_pair_step.slide 
_ndb_struct_na_base_pair_step.rise 
_ndb_struct_na_base_pair_step.tilt 
_ndb_struct_na_base_pair_step.roll 
_ndb_struct_na_base_pair_step.twist 
_ndb_struct_na_base_pair_step.x_displacement 
_ndb_struct_na_base_pair_step.y_displacement 
_ndb_struct_na_base_pair_step.helical_rise 
_ndb_struct_na_base_pair_step.inclination 
_ndb_struct_na_base_pair_step.tip 
_ndb_struct_na_base_pair_step.helical_twist 
_ndb_struct_na_base_pair_step.step_number 
_ndb_struct_na_base_pair_step.step_name 
_ndb_struct_na_base_pair_step.i_auth_asym_id_1 
_ndb_struct_na_base_pair_step.i_auth_seq_id_1 
_ndb_struct_na_base_pair_step.i_PDB_ins_code_1 
_ndb_struct_na_base_pair_step.j_auth_asym_id_1 
_ndb_struct_na_base_pair_step.j_auth_seq_id_1 
_ndb_struct_na_base_pair_step.j_PDB_ins_code_1 
_ndb_struct_na_base_pair_step.i_auth_asym_id_2 
_ndb_struct_na_base_pair_step.i_auth_seq_id_2 
_ndb_struct_na_base_pair_step.i_PDB_ins_code_2 
_ndb_struct_na_base_pair_step.j_auth_asym_id_2 
_ndb_struct_na_base_pair_step.j_auth_seq_id_2 
_ndb_struct_na_base_pair_step.j_PDB_ins_code_2 
1 A DG 1 1_555 B DC 10 1_555 A DC 2  1_555 B DG 9 1_555 0.426  -1.423 3.237 1.826  -0.109 37.535 -2.196 -0.426 3.257 -0.170 -2.835 
37.578 1 AA_DG1DC2:DG9DC10_BB A 1 ? B 10 ? A 2  ? B 9 ? 
1 A DC 2 1_555 B DG 9  1_555 A DG 3  1_555 B DC 8 1_555 0.152  -2.154 3.332 -0.641 11.169 26.513 -6.573 -0.435 2.253 23.091 1.326  
28.738 2 AA_DC2DG3:DC8DG9_BB  A 2 ? B 9  ? A 3  ? B 8 ? 
1 A DG 3 1_555 B DC 8  1_555 A DT 4  1_555 B DA 7 1_555 -1.172 -1.520 3.139 -1.533 3.590  36.168 -2.908 1.676  3.025 5.761  2.461  
36.371 3 AA_DG3DT4:DA7DC8_BB  A 3 ? B 8  ? A 4  ? B 7 ? 
1 A DA 7 1_555 B DT 4  1_555 A DC 8  1_555 B DG 3 1_555 0.208  -1.596 3.240 0.083  4.299  32.697 -3.513 -0.353 3.012 7.595  -0.147 
32.971 4 AA_DA7DC8:DG3DT4_BB  A 7 ? B 4  ? A 8  ? B 3 ? 
1 A DC 8 1_555 B DG 3  1_555 A DG 9  1_555 B DC 2 1_555 -0.448 -1.890 3.478 0.296  12.714 29.231 -5.651 0.868  2.459 23.822 -0.554 
31.823 5 AA_DC8DG9:DC2DG3_BB  A 8 ? B 3  ? A 9  ? B 2 ? 
1 A DG 9 1_555 B DC 2  1_555 A DC 10 1_555 B DG 1 1_555 0.223  -1.681 3.393 -0.833 1.296  35.644 -2.936 -0.488 3.326 2.116  1.359  
35.677 6 AA_DG9DC10:DG1DC2_BB A 9 ? B 2  ? A 10 ? B 1 ? 
# 
_pdbx_entity_nonpoly.entity_id   2 
_pdbx_entity_nonpoly.name        water 
_pdbx_entity_nonpoly.comp_id     HOH 
# 
_pdbx_initial_refinement_model.id               1 
_pdbx_initial_refinement_model.entity_id_list   ? 
_pdbx_initial_refinement_model.type             'experimental model' 
_pdbx_initial_refinement_model.source_name      PDB 
_pdbx_initial_refinement_model.accession_code   3EY2 
_pdbx_initial_refinement_model.details          'PDB entry 3EY2' 
# 
